data_5HS3
#
_entry.id   5HS3
#
_cell.length_a   108.202
_cell.length_b   108.202
_cell.length_c   313.931
_cell.angle_alpha   90.00
_cell.angle_beta   90.00
_cell.angle_gamma   90.00
#
_symmetry.space_group_name_H-M   'P 43 21 2'
#
loop_
_entity.id
_entity.type
_entity.pdbx_description
1 polymer 'Thymidylate synthase'
2 non-polymer "2'-DEOXYURIDINE 5'-MONOPHOSPHATE"
3 non-polymer 3-amino-2-benzoyl-4-methylthieno[2,3-b]pyridin-6-ol
4 water water
#
_entity_poly.entity_id   1
_entity_poly.type   'polypeptide(L)'
_entity_poly.pdbx_seq_one_letter_code
;MPPHGELQYLGQIQHILRCGVRKDDRTGTGTLSVFGMQARYSLRDEFPLLTTKRVFWKGVLEELLWFIKGSTNAKELSSK
GVKIWDANGSRDFLDSLGFSTREEGDLGPVYGFQWRHFGAEYRDMESDYSGQGVDQLQRVIDTIKTNPDDRRIIMCAWNP
RDLPLMALPPCHALCQFYVVNSELSCQLYQRSGDMGLGVPFNIASYALLTYMIAHITGLKPGDFIHTLGDAHIYLNHIEP
LKIQLQREPRPFPKLRILRKVEKIDDFKAEDFQIEGYNPHPTIKMEMAV
;
_entity_poly.pdbx_strand_id   A,B,C,D,E,F
#
loop_
_chem_comp.id
_chem_comp.type
_chem_comp.name
_chem_comp.formula
KI3 non-polymer 3-amino-2-benzoyl-4-methylthieno[2,3-b]pyridin-6-ol 'C15 H12 N2 O2 S'
UMP non-polymer '2'-DEOXYURIDINE 5'-MONOPHOSPHATE' 'C9 H13 N2 O8 P'
#
# COMPACT_ATOMS: atom_id res chain seq x y z
N MET A 1 2.83 -10.35 49.82
CA MET A 1 3.23 -9.27 48.92
C MET A 1 2.02 -8.56 48.35
N PRO A 2 2.23 -7.45 47.63
CA PRO A 2 1.08 -6.77 47.03
C PRO A 2 0.52 -7.60 45.90
N PRO A 3 -0.74 -7.38 45.53
CA PRO A 3 -1.24 -8.17 44.40
C PRO A 3 -0.61 -7.76 43.09
N HIS A 4 -0.85 -8.55 42.05
CA HIS A 4 -0.35 -8.27 40.73
C HIS A 4 -1.13 -7.15 40.09
N GLY A 5 -0.41 -6.26 39.42
CA GLY A 5 -1.04 -5.10 38.85
C GLY A 5 -2.07 -5.46 37.80
N GLU A 6 -1.76 -6.49 37.02
CA GLU A 6 -2.58 -6.87 35.89
C GLU A 6 -4.00 -7.21 36.33
N LEU A 7 -4.18 -7.47 37.62
CA LEU A 7 -5.47 -7.88 38.11
C LEU A 7 -6.43 -6.70 38.18
N GLN A 8 -5.90 -5.50 37.97
CA GLN A 8 -6.76 -4.35 37.82
C GLN A 8 -7.61 -4.53 36.58
N TYR A 9 -6.92 -4.80 35.48
CA TYR A 9 -7.55 -4.93 34.18
C TYR A 9 -8.44 -6.13 34.14
N LEU A 10 -7.90 -7.28 34.52
CA LEU A 10 -8.66 -8.51 34.52
C LEU A 10 -9.93 -8.40 35.33
N GLY A 11 -9.86 -7.76 36.49
CA GLY A 11 -11.06 -7.53 37.27
C GLY A 11 -12.07 -6.68 36.55
N GLN A 12 -11.59 -5.71 35.80
CA GLN A 12 -12.47 -4.86 35.04
C GLN A 12 -13.20 -5.64 34.01
N ILE A 13 -12.47 -6.41 33.22
CA ILE A 13 -13.09 -7.31 32.27
C ILE A 13 -14.21 -8.08 32.94
N GLN A 14 -13.90 -8.75 34.03
CA GLN A 14 -14.90 -9.55 34.69
C GLN A 14 -16.07 -8.76 35.20
N HIS A 15 -15.86 -7.53 35.58
CA HIS A 15 -16.99 -6.71 35.97
C HIS A 15 -17.93 -6.49 34.81
N ILE A 16 -17.38 -6.15 33.66
CA ILE A 16 -18.17 -5.91 32.50
C ILE A 16 -18.93 -7.13 32.00
N LEU A 17 -18.35 -8.31 32.16
CA LEU A 17 -19.03 -9.54 31.76
C LEU A 17 -20.18 -9.86 32.69
N ARG A 18 -20.00 -9.62 33.97
CA ARG A 18 -21.05 -9.90 34.93
C ARG A 18 -22.09 -8.78 34.99
N CYS A 19 -21.62 -7.54 35.05
CA CYS A 19 -22.50 -6.40 35.24
C CYS A 19 -22.67 -5.53 33.99
N GLY A 20 -22.05 -5.94 32.89
CA GLY A 20 -22.24 -5.27 31.63
C GLY A 20 -23.68 -5.15 31.21
N VAL A 21 -23.90 -4.50 30.08
CA VAL A 21 -25.24 -4.20 29.56
C VAL A 21 -25.15 -4.10 28.06
N ARG A 22 -26.13 -4.63 27.35
CA ARG A 22 -26.01 -4.76 25.91
C ARG A 22 -26.48 -3.55 25.13
N LYS A 23 -25.53 -2.78 24.61
CA LYS A 23 -25.81 -1.70 23.68
C LYS A 23 -25.47 -2.19 22.28
N ASP A 24 -26.15 -1.66 21.26
CA ASP A 24 -25.79 -1.93 19.87
C ASP A 24 -24.85 -0.83 19.43
N ASP A 25 -24.47 -0.82 18.16
CA ASP A 25 -23.56 0.22 17.69
C ASP A 25 -23.27 0.11 16.21
N ARG A 26 -22.40 1.00 15.74
CA ARG A 26 -22.14 1.17 14.32
C ARG A 26 -21.79 -0.14 13.63
N THR A 27 -20.73 -0.77 14.11
CA THR A 27 -20.16 -1.95 13.47
C THR A 27 -21.19 -3.03 13.23
N GLY A 28 -22.23 -3.07 14.05
CA GLY A 28 -23.25 -4.09 13.93
C GLY A 28 -22.86 -5.28 14.78
N THR A 29 -21.82 -5.09 15.58
CA THR A 29 -21.33 -6.14 16.44
C THR A 29 -22.14 -6.24 17.71
N GLY A 30 -22.32 -5.12 18.39
CA GLY A 30 -22.92 -5.12 19.70
C GLY A 30 -21.86 -5.15 20.77
N THR A 31 -22.22 -4.74 21.98
CA THR A 31 -21.28 -4.67 23.07
C THR A 31 -21.93 -4.99 24.39
N LEU A 32 -21.09 -5.29 25.37
CA LEU A 32 -21.46 -5.23 26.77
C LEU A 32 -20.76 -4.01 27.31
N SER A 33 -21.46 -3.05 27.88
CA SER A 33 -20.73 -1.87 28.30
C SER A 33 -20.98 -1.43 29.72
N VAL A 34 -20.03 -0.67 30.24
CA VAL A 34 -20.09 -0.10 31.57
C VAL A 34 -19.59 1.32 31.49
N PHE A 35 -20.20 2.23 32.22
CA PHE A 35 -19.80 3.63 32.13
C PHE A 35 -19.18 4.15 33.41
N GLY A 36 -17.89 4.45 33.35
CA GLY A 36 -17.13 4.87 34.51
C GLY A 36 -16.37 3.75 35.18
N MET A 37 -15.06 3.70 34.94
CA MET A 37 -14.19 2.74 35.59
C MET A 37 -12.85 3.41 35.85
N GLN A 38 -12.01 2.79 36.66
CA GLN A 38 -10.70 3.34 36.98
C GLN A 38 -9.75 2.31 37.56
N ALA A 39 -8.48 2.40 37.17
CA ALA A 39 -7.49 1.46 37.66
C ALA A 39 -6.21 2.18 37.97
N ARG A 40 -5.41 1.64 38.89
CA ARG A 40 -4.12 2.22 39.20
C ARG A 40 -3.08 1.22 38.86
N TYR A 41 -2.01 1.66 38.20
CA TYR A 41 -0.91 0.79 37.83
C TYR A 41 0.43 1.36 38.24
N SER A 42 1.03 0.80 39.28
CA SER A 42 2.34 1.26 39.70
C SER A 42 3.34 1.06 38.58
N LEU A 43 4.25 2.02 38.46
CA LEU A 43 5.27 2.00 37.44
C LEU A 43 6.65 1.83 38.02
N ARG A 44 6.75 1.31 39.23
CA ARG A 44 8.03 1.23 39.91
C ARG A 44 8.23 -0.10 40.57
N ASP A 45 9.14 -0.94 40.08
CA ASP A 45 9.91 -0.68 38.88
C ASP A 45 9.31 -1.39 37.68
N GLU A 46 8.27 -2.17 37.93
CA GLU A 46 7.57 -2.86 36.87
C GLU A 46 7.09 -1.93 35.77
N PHE A 47 6.74 -2.53 34.65
CA PHE A 47 6.14 -1.79 33.55
C PHE A 47 4.93 -2.51 33.00
N PRO A 48 3.74 -2.01 33.33
CA PRO A 48 2.43 -2.60 33.08
C PRO A 48 2.14 -2.93 31.64
N LEU A 49 3.00 -3.72 31.02
CA LEU A 49 2.69 -4.34 29.74
C LEU A 49 2.07 -5.67 30.06
N LEU A 50 0.84 -5.90 29.60
CA LEU A 50 0.07 -7.04 30.04
C LEU A 50 0.70 -8.36 29.62
N THR A 51 0.34 -9.43 30.35
CA THR A 51 1.01 -10.71 30.21
C THR A 51 0.05 -11.80 29.82
N THR A 52 -1.20 -11.67 30.24
CA THR A 52 -2.16 -12.73 29.98
C THR A 52 -2.49 -12.74 28.52
N LYS A 53 -1.94 -11.77 27.79
CA LYS A 53 -2.04 -11.73 26.34
C LYS A 53 -0.90 -10.91 25.81
N ARG A 54 -0.26 -11.38 24.77
CA ARG A 54 0.86 -10.66 24.19
C ARG A 54 0.40 -9.35 23.59
N VAL A 55 0.98 -8.24 24.06
CA VAL A 55 0.67 -6.92 23.53
C VAL A 55 1.64 -6.48 22.46
N PHE A 56 1.16 -5.70 21.52
CA PHE A 56 1.97 -5.26 20.42
C PHE A 56 2.96 -4.20 20.85
N TRP A 57 3.98 -4.59 21.57
CA TRP A 57 4.98 -3.65 22.03
C TRP A 57 5.67 -2.86 20.91
N LYS A 58 5.82 -3.48 19.75
CA LYS A 58 6.49 -2.79 18.66
C LYS A 58 5.69 -1.58 18.24
N GLY A 59 4.38 -1.77 18.17
CA GLY A 59 3.52 -0.74 17.67
C GLY A 59 3.28 0.30 18.72
N VAL A 60 3.35 -0.14 19.96
CA VAL A 60 3.15 0.75 21.07
C VAL A 60 4.22 1.78 21.06
N LEU A 61 5.45 1.35 20.89
CA LEU A 61 6.60 2.22 20.95
C LEU A 61 6.68 3.12 19.74
N GLU A 62 6.54 2.52 18.57
CA GLU A 62 6.68 3.25 17.34
C GLU A 62 5.55 4.25 17.15
N GLU A 63 4.37 3.96 17.68
CA GLU A 63 3.25 4.88 17.51
C GLU A 63 3.44 6.09 18.39
N LEU A 64 3.87 5.86 19.61
CA LEU A 64 4.21 6.93 20.51
C LEU A 64 5.19 7.91 19.89
N LEU A 65 6.31 7.38 19.42
CA LEU A 65 7.32 8.20 18.77
C LEU A 65 6.74 8.92 17.58
N TRP A 66 5.72 8.32 17.00
CA TRP A 66 5.06 8.88 15.82
C TRP A 66 4.16 10.00 16.25
N PHE A 67 3.74 9.95 17.50
CA PHE A 67 2.98 11.04 18.09
C PHE A 67 3.87 12.24 18.36
N ILE A 68 4.98 11.99 19.02
CA ILE A 68 5.84 13.07 19.44
C ILE A 68 6.41 13.87 18.28
N LYS A 69 6.48 13.27 17.10
CA LYS A 69 6.88 14.03 15.92
C LYS A 69 5.80 15.02 15.58
N GLY A 70 4.57 14.66 15.90
CA GLY A 70 3.45 15.47 15.55
C GLY A 70 2.83 14.95 14.28
N SER A 71 2.97 13.65 14.05
CA SER A 71 2.51 13.02 12.81
C SER A 71 1.02 12.67 12.82
N THR A 72 0.32 12.99 11.74
CA THR A 72 -1.00 12.45 11.52
C THR A 72 -1.03 11.66 10.23
N ASN A 73 0.07 11.00 9.91
CA ASN A 73 0.20 10.29 8.66
C ASN A 73 0.19 8.82 8.91
N ALA A 74 -0.89 8.16 8.55
CA ALA A 74 -1.05 6.78 8.90
C ALA A 74 -0.12 5.93 8.10
N LYS A 75 0.36 6.44 6.98
CA LYS A 75 1.15 5.61 6.11
C LYS A 75 2.61 5.76 6.47
N GLU A 76 2.95 6.85 7.14
CA GLU A 76 4.30 7.00 7.64
C GLU A 76 4.54 6.00 8.73
N LEU A 77 3.55 5.79 9.58
CA LEU A 77 3.63 4.78 10.61
C LEU A 77 3.56 3.39 10.02
N SER A 78 2.55 3.17 9.21
CA SER A 78 2.29 1.89 8.57
C SER A 78 3.48 1.31 7.87
N SER A 79 4.39 2.18 7.47
CA SER A 79 5.61 1.79 6.80
C SER A 79 6.53 1.06 7.75
N LYS A 80 6.52 1.48 9.00
CA LYS A 80 7.32 0.84 10.03
C LYS A 80 6.82 -0.55 10.37
N GLY A 81 5.73 -0.98 9.75
CA GLY A 81 5.19 -2.29 9.99
C GLY A 81 4.08 -2.28 11.01
N VAL A 82 3.53 -1.10 11.26
CA VAL A 82 2.53 -0.90 12.29
C VAL A 82 1.22 -0.44 11.70
N LYS A 83 0.32 -1.38 11.48
CA LYS A 83 -0.86 -1.11 10.69
C LYS A 83 -2.10 -0.80 11.52
N ILE A 84 -1.90 -0.40 12.75
CA ILE A 84 -3.00 -0.19 13.66
C ILE A 84 -3.97 0.88 13.18
N TRP A 85 -3.46 1.87 12.46
CA TRP A 85 -4.27 3.00 12.05
C TRP A 85 -4.61 3.02 10.56
N ASP A 86 -4.32 1.93 9.87
CA ASP A 86 -4.49 1.93 8.42
C ASP A 86 -5.94 1.75 8.04
N ALA A 87 -6.63 0.95 8.85
CA ALA A 87 -8.05 0.75 8.67
C ALA A 87 -8.77 2.08 8.61
N ASN A 88 -8.36 3.01 9.46
CA ASN A 88 -8.99 4.33 9.50
C ASN A 88 -8.37 5.32 8.53
N GLY A 89 -7.27 4.97 7.89
CA GLY A 89 -6.66 5.92 6.99
C GLY A 89 -6.85 5.51 5.55
N SER A 90 -7.32 4.29 5.36
CA SER A 90 -7.57 3.78 4.03
C SER A 90 -8.45 4.69 3.20
N ARG A 91 -8.16 4.82 1.91
CA ARG A 91 -9.08 5.45 0.96
C ARG A 91 -10.53 5.09 1.26
N ASP A 92 -10.79 3.80 1.44
CA ASP A 92 -12.13 3.31 1.70
C ASP A 92 -12.81 4.05 2.84
N PHE A 93 -12.17 4.03 4.01
CA PHE A 93 -12.76 4.58 5.22
C PHE A 93 -12.95 6.06 5.12
N LEU A 94 -11.91 6.76 4.71
CA LEU A 94 -12.01 8.18 4.46
C LEU A 94 -13.24 8.53 3.64
N ASP A 95 -13.27 8.07 2.39
CA ASP A 95 -14.40 8.32 1.50
C ASP A 95 -15.74 8.21 2.17
N SER A 96 -15.95 7.15 2.93
CA SER A 96 -17.22 6.99 3.60
C SER A 96 -17.47 8.11 4.60
N LEU A 97 -16.47 8.95 4.80
CA LEU A 97 -16.58 10.02 5.77
C LEU A 97 -16.79 11.37 5.09
N GLY A 98 -16.58 11.41 3.79
CA GLY A 98 -16.77 12.64 3.04
C GLY A 98 -15.47 13.22 2.58
N PHE A 99 -14.37 12.58 3.01
CA PHE A 99 -13.04 13.08 2.73
C PHE A 99 -12.60 12.57 1.39
N SER A 100 -13.39 12.87 0.38
CA SER A 100 -13.17 12.33 -0.94
C SER A 100 -11.85 12.81 -1.52
N THR A 101 -11.42 14.00 -1.15
CA THR A 101 -10.21 14.55 -1.74
C THR A 101 -9.04 14.60 -0.77
N ARG A 102 -8.99 13.64 0.14
CA ARG A 102 -7.93 13.60 1.12
C ARG A 102 -7.00 12.46 0.79
N GLU A 103 -5.71 12.62 1.09
CA GLU A 103 -4.74 11.62 0.70
C GLU A 103 -4.84 10.39 1.59
N GLU A 104 -4.70 9.22 0.98
CA GLU A 104 -4.79 7.96 1.71
C GLU A 104 -3.74 7.91 2.80
N GLY A 105 -4.19 7.89 4.04
CA GLY A 105 -3.30 7.88 5.20
C GLY A 105 -3.51 9.07 6.11
N ASP A 106 -4.26 10.06 5.64
CA ASP A 106 -4.41 11.32 6.33
C ASP A 106 -5.45 11.22 7.39
N LEU A 107 -4.99 11.11 8.63
CA LEU A 107 -5.88 10.87 9.74
C LEU A 107 -6.60 12.13 10.19
N GLY A 108 -6.20 13.27 9.67
CA GLY A 108 -6.77 14.52 10.13
C GLY A 108 -6.05 14.95 11.37
N PRO A 109 -6.55 15.98 12.04
CA PRO A 109 -5.88 16.63 13.15
C PRO A 109 -6.02 15.90 14.48
N VAL A 110 -5.58 14.66 14.54
CA VAL A 110 -5.72 13.87 15.73
C VAL A 110 -4.50 14.04 16.63
N TYR A 111 -4.15 13.01 17.39
CA TYR A 111 -3.13 13.10 18.43
C TYR A 111 -1.88 13.90 18.06
N GLY A 112 -1.12 13.44 17.07
CA GLY A 112 0.10 14.12 16.72
C GLY A 112 -0.03 15.61 16.57
N PHE A 113 -1.15 16.07 16.03
CA PHE A 113 -1.36 17.49 15.73
C PHE A 113 -1.82 18.30 16.92
N GLN A 114 -2.59 17.70 17.79
CA GLN A 114 -3.13 18.41 18.93
C GLN A 114 -2.09 18.53 20.03
N TRP A 115 -1.18 17.59 20.08
CA TRP A 115 -0.20 17.53 21.14
C TRP A 115 0.88 18.55 20.95
N ARG A 116 0.98 19.11 19.77
CA ARG A 116 2.07 20.01 19.48
C ARG A 116 1.63 21.24 18.70
N HIS A 117 0.46 21.19 18.08
CA HIS A 117 -0.02 22.32 17.31
C HIS A 117 -1.48 22.60 17.54
N PHE A 118 -1.91 22.50 18.79
CA PHE A 118 -3.29 22.75 19.14
C PHE A 118 -3.75 24.13 18.67
N GLY A 119 -4.91 24.19 18.06
CA GLY A 119 -5.46 25.47 17.68
C GLY A 119 -5.05 25.89 16.30
N ALA A 120 -3.93 25.37 15.84
CA ALA A 120 -3.48 25.66 14.48
C ALA A 120 -4.56 25.28 13.49
N GLU A 121 -4.61 26.00 12.37
CA GLU A 121 -5.53 25.62 11.31
C GLU A 121 -4.92 24.48 10.53
N TYR A 122 -5.64 23.37 10.45
CA TYR A 122 -5.12 22.14 9.85
C TYR A 122 -5.42 22.08 8.39
N ARG A 123 -4.39 22.13 7.56
CA ARG A 123 -4.55 21.98 6.11
C ARG A 123 -4.44 20.50 5.70
N ASP A 124 -3.23 19.96 5.62
CA ASP A 124 -3.11 18.54 5.31
C ASP A 124 -1.92 17.92 6.01
N MET A 125 -1.84 16.60 5.98
CA MET A 125 -0.90 15.87 6.81
C MET A 125 0.56 16.12 6.44
N GLU A 126 0.80 17.00 5.49
CA GLU A 126 2.17 17.24 5.04
C GLU A 126 2.56 18.69 5.08
N SER A 127 1.66 19.54 5.57
CA SER A 127 1.87 20.97 5.56
C SER A 127 2.80 21.43 6.68
N ASP A 128 3.37 22.61 6.53
CA ASP A 128 4.25 23.12 7.57
C ASP A 128 3.45 23.79 8.64
N TYR A 129 3.71 23.41 9.88
CA TYR A 129 2.94 23.88 11.02
C TYR A 129 3.82 24.52 12.07
N SER A 130 5.13 24.44 11.86
CA SER A 130 6.10 24.87 12.86
C SER A 130 5.84 26.27 13.35
N GLY A 131 5.74 26.40 14.67
CA GLY A 131 5.47 27.69 15.28
C GLY A 131 4.00 27.94 15.51
N GLN A 132 3.16 27.23 14.75
CA GLN A 132 1.72 27.42 14.82
C GLN A 132 1.11 26.59 15.93
N GLY A 133 0.13 27.16 16.62
CA GLY A 133 -0.63 26.44 17.63
C GLY A 133 0.11 26.30 18.94
N VAL A 134 -0.54 25.65 19.90
CA VAL A 134 0.05 25.41 21.21
C VAL A 134 0.75 24.06 21.28
N ASP A 135 1.93 24.04 21.87
CA ASP A 135 2.75 22.85 21.99
C ASP A 135 2.55 22.23 23.34
N GLN A 136 1.43 21.56 23.53
CA GLN A 136 1.06 21.08 24.83
C GLN A 136 2.13 20.24 25.45
N LEU A 137 2.90 19.55 24.63
CA LEU A 137 3.87 18.59 25.15
C LEU A 137 5.02 19.28 25.82
N GLN A 138 5.58 20.30 25.20
CA GLN A 138 6.74 20.91 25.80
C GLN A 138 6.30 21.78 26.95
N ARG A 139 5.17 22.44 26.79
CA ARG A 139 4.64 23.25 27.86
C ARG A 139 4.47 22.36 29.07
N VAL A 140 4.18 21.09 28.83
CA VAL A 140 4.04 20.15 29.92
C VAL A 140 5.36 19.84 30.51
N ILE A 141 6.24 19.33 29.67
CA ILE A 141 7.59 19.01 30.07
C ILE A 141 8.23 20.11 30.86
N ASP A 142 8.21 21.31 30.32
CA ASP A 142 8.86 22.45 30.94
C ASP A 142 8.27 22.74 32.30
N THR A 143 6.98 22.53 32.44
CA THR A 143 6.32 22.79 33.70
C THR A 143 6.77 21.84 34.79
N ILE A 144 6.85 20.57 34.48
CA ILE A 144 7.27 19.59 35.46
C ILE A 144 8.67 19.85 35.96
N LYS A 145 9.42 20.65 35.22
CA LYS A 145 10.79 20.94 35.53
C LYS A 145 10.88 22.07 36.53
N THR A 146 10.00 23.04 36.36
CA THR A 146 10.10 24.28 37.12
C THR A 146 8.92 24.57 38.03
N ASN A 147 7.92 23.70 38.03
CA ASN A 147 6.79 23.88 38.90
C ASN A 147 6.05 22.57 39.09
N PRO A 148 6.73 21.60 39.71
CA PRO A 148 6.25 20.24 39.99
C PRO A 148 4.92 20.20 40.71
N ASP A 149 4.58 21.28 41.40
CA ASP A 149 3.42 21.28 42.26
C ASP A 149 2.16 21.65 41.51
N ASP A 150 2.32 22.01 40.23
CA ASP A 150 1.21 22.49 39.43
C ASP A 150 0.11 21.47 39.27
N ARG A 151 -1.12 21.87 39.56
CA ARG A 151 -2.27 20.99 39.41
C ARG A 151 -2.89 21.13 38.04
N ARG A 152 -2.16 21.75 37.14
CA ARG A 152 -2.71 22.12 35.85
C ARG A 152 -1.99 21.48 34.69
N ILE A 153 -1.17 20.48 34.97
CA ILE A 153 -0.31 19.95 33.94
C ILE A 153 -1.06 19.00 33.05
N ILE A 154 -1.45 19.49 31.90
CA ILE A 154 -2.44 18.82 31.11
C ILE A 154 -2.19 18.86 29.63
N MET A 155 -2.35 17.71 28.99
CA MET A 155 -2.42 17.62 27.54
C MET A 155 -3.82 17.27 27.14
N CYS A 156 -4.37 18.01 26.20
CA CYS A 156 -5.72 17.74 25.75
C CYS A 156 -5.78 17.43 24.25
N ALA A 157 -6.37 16.30 23.90
CA ALA A 157 -6.48 15.97 22.51
C ALA A 157 -7.85 16.37 21.99
N TRP A 158 -8.84 16.46 22.86
CA TRP A 158 -10.17 16.79 22.42
C TRP A 158 -10.30 18.23 21.94
N ASN A 159 -10.43 18.40 20.64
CA ASN A 159 -10.66 19.71 20.09
C ASN A 159 -11.98 19.68 19.35
N PRO A 160 -13.02 20.22 19.96
CA PRO A 160 -14.31 20.32 19.31
C PRO A 160 -14.24 20.98 17.93
N ARG A 161 -13.43 22.01 17.78
CA ARG A 161 -13.37 22.74 16.53
C ARG A 161 -12.83 21.90 15.39
N ASP A 162 -11.84 21.07 15.68
CA ASP A 162 -11.20 20.25 14.66
C ASP A 162 -11.91 18.94 14.39
N LEU A 163 -12.99 18.67 15.11
CA LEU A 163 -13.60 17.36 15.10
C LEU A 163 -13.95 16.85 13.70
N PRO A 164 -14.76 17.61 12.95
CA PRO A 164 -15.21 17.30 11.60
C PRO A 164 -14.12 16.86 10.66
N LEU A 165 -12.88 17.03 11.06
CA LEU A 165 -11.80 16.78 10.15
C LEU A 165 -11.05 15.53 10.53
N MET A 166 -11.34 15.01 11.71
CA MET A 166 -10.64 13.83 12.17
C MET A 166 -11.29 12.60 11.62
N ALA A 167 -10.48 11.64 11.18
CA ALA A 167 -11.01 10.37 10.73
C ALA A 167 -11.67 9.68 11.89
N LEU A 168 -11.12 9.88 13.08
CA LEU A 168 -11.66 9.30 14.29
C LEU A 168 -11.30 10.21 15.45
N PRO A 169 -12.30 10.76 16.13
CA PRO A 169 -12.01 11.60 17.27
C PRO A 169 -11.30 10.87 18.40
N PRO A 170 -10.32 11.51 19.04
CA PRO A 170 -9.51 10.94 20.12
C PRO A 170 -10.25 10.05 21.08
N CYS A 171 -9.62 8.96 21.50
CA CYS A 171 -10.15 8.14 22.58
C CYS A 171 -9.58 8.64 23.86
N HIS A 172 -8.47 9.33 23.73
CA HIS A 172 -7.82 9.97 24.84
C HIS A 172 -8.11 11.44 24.80
N ALA A 173 -9.25 11.83 25.35
CA ALA A 173 -9.60 13.22 25.43
C ALA A 173 -8.47 14.02 26.07
N LEU A 174 -8.02 13.59 27.22
CA LEU A 174 -6.94 14.29 27.84
C LEU A 174 -6.17 13.41 28.81
N CYS A 175 -5.02 13.90 29.23
CA CYS A 175 -4.27 13.25 30.29
C CYS A 175 -3.65 14.31 31.16
N GLN A 176 -3.31 13.94 32.39
CA GLN A 176 -2.78 14.90 33.35
C GLN A 176 -1.65 14.30 34.11
N PHE A 177 -0.67 15.13 34.43
CA PHE A 177 0.54 14.69 35.12
C PHE A 177 0.64 15.32 36.47
N TYR A 178 1.43 14.69 37.32
CA TYR A 178 1.39 14.94 38.72
C TYR A 178 2.75 14.66 39.34
N VAL A 179 3.27 15.57 40.14
CA VAL A 179 4.52 15.27 40.81
C VAL A 179 4.40 15.45 42.30
N VAL A 180 5.12 14.60 43.01
CA VAL A 180 5.19 14.68 44.45
C VAL A 180 6.35 13.81 44.83
N ASN A 181 7.19 14.30 45.73
CA ASN A 181 8.36 13.55 46.10
C ASN A 181 9.17 13.15 44.90
N SER A 182 9.22 14.03 43.92
CA SER A 182 9.97 13.77 42.71
C SER A 182 9.55 12.47 42.07
N GLU A 183 8.25 12.20 42.09
CA GLU A 183 7.70 10.97 41.53
C GLU A 183 6.60 11.33 40.52
N LEU A 184 6.87 11.10 39.24
CA LEU A 184 5.96 11.55 38.20
C LEU A 184 4.79 10.61 37.95
N SER A 185 3.59 11.05 38.26
CA SER A 185 2.41 10.26 37.97
C SER A 185 1.61 10.84 36.85
N CYS A 186 0.76 10.01 36.28
CA CYS A 186 0.00 10.35 35.11
C CYS A 186 -1.35 9.66 35.17
N GLN A 187 -2.41 10.41 34.90
CA GLN A 187 -3.71 9.81 34.72
C GLN A 187 -4.28 10.18 33.41
N LEU A 188 -4.89 9.20 32.76
CA LEU A 188 -5.48 9.40 31.47
C LEU A 188 -6.97 9.27 31.56
N TYR A 189 -7.69 10.16 30.89
CA TYR A 189 -9.12 10.00 30.78
C TYR A 189 -9.46 9.59 29.39
N GLN A 190 -10.05 8.40 29.26
CA GLN A 190 -10.30 7.80 27.97
C GLN A 190 -11.77 7.58 27.72
N ARG A 191 -12.31 8.35 26.78
CA ARG A 191 -13.73 8.45 26.54
C ARG A 191 -14.39 7.13 26.19
N SER A 192 -13.67 6.31 25.45
CA SER A 192 -14.19 5.05 24.99
C SER A 192 -13.06 4.08 24.91
N GLY A 193 -13.22 2.91 25.47
CA GLY A 193 -12.15 1.96 25.47
C GLY A 193 -12.65 0.62 25.07
N ASP A 194 -11.90 -0.04 24.21
CA ASP A 194 -12.23 -1.39 23.81
C ASP A 194 -11.51 -2.35 24.69
N MET A 195 -12.16 -2.84 25.73
CA MET A 195 -11.46 -3.67 26.70
C MET A 195 -10.72 -4.82 26.08
N GLY A 196 -11.27 -5.38 25.02
CA GLY A 196 -10.65 -6.54 24.41
C GLY A 196 -9.34 -6.19 23.74
N LEU A 197 -9.45 -5.39 22.69
CA LEU A 197 -8.34 -5.16 21.81
C LEU A 197 -7.48 -3.98 22.26
N GLY A 198 -8.14 -2.85 22.47
CA GLY A 198 -7.44 -1.60 22.57
C GLY A 198 -6.81 -1.25 23.88
N VAL A 199 -7.44 -1.62 24.99
CA VAL A 199 -7.10 -1.02 26.26
C VAL A 199 -5.74 -1.43 26.77
N PRO A 200 -5.38 -2.69 26.57
CA PRO A 200 -4.02 -3.09 26.91
C PRO A 200 -2.99 -2.27 26.17
N PHE A 201 -3.23 -2.03 24.89
CA PHE A 201 -2.33 -1.26 24.07
C PHE A 201 -2.16 0.10 24.67
N ASN A 202 -3.27 0.68 25.07
CA ASN A 202 -3.31 2.05 25.50
C ASN A 202 -2.60 2.21 26.81
N ILE A 203 -2.72 1.22 27.65
CA ILE A 203 -2.08 1.32 28.94
C ILE A 203 -0.59 1.42 28.77
N ALA A 204 -0.05 0.56 27.93
CA ALA A 204 1.39 0.52 27.70
C ALA A 204 1.89 1.80 27.12
N SER A 205 1.03 2.53 26.44
CA SER A 205 1.46 3.72 25.75
C SER A 205 1.64 4.85 26.69
N TYR A 206 0.74 4.95 27.66
CA TYR A 206 0.78 6.08 28.55
C TYR A 206 1.74 5.81 29.66
N ALA A 207 1.94 4.54 29.94
CA ALA A 207 3.01 4.14 30.81
C ALA A 207 4.32 4.52 30.16
N LEU A 208 4.47 4.19 28.89
CA LEU A 208 5.66 4.57 28.17
C LEU A 208 5.86 6.05 28.16
N LEU A 209 4.83 6.77 27.74
CA LEU A 209 4.87 8.22 27.81
C LEU A 209 5.37 8.69 29.14
N THR A 210 4.77 8.19 30.19
CA THR A 210 5.14 8.59 31.54
C THR A 210 6.60 8.42 31.82
N TYR A 211 7.15 7.31 31.36
CA TYR A 211 8.55 6.97 31.56
C TYR A 211 9.46 7.84 30.80
N MET A 212 9.08 8.20 29.60
CA MET A 212 9.85 9.07 28.73
C MET A 212 10.01 10.40 29.44
N ILE A 213 8.92 10.95 29.93
CA ILE A 213 9.00 12.28 30.51
C ILE A 213 9.69 12.29 31.86
N ALA A 214 9.59 11.18 32.58
CA ALA A 214 10.29 11.07 33.86
C ALA A 214 11.77 11.16 33.60
N HIS A 215 12.20 10.51 32.54
CA HIS A 215 13.60 10.53 32.12
C HIS A 215 14.09 11.93 31.78
N ILE A 216 13.31 12.66 31.00
CA ILE A 216 13.71 13.97 30.54
C ILE A 216 13.84 14.94 31.69
N THR A 217 13.01 14.80 32.71
CA THR A 217 12.94 15.78 33.79
C THR A 217 13.58 15.29 35.06
N GLY A 218 14.32 14.19 35.00
CA GLY A 218 15.08 13.70 36.14
C GLY A 218 14.28 13.02 37.22
N LEU A 219 13.03 12.71 36.95
CA LEU A 219 12.14 12.16 37.94
C LEU A 219 12.02 10.65 37.87
N LYS A 220 11.52 10.03 38.93
CA LYS A 220 11.24 8.61 38.88
C LYS A 220 9.74 8.41 38.73
N PRO A 221 9.35 7.41 37.94
CA PRO A 221 7.99 7.03 37.59
C PRO A 221 7.16 6.49 38.74
N GLY A 222 5.96 7.03 38.92
CA GLY A 222 5.08 6.63 39.99
C GLY A 222 3.93 5.79 39.46
N ASP A 223 2.72 6.31 39.54
CA ASP A 223 1.56 5.55 39.09
C ASP A 223 1.07 5.97 37.73
N PHE A 224 0.40 5.06 37.06
CA PHE A 224 -0.41 5.39 35.90
C PHE A 224 -1.84 5.06 36.24
N ILE A 225 -2.72 6.05 36.09
CA ILE A 225 -4.09 5.88 36.51
C ILE A 225 -4.95 5.87 35.28
N HIS A 226 -5.76 4.84 35.13
CA HIS A 226 -6.52 4.68 33.92
C HIS A 226 -7.98 4.93 34.14
N THR A 227 -8.44 6.06 33.64
CA THR A 227 -9.84 6.39 33.78
C THR A 227 -10.62 6.16 32.49
N LEU A 228 -11.86 5.73 32.65
CA LEU A 228 -12.63 5.30 31.50
C LEU A 228 -14.04 5.77 31.53
N GLY A 229 -14.58 6.06 30.36
CA GLY A 229 -15.97 6.44 30.24
C GLY A 229 -16.78 5.24 29.82
N ASP A 230 -16.80 4.99 28.53
CA ASP A 230 -17.57 3.89 28.00
C ASP A 230 -16.67 2.70 27.84
N ALA A 231 -16.52 1.96 28.91
CA ALA A 231 -15.79 0.71 28.89
C ALA A 231 -16.64 -0.38 28.31
N HIS A 232 -16.25 -0.97 27.18
CA HIS A 232 -17.03 -2.02 26.56
C HIS A 232 -16.24 -3.24 26.14
N ILE A 233 -16.97 -4.33 25.89
CA ILE A 233 -16.46 -5.55 25.28
C ILE A 233 -17.31 -5.92 24.08
N TYR A 234 -16.76 -5.92 22.88
CA TYR A 234 -17.55 -6.32 21.72
C TYR A 234 -17.96 -7.79 21.82
N LEU A 235 -19.22 -8.09 21.52
CA LEU A 235 -19.76 -9.41 21.75
C LEU A 235 -18.99 -10.51 21.02
N ASN A 236 -18.13 -10.14 20.10
CA ASN A 236 -17.33 -11.13 19.40
C ASN A 236 -15.98 -11.23 20.05
N HIS A 237 -15.86 -10.67 21.25
CA HIS A 237 -14.63 -10.73 22.04
C HIS A 237 -14.82 -11.53 23.31
N ILE A 238 -16.05 -11.90 23.57
CA ILE A 238 -16.36 -12.47 24.86
C ILE A 238 -15.68 -13.80 25.00
N GLU A 239 -15.79 -14.62 23.97
CA GLU A 239 -15.19 -15.94 24.04
C GLU A 239 -13.70 -15.81 24.25
N PRO A 240 -13.01 -15.11 23.34
CA PRO A 240 -11.57 -14.90 23.45
C PRO A 240 -11.13 -14.39 24.82
N LEU A 241 -11.82 -13.42 25.38
CA LEU A 241 -11.48 -12.88 26.68
C LEU A 241 -11.67 -13.88 27.80
N LYS A 242 -12.76 -14.63 27.76
CA LYS A 242 -13.01 -15.65 28.75
C LYS A 242 -11.85 -16.62 28.78
N ILE A 243 -11.28 -16.87 27.62
CA ILE A 243 -10.11 -17.71 27.50
C ILE A 243 -9.00 -17.14 28.35
N GLN A 244 -8.72 -15.87 28.10
CA GLN A 244 -7.64 -15.16 28.73
C GLN A 244 -7.85 -14.97 30.23
N LEU A 245 -9.08 -15.01 30.67
CA LEU A 245 -9.35 -14.84 32.09
C LEU A 245 -8.80 -15.99 32.93
N GLN A 246 -8.66 -17.16 32.31
CA GLN A 246 -8.22 -18.33 33.05
C GLN A 246 -6.74 -18.32 33.34
N ARG A 247 -6.00 -17.65 32.49
CA ARG A 247 -4.57 -17.47 32.66
C ARG A 247 -4.23 -16.74 33.93
N GLU A 248 -3.10 -17.10 34.54
CA GLU A 248 -2.62 -16.39 35.70
C GLU A 248 -1.47 -15.47 35.31
N PRO A 249 -1.58 -14.19 35.63
CA PRO A 249 -0.57 -13.19 35.30
C PRO A 249 0.81 -13.61 35.67
N ARG A 250 1.76 -13.33 34.79
CA ARG A 250 3.17 -13.47 35.06
C ARG A 250 3.71 -12.09 35.33
N PRO A 251 4.69 -11.99 36.21
CA PRO A 251 5.18 -10.69 36.69
C PRO A 251 5.51 -9.75 35.55
N PHE A 252 5.22 -8.48 35.74
CA PHE A 252 5.48 -7.48 34.71
C PHE A 252 6.95 -7.43 34.38
N PRO A 253 7.28 -6.81 33.24
CA PRO A 253 8.63 -6.53 32.79
C PRO A 253 9.16 -5.29 33.43
N LYS A 254 10.41 -5.00 33.16
CA LYS A 254 10.99 -3.74 33.55
C LYS A 254 11.36 -3.04 32.26
N LEU A 255 11.40 -1.72 32.28
CA LEU A 255 11.78 -0.96 31.11
C LEU A 255 13.10 -0.27 31.32
N ARG A 256 14.08 -0.61 30.47
CA ARG A 256 15.39 -0.01 30.53
C ARG A 256 15.49 1.08 29.48
N ILE A 257 15.89 2.29 29.87
CA ILE A 257 16.20 3.32 28.88
C ILE A 257 17.70 3.45 28.68
N LEU A 258 18.18 3.08 27.50
CA LEU A 258 19.59 2.78 27.28
C LEU A 258 20.58 3.96 27.14
N ARG A 259 20.11 5.19 27.14
CA ARG A 259 21.00 6.35 27.02
C ARG A 259 20.34 7.63 27.44
N LYS A 260 21.14 8.59 27.90
CA LYS A 260 20.63 9.85 28.40
C LYS A 260 20.11 10.74 27.30
N VAL A 261 18.80 10.93 27.24
CA VAL A 261 18.17 11.73 26.21
C VAL A 261 17.81 13.10 26.74
N GLU A 262 18.13 14.14 26.00
CA GLU A 262 18.04 15.50 26.49
C GLU A 262 16.70 16.17 26.21
N LYS A 263 16.24 16.06 24.98
CA LYS A 263 14.96 16.60 24.59
C LYS A 263 14.02 15.43 24.29
N ILE A 264 12.72 15.66 24.36
CA ILE A 264 11.77 14.58 24.11
C ILE A 264 11.86 14.12 22.66
N ASP A 265 12.20 15.05 21.77
CA ASP A 265 12.15 14.81 20.34
C ASP A 265 13.26 13.90 19.84
N ASP A 266 14.40 13.84 20.52
CA ASP A 266 15.45 13.02 19.98
C ASP A 266 15.47 11.68 20.68
N PHE A 267 14.29 11.16 20.99
CA PHE A 267 14.16 9.79 21.43
C PHE A 267 14.16 8.93 20.21
N LYS A 268 14.64 7.70 20.34
CA LYS A 268 14.65 6.79 19.21
C LYS A 268 14.13 5.43 19.65
N ALA A 269 13.84 4.57 18.69
CA ALA A 269 13.25 3.28 19.02
C ALA A 269 14.24 2.44 19.79
N GLU A 270 15.49 2.51 19.37
CA GLU A 270 16.51 1.65 19.91
C GLU A 270 17.14 2.23 21.15
N ASP A 271 16.37 2.99 21.91
CA ASP A 271 16.84 3.55 23.17
C ASP A 271 16.15 2.84 24.30
N PHE A 272 15.20 2.00 23.95
CA PHE A 272 14.36 1.35 24.95
C PHE A 272 14.57 -0.14 24.96
N GLN A 273 14.77 -0.71 26.15
CA GLN A 273 14.91 -2.15 26.28
C GLN A 273 13.84 -2.67 27.19
N ILE A 274 13.12 -3.67 26.75
CA ILE A 274 12.17 -4.34 27.60
C ILE A 274 12.77 -5.63 28.20
N GLU A 275 12.79 -5.73 29.53
CA GLU A 275 13.41 -6.86 30.19
C GLU A 275 12.40 -7.82 30.79
N GLY A 276 12.55 -9.11 30.53
CA GLY A 276 11.74 -10.11 31.20
C GLY A 276 10.28 -10.11 30.83
N TYR A 277 9.97 -10.01 29.55
CA TYR A 277 8.59 -10.04 29.12
C TYR A 277 8.20 -11.44 28.70
N ASN A 278 7.55 -12.17 29.58
CA ASN A 278 7.17 -13.54 29.30
C ASN A 278 5.68 -13.74 29.24
N PRO A 279 5.02 -13.17 28.21
CA PRO A 279 3.57 -13.19 28.09
C PRO A 279 3.02 -14.50 27.58
N HIS A 280 1.73 -14.76 27.84
CA HIS A 280 1.08 -15.90 27.24
C HIS A 280 0.96 -15.59 25.79
N PRO A 281 0.54 -16.55 24.98
CA PRO A 281 0.35 -16.31 23.55
C PRO A 281 -0.67 -15.24 23.29
N THR A 282 -0.64 -14.64 22.11
CA THR A 282 -1.64 -13.66 21.69
C THR A 282 -3.00 -14.29 21.55
N ILE A 283 -4.03 -13.45 21.46
CA ILE A 283 -5.35 -13.89 21.02
C ILE A 283 -5.87 -12.91 19.99
N LYS A 284 -6.28 -13.45 18.84
CA LYS A 284 -6.81 -12.62 17.78
C LYS A 284 -8.15 -12.06 18.24
N MET A 285 -8.32 -10.78 18.01
CA MET A 285 -9.56 -10.13 18.33
C MET A 285 -9.88 -9.22 17.17
N GLU A 286 -11.02 -9.46 16.53
CA GLU A 286 -11.43 -8.70 15.36
C GLU A 286 -11.55 -7.24 15.71
N MET A 287 -10.93 -6.38 14.92
CA MET A 287 -11.16 -4.96 15.10
C MET A 287 -12.45 -4.55 14.42
N ALA A 288 -13.37 -4.05 15.23
CA ALA A 288 -14.70 -3.71 14.78
C ALA A 288 -14.76 -2.43 13.95
N VAL A 289 -14.07 -2.43 12.81
CA VAL A 289 -14.13 -1.29 11.90
C VAL A 289 -15.37 -1.35 11.02
N MET B 1 22.46 -59.79 36.94
CA MET B 1 22.87 -58.82 35.93
C MET B 1 23.36 -57.53 36.56
N PRO B 2 23.69 -56.52 35.72
CA PRO B 2 23.92 -55.15 36.18
C PRO B 2 22.63 -54.35 36.07
N PRO B 3 22.39 -53.42 37.00
CA PRO B 3 21.11 -52.71 37.03
C PRO B 3 20.70 -52.10 35.69
N HIS B 4 19.39 -51.93 35.52
CA HIS B 4 18.80 -51.39 34.31
C HIS B 4 19.23 -49.96 34.03
N GLY B 5 19.28 -49.61 32.76
CA GLY B 5 19.82 -48.34 32.37
C GLY B 5 18.96 -47.20 32.84
N GLU B 6 17.65 -47.41 32.78
CA GLU B 6 16.68 -46.38 33.12
C GLU B 6 16.86 -45.89 34.53
N LEU B 7 17.34 -46.73 35.42
CA LEU B 7 17.40 -46.35 36.81
C LEU B 7 18.30 -45.13 37.04
N GLN B 8 19.23 -44.87 36.12
CA GLN B 8 19.97 -43.63 36.13
C GLN B 8 19.05 -42.42 36.05
N TYR B 9 18.16 -42.42 35.07
CA TYR B 9 17.24 -41.33 34.84
C TYR B 9 16.26 -41.19 35.98
N LEU B 10 15.65 -42.31 36.36
CA LEU B 10 14.67 -42.31 37.40
C LEU B 10 15.27 -41.83 38.70
N GLY B 11 16.51 -42.20 38.95
CA GLY B 11 17.14 -41.82 40.18
C GLY B 11 17.35 -40.33 40.22
N GLN B 12 17.64 -39.77 39.06
CA GLN B 12 17.80 -38.34 38.91
C GLN B 12 16.50 -37.61 39.19
N ILE B 13 15.41 -38.12 38.68
CA ILE B 13 14.11 -37.60 39.07
C ILE B 13 13.98 -37.61 40.60
N GLN B 14 14.12 -38.77 41.22
CA GLN B 14 13.96 -38.88 42.65
C GLN B 14 14.85 -37.96 43.42
N HIS B 15 16.03 -37.70 42.89
CA HIS B 15 16.92 -36.77 43.55
C HIS B 15 16.32 -35.38 43.52
N ILE B 16 15.92 -34.94 42.34
CA ILE B 16 15.32 -33.64 42.20
C ILE B 16 14.06 -33.47 43.04
N LEU B 17 13.25 -34.51 43.13
CA LEU B 17 12.07 -34.44 44.00
C LEU B 17 12.51 -34.25 45.44
N ARG B 18 13.43 -35.08 45.91
CA ARG B 18 13.85 -34.97 47.30
C ARG B 18 14.67 -33.73 47.61
N CYS B 19 15.72 -33.49 46.85
CA CYS B 19 16.66 -32.44 47.18
C CYS B 19 16.56 -31.24 46.26
N GLY B 20 15.53 -31.22 45.43
CA GLY B 20 15.31 -30.10 44.55
C GLY B 20 15.08 -28.83 45.32
N VAL B 21 14.97 -27.73 44.60
CA VAL B 21 14.85 -26.42 45.18
C VAL B 21 13.95 -25.54 44.35
N ARG B 22 13.05 -24.83 45.00
CA ARG B 22 12.04 -24.02 44.30
C ARG B 22 12.68 -22.83 43.63
N LYS B 23 12.48 -22.74 42.33
CA LYS B 23 13.10 -21.68 41.54
C LYS B 23 12.16 -21.30 40.42
N ASP B 24 11.94 -20.01 40.23
CA ASP B 24 10.97 -19.54 39.24
C ASP B 24 11.60 -19.41 37.88
N ASP B 25 10.77 -19.23 36.86
CA ASP B 25 11.27 -19.17 35.50
C ASP B 25 10.40 -18.29 34.65
N ARG B 26 10.76 -18.22 33.36
CA ARG B 26 10.00 -17.43 32.39
C ARG B 26 8.52 -17.81 32.42
N THR B 27 8.23 -19.03 31.97
CA THR B 27 6.86 -19.53 31.89
C THR B 27 5.99 -19.20 33.11
N GLY B 28 6.57 -19.27 34.29
CA GLY B 28 5.82 -18.95 35.48
C GLY B 28 5.16 -20.17 36.05
N THR B 29 5.39 -21.31 35.40
CA THR B 29 4.89 -22.55 35.95
C THR B 29 5.63 -22.80 37.25
N GLY B 30 6.95 -22.62 37.21
CA GLY B 30 7.80 -22.85 38.37
C GLY B 30 8.54 -24.16 38.28
N THR B 31 9.61 -24.32 39.06
CA THR B 31 10.37 -25.53 39.00
C THR B 31 10.96 -25.93 40.33
N LEU B 32 11.42 -27.17 40.40
CA LEU B 32 12.36 -27.64 41.42
C LEU B 32 13.70 -27.85 40.74
N SER B 33 14.76 -27.27 41.26
CA SER B 33 16.00 -27.28 40.52
C SER B 33 17.17 -27.96 41.20
N VAL B 34 18.10 -28.43 40.38
CA VAL B 34 19.36 -28.99 40.85
C VAL B 34 20.43 -28.70 39.83
N PHE B 35 21.53 -28.11 40.25
CA PHE B 35 22.59 -27.78 39.29
C PHE B 35 23.69 -28.81 39.25
N GLY B 36 23.85 -29.44 38.10
CA GLY B 36 24.91 -30.40 37.86
C GLY B 36 24.58 -31.83 38.20
N MET B 37 24.28 -32.62 37.17
CA MET B 37 24.10 -34.05 37.29
C MET B 37 24.76 -34.79 36.14
N GLN B 38 24.82 -36.11 36.24
CA GLN B 38 25.44 -36.91 35.20
C GLN B 38 24.95 -38.34 35.24
N ALA B 39 24.69 -38.91 34.07
CA ALA B 39 24.29 -40.29 33.97
C ALA B 39 25.04 -40.97 32.85
N ARG B 40 25.32 -42.25 33.03
CA ARG B 40 25.98 -43.03 32.00
C ARG B 40 24.97 -44.00 31.47
N TYR B 41 24.89 -44.15 30.16
CA TYR B 41 24.03 -45.17 29.57
C TYR B 41 24.75 -46.02 28.56
N SER B 42 24.65 -47.33 28.70
CA SER B 42 25.31 -48.23 27.78
C SER B 42 24.53 -48.40 26.50
N LEU B 43 25.25 -48.51 25.40
CA LEU B 43 24.67 -48.66 24.09
C LEU B 43 25.03 -50.00 23.51
N ARG B 44 25.66 -50.82 24.33
CA ARG B 44 26.16 -52.11 23.89
C ARG B 44 25.08 -53.15 23.85
N ASP B 45 24.59 -53.41 22.65
CA ASP B 45 23.49 -54.34 22.46
C ASP B 45 22.25 -53.87 23.19
N GLU B 46 21.90 -52.61 23.03
CA GLU B 46 20.65 -52.07 23.57
C GLU B 46 20.60 -50.60 23.24
N PHE B 47 19.39 -50.05 23.26
CA PHE B 47 19.21 -48.64 22.92
C PHE B 47 18.34 -47.98 23.95
N PRO B 48 18.92 -47.05 24.71
CA PRO B 48 18.27 -46.41 25.84
C PRO B 48 17.09 -45.56 25.44
N LEU B 49 15.96 -46.20 25.16
CA LEU B 49 14.71 -45.51 24.89
C LEU B 49 13.80 -45.83 26.05
N LEU B 50 13.53 -44.84 26.90
CA LEU B 50 12.90 -45.09 28.17
C LEU B 50 11.61 -45.85 28.02
N THR B 51 11.36 -46.76 28.95
CA THR B 51 10.26 -47.69 28.83
C THR B 51 9.17 -47.41 29.82
N THR B 52 9.46 -46.63 30.86
CA THR B 52 8.45 -46.33 31.86
C THR B 52 7.53 -45.25 31.38
N LYS B 53 7.62 -44.93 30.10
CA LYS B 53 6.84 -43.89 29.48
C LYS B 53 7.17 -43.86 28.02
N ARG B 54 6.16 -43.97 27.17
CA ARG B 54 6.39 -43.94 25.74
C ARG B 54 7.06 -42.66 25.32
N VAL B 55 8.20 -42.80 24.68
CA VAL B 55 8.93 -41.67 24.12
C VAL B 55 8.61 -41.53 22.65
N PHE B 56 8.46 -40.30 22.20
CA PHE B 56 8.13 -40.06 20.81
C PHE B 56 9.27 -40.45 19.89
N TRP B 57 9.41 -41.73 19.61
CA TRP B 57 10.54 -42.21 18.82
C TRP B 57 10.57 -41.57 17.44
N LYS B 58 9.48 -41.69 16.68
CA LYS B 58 9.44 -41.11 15.33
C LYS B 58 9.87 -39.67 15.33
N GLY B 59 9.70 -38.99 16.45
CA GLY B 59 10.10 -37.61 16.56
C GLY B 59 11.59 -37.49 16.77
N VAL B 60 12.12 -38.42 17.55
CA VAL B 60 13.55 -38.45 17.80
C VAL B 60 14.27 -38.63 16.50
N LEU B 61 13.79 -39.58 15.72
CA LEU B 61 14.43 -39.95 14.47
C LEU B 61 14.41 -38.80 13.48
N GLU B 62 13.20 -38.39 13.11
CA GLU B 62 13.06 -37.40 12.05
C GLU B 62 13.71 -36.09 12.43
N GLU B 63 13.84 -35.80 13.71
CA GLU B 63 14.41 -34.52 14.13
C GLU B 63 15.91 -34.53 13.98
N LEU B 64 16.50 -35.69 14.25
CA LEU B 64 17.93 -35.88 14.10
C LEU B 64 18.34 -35.78 12.64
N LEU B 65 17.61 -36.47 11.78
CA LEU B 65 17.84 -36.40 10.34
C LEU B 65 17.62 -34.99 9.85
N TRP B 66 16.66 -34.31 10.45
CA TRP B 66 16.38 -32.93 10.15
C TRP B 66 17.59 -32.08 10.53
N PHE B 67 18.18 -32.38 11.67
CA PHE B 67 19.41 -31.74 12.08
C PHE B 67 20.48 -31.90 11.02
N ILE B 68 20.77 -33.15 10.68
CA ILE B 68 21.86 -33.47 9.79
C ILE B 68 21.81 -32.75 8.46
N LYS B 69 20.61 -32.53 7.95
CA LYS B 69 20.47 -31.87 6.67
C LYS B 69 20.85 -30.42 6.86
N GLY B 70 20.82 -29.99 8.12
CA GLY B 70 21.32 -28.69 8.50
C GLY B 70 20.26 -27.62 8.49
N SER B 71 19.01 -28.02 8.62
CA SER B 71 17.92 -27.07 8.46
C SER B 71 17.44 -26.46 9.78
N THR B 72 16.93 -25.26 9.67
CA THR B 72 16.41 -24.56 10.81
C THR B 72 14.97 -24.20 10.53
N ASN B 73 14.27 -25.11 9.87
CA ASN B 73 12.90 -24.84 9.45
C ASN B 73 11.92 -25.76 10.12
N ALA B 74 11.21 -25.26 11.11
CA ALA B 74 10.30 -26.11 11.84
C ALA B 74 9.11 -26.51 10.99
N LYS B 75 8.81 -25.74 9.96
CA LYS B 75 7.64 -26.06 9.17
C LYS B 75 8.02 -27.21 8.25
N GLU B 76 9.31 -27.40 8.05
CA GLU B 76 9.83 -28.49 7.23
C GLU B 76 9.94 -29.76 8.03
N LEU B 77 9.96 -29.63 9.35
CA LEU B 77 9.92 -30.79 10.22
C LEU B 77 8.47 -31.15 10.52
N SER B 78 7.71 -30.14 10.90
CA SER B 78 6.31 -30.29 11.22
C SER B 78 5.58 -30.99 10.11
N SER B 79 6.03 -30.72 8.89
CA SER B 79 5.49 -31.41 7.74
C SER B 79 5.42 -32.89 8.03
N LYS B 80 6.55 -33.47 8.42
CA LYS B 80 6.63 -34.90 8.74
C LYS B 80 5.78 -35.32 9.93
N GLY B 81 4.98 -34.41 10.48
CA GLY B 81 4.08 -34.74 11.55
C GLY B 81 4.73 -34.64 12.91
N VAL B 82 5.82 -33.91 12.95
CA VAL B 82 6.61 -33.74 14.17
C VAL B 82 6.56 -32.30 14.63
N LYS B 83 5.69 -32.01 15.58
CA LYS B 83 5.41 -30.63 15.93
C LYS B 83 6.15 -30.16 17.18
N ILE B 84 7.25 -30.79 17.48
CA ILE B 84 8.02 -30.47 18.67
C ILE B 84 8.57 -29.05 18.67
N TRP B 85 8.98 -28.57 17.50
CA TRP B 85 9.62 -27.27 17.42
C TRP B 85 8.69 -26.19 16.97
N ASP B 86 7.42 -26.50 16.85
CA ASP B 86 6.51 -25.54 16.27
C ASP B 86 6.13 -24.47 17.24
N ALA B 87 6.11 -24.85 18.51
CA ALA B 87 5.91 -23.89 19.56
C ALA B 87 6.76 -22.66 19.32
N ASN B 88 8.07 -22.86 19.20
CA ASN B 88 8.98 -21.73 19.08
C ASN B 88 9.17 -21.21 17.67
N GLY B 89 8.47 -21.80 16.71
CA GLY B 89 8.59 -21.33 15.36
C GLY B 89 7.34 -20.57 14.99
N SER B 90 6.38 -20.60 15.91
CA SER B 90 5.11 -19.94 15.73
C SER B 90 5.26 -18.45 15.47
N ARG B 91 4.44 -17.89 14.59
CA ARG B 91 4.38 -16.45 14.42
C ARG B 91 4.35 -15.72 15.76
N ASP B 92 3.53 -16.19 16.70
CA ASP B 92 3.41 -15.51 17.97
C ASP B 92 4.72 -15.53 18.76
N PHE B 93 5.37 -16.69 18.85
CA PHE B 93 6.57 -16.81 19.67
C PHE B 93 7.68 -15.95 19.10
N LEU B 94 7.89 -16.08 17.80
CA LEU B 94 8.83 -15.21 17.13
C LEU B 94 8.51 -13.76 17.47
N ASP B 95 7.37 -13.27 16.99
CA ASP B 95 6.91 -11.90 17.25
C ASP B 95 7.29 -11.38 18.61
N SER B 96 6.95 -12.12 19.64
CA SER B 96 7.28 -11.71 20.99
C SER B 96 8.78 -11.51 21.18
N LEU B 97 9.59 -12.06 20.30
CA LEU B 97 11.03 -11.88 20.38
C LEU B 97 11.52 -10.78 19.45
N GLY B 98 10.58 -10.08 18.84
CA GLY B 98 10.92 -8.94 18.00
C GLY B 98 11.33 -9.40 16.62
N PHE B 99 11.08 -10.67 16.33
CA PHE B 99 11.39 -11.23 15.04
C PHE B 99 10.22 -11.05 14.11
N SER B 100 9.62 -9.87 14.19
CA SER B 100 8.36 -9.58 13.52
C SER B 100 8.38 -9.76 12.01
N THR B 101 9.57 -9.64 11.42
CA THR B 101 9.68 -9.68 9.97
C THR B 101 10.20 -11.01 9.45
N ARG B 102 10.01 -12.05 10.23
CA ARG B 102 10.59 -13.34 9.92
C ARG B 102 9.55 -14.38 9.50
N GLU B 103 9.89 -15.20 8.50
CA GLU B 103 8.97 -16.22 7.99
C GLU B 103 8.66 -17.24 9.07
N GLU B 104 7.42 -17.71 9.11
CA GLU B 104 6.96 -18.59 10.17
C GLU B 104 7.63 -19.95 10.08
N GLY B 105 8.31 -20.35 11.15
CA GLY B 105 9.03 -21.61 11.18
C GLY B 105 10.54 -21.44 11.29
N ASP B 106 11.00 -20.22 11.09
CA ASP B 106 12.40 -19.92 11.08
C ASP B 106 12.96 -19.84 12.47
N LEU B 107 13.49 -20.96 12.95
CA LEU B 107 14.01 -21.00 14.29
C LEU B 107 15.32 -20.24 14.44
N GLY B 108 15.77 -19.56 13.40
CA GLY B 108 17.06 -18.89 13.46
C GLY B 108 18.16 -19.91 13.36
N PRO B 109 19.39 -19.52 13.69
CA PRO B 109 20.60 -20.33 13.54
C PRO B 109 20.86 -21.31 14.68
N VAL B 110 20.05 -22.34 14.80
CA VAL B 110 20.19 -23.27 15.90
C VAL B 110 21.01 -24.48 15.43
N TYR B 111 20.63 -25.68 15.86
CA TYR B 111 21.48 -26.84 15.69
C TYR B 111 21.93 -27.10 14.26
N GLY B 112 20.99 -27.41 13.39
CA GLY B 112 21.32 -27.80 12.04
C GLY B 112 22.22 -26.83 11.31
N PHE B 113 22.22 -25.59 11.73
CA PHE B 113 23.09 -24.58 11.13
C PHE B 113 24.46 -24.53 11.79
N GLN B 114 24.49 -24.75 13.10
CA GLN B 114 25.75 -24.66 13.82
C GLN B 114 26.64 -25.87 13.58
N TRP B 115 26.01 -27.01 13.36
CA TRP B 115 26.71 -28.25 13.17
C TRP B 115 27.30 -28.41 11.80
N ARG B 116 26.92 -27.57 10.87
CA ARG B 116 27.39 -27.76 9.52
C ARG B 116 27.86 -26.45 8.92
N HIS B 117 27.54 -25.34 9.56
CA HIS B 117 27.93 -24.04 9.03
C HIS B 117 28.25 -23.06 10.13
N PHE B 118 29.16 -23.44 11.01
CA PHE B 118 29.47 -22.59 12.14
C PHE B 118 30.14 -21.29 11.73
N GLY B 119 29.63 -20.18 12.26
CA GLY B 119 30.28 -18.91 12.09
C GLY B 119 29.82 -18.18 10.87
N ALA B 120 29.20 -18.92 9.96
CA ALA B 120 28.62 -18.34 8.76
C ALA B 120 27.62 -17.26 9.13
N GLU B 121 27.41 -16.33 8.20
CA GLU B 121 26.47 -15.27 8.44
C GLU B 121 25.11 -15.81 8.03
N TYR B 122 24.21 -15.90 9.00
CA TYR B 122 22.88 -16.47 8.81
C TYR B 122 21.95 -15.44 8.22
N ARG B 123 21.31 -15.78 7.10
CA ARG B 123 20.31 -14.91 6.48
C ARG B 123 18.92 -15.38 6.88
N ASP B 124 18.45 -16.47 6.29
CA ASP B 124 17.22 -17.05 6.76
C ASP B 124 17.18 -18.51 6.37
N MET B 125 16.13 -19.21 6.78
CA MET B 125 16.14 -20.68 6.76
C MET B 125 16.24 -21.31 5.38
N GLU B 126 15.94 -20.56 4.34
CA GLU B 126 16.02 -21.10 3.00
C GLU B 126 16.96 -20.27 2.11
N SER B 127 18.15 -19.99 2.64
CA SER B 127 19.21 -19.34 1.89
C SER B 127 20.29 -20.34 1.50
N ASP B 128 21.22 -19.94 0.64
CA ASP B 128 22.30 -20.87 0.29
C ASP B 128 23.52 -20.65 1.16
N TYR B 129 23.86 -21.67 1.94
CA TYR B 129 24.94 -21.59 2.91
C TYR B 129 26.09 -22.52 2.50
N SER B 130 26.03 -23.00 1.27
CA SER B 130 26.97 -24.01 0.80
C SER B 130 28.42 -23.55 0.85
N GLY B 131 29.24 -24.35 1.53
CA GLY B 131 30.67 -24.12 1.58
C GLY B 131 31.02 -23.15 2.68
N GLN B 132 29.99 -22.50 3.22
CA GLN B 132 30.17 -21.49 4.22
C GLN B 132 30.34 -22.11 5.60
N GLY B 133 31.11 -21.45 6.45
CA GLY B 133 31.25 -21.88 7.82
C GLY B 133 31.92 -23.23 8.01
N VAL B 134 32.10 -23.62 9.26
CA VAL B 134 32.75 -24.87 9.60
C VAL B 134 31.75 -26.02 9.69
N ASP B 135 32.04 -27.10 8.97
CA ASP B 135 31.22 -28.31 9.00
C ASP B 135 31.67 -29.22 10.12
N GLN B 136 31.39 -28.87 11.37
CA GLN B 136 32.03 -29.62 12.43
C GLN B 136 31.49 -31.02 12.56
N LEU B 137 30.44 -31.36 11.83
CA LEU B 137 29.92 -32.73 11.88
C LEU B 137 30.76 -33.65 11.01
N GLN B 138 31.23 -33.14 9.90
CA GLN B 138 32.04 -33.95 9.02
C GLN B 138 33.43 -34.01 9.59
N ARG B 139 33.96 -32.85 9.94
CA ARG B 139 35.25 -32.78 10.59
C ARG B 139 35.28 -33.77 11.75
N VAL B 140 34.17 -33.86 12.47
CA VAL B 140 34.09 -34.81 13.57
C VAL B 140 34.18 -36.22 13.09
N ILE B 141 33.35 -36.53 12.12
CA ILE B 141 33.36 -37.83 11.51
C ILE B 141 34.73 -38.20 10.99
N ASP B 142 35.26 -37.39 10.08
CA ASP B 142 36.57 -37.65 9.51
C ASP B 142 37.64 -37.80 10.60
N THR B 143 37.52 -37.03 11.66
CA THR B 143 38.50 -37.11 12.73
C THR B 143 38.46 -38.45 13.47
N ILE B 144 37.28 -38.95 13.77
CA ILE B 144 37.18 -40.22 14.45
C ILE B 144 37.79 -41.35 13.62
N LYS B 145 37.93 -41.12 12.32
CA LYS B 145 38.34 -42.15 11.40
C LYS B 145 39.85 -42.24 11.29
N THR B 146 40.48 -41.08 11.27
CA THR B 146 41.91 -41.01 11.00
C THR B 146 42.76 -40.75 12.23
N ASN B 147 42.12 -40.31 13.30
CA ASN B 147 42.84 -39.96 14.50
C ASN B 147 41.98 -40.20 15.73
N PRO B 148 41.64 -41.46 15.98
CA PRO B 148 40.71 -41.97 16.99
C PRO B 148 41.10 -41.61 18.40
N ASP B 149 42.16 -40.86 18.59
CA ASP B 149 42.66 -40.65 19.93
C ASP B 149 42.50 -39.20 20.32
N ASP B 150 42.01 -38.40 19.38
CA ASP B 150 41.80 -36.96 19.60
C ASP B 150 40.96 -36.72 20.85
N ARG B 151 41.50 -35.95 21.79
CA ARG B 151 40.72 -35.56 22.96
C ARG B 151 39.98 -34.27 22.69
N ARG B 152 39.79 -33.93 21.43
CA ARG B 152 39.13 -32.68 21.08
C ARG B 152 38.16 -32.84 19.93
N ILE B 153 37.47 -33.97 19.92
CA ILE B 153 36.44 -34.23 18.92
C ILE B 153 35.12 -33.62 19.33
N ILE B 154 35.01 -32.31 19.15
CA ILE B 154 33.92 -31.55 19.72
C ILE B 154 33.00 -30.95 18.69
N MET B 155 31.71 -31.00 18.99
CA MET B 155 30.74 -30.33 18.15
C MET B 155 30.05 -29.34 19.03
N CYS B 156 29.89 -28.11 18.56
CA CYS B 156 29.38 -27.09 19.44
C CYS B 156 28.26 -26.27 18.83
N ALA B 157 27.16 -26.15 19.57
CA ALA B 157 26.00 -25.42 19.11
C ALA B 157 26.01 -24.01 19.64
N TRP B 158 26.67 -23.81 20.77
CA TRP B 158 26.62 -22.50 21.39
C TRP B 158 27.43 -21.53 20.57
N ASN B 159 26.74 -20.64 19.86
CA ASN B 159 27.38 -19.56 19.17
C ASN B 159 26.92 -18.25 19.76
N PRO B 160 27.74 -17.67 20.64
CA PRO B 160 27.58 -16.35 21.22
C PRO B 160 27.24 -15.25 20.21
N ARG B 161 27.84 -15.27 19.02
CA ARG B 161 27.59 -14.21 18.05
C ARG B 161 26.17 -14.31 17.53
N ASP B 162 25.65 -15.52 17.44
CA ASP B 162 24.39 -15.76 16.76
C ASP B 162 23.20 -15.72 17.69
N LEU B 163 23.45 -15.69 18.98
CA LEU B 163 22.41 -15.75 20.00
C LEU B 163 21.21 -14.87 19.74
N PRO B 164 21.45 -13.58 19.50
CA PRO B 164 20.37 -12.62 19.28
C PRO B 164 19.43 -13.04 18.18
N LEU B 165 19.75 -14.12 17.47
CA LEU B 165 19.00 -14.46 16.29
C LEU B 165 18.29 -15.81 16.38
N MET B 166 18.57 -16.58 17.43
CA MET B 166 17.91 -17.86 17.61
C MET B 166 16.60 -17.73 18.34
N ALA B 167 15.62 -18.55 17.96
CA ALA B 167 14.34 -18.51 18.67
C ALA B 167 14.50 -19.16 20.03
N LEU B 168 15.52 -19.99 20.17
CA LEU B 168 15.79 -20.63 21.44
C LEU B 168 17.23 -21.08 21.44
N PRO B 169 18.05 -20.49 22.30
CA PRO B 169 19.44 -20.91 22.48
C PRO B 169 19.57 -22.40 22.81
N PRO B 170 20.50 -23.08 22.14
CA PRO B 170 20.71 -24.51 22.23
C PRO B 170 20.77 -25.00 23.65
N CYS B 171 20.11 -26.11 23.94
CA CYS B 171 20.25 -26.72 25.25
C CYS B 171 21.50 -27.53 25.23
N HIS B 172 21.74 -28.15 24.09
CA HIS B 172 22.92 -28.93 23.87
C HIS B 172 24.02 -28.01 23.47
N ALA B 173 24.64 -27.39 24.46
CA ALA B 173 25.73 -26.50 24.20
C ALA B 173 26.80 -27.18 23.35
N LEU B 174 27.19 -28.38 23.74
CA LEU B 174 28.15 -29.12 22.94
C LEU B 174 28.11 -30.60 23.23
N CYS B 175 28.78 -31.38 22.42
CA CYS B 175 28.94 -32.78 22.71
C CYS B 175 30.35 -33.22 22.30
N GLN B 176 30.82 -34.31 22.90
CA GLN B 176 32.18 -34.75 22.71
C GLN B 176 32.19 -36.24 22.47
N PHE B 177 33.05 -36.67 21.56
CA PHE B 177 33.11 -38.08 21.21
C PHE B 177 34.41 -38.69 21.63
N TYR B 178 34.48 -40.01 21.64
CA TYR B 178 35.57 -40.64 22.33
C TYR B 178 35.69 -42.08 21.86
N VAL B 179 36.89 -42.49 21.48
CA VAL B 179 37.07 -43.83 20.97
C VAL B 179 38.16 -44.53 21.70
N VAL B 180 37.95 -45.81 21.94
CA VAL B 180 38.91 -46.64 22.61
C VAL B 180 38.47 -48.06 22.41
N ASN B 181 39.39 -48.90 21.96
CA ASN B 181 39.04 -50.28 21.69
C ASN B 181 37.92 -50.36 20.71
N SER B 182 37.86 -49.36 19.84
CA SER B 182 36.83 -49.28 18.82
C SER B 182 35.44 -49.18 19.39
N GLU B 183 35.30 -48.48 20.51
CA GLU B 183 33.99 -48.20 21.08
C GLU B 183 33.74 -46.70 21.14
N LEU B 184 32.80 -46.25 20.32
CA LEU B 184 32.50 -44.84 20.20
C LEU B 184 31.61 -44.31 21.33
N SER B 185 32.17 -43.47 22.16
CA SER B 185 31.39 -42.84 23.22
C SER B 185 31.09 -41.39 22.89
N CYS B 186 29.99 -40.92 23.45
CA CYS B 186 29.54 -39.57 23.26
C CYS B 186 29.12 -39.05 24.60
N GLN B 187 29.61 -37.87 24.98
CA GLN B 187 29.07 -37.20 26.14
C GLN B 187 28.44 -35.91 25.74
N LEU B 188 27.33 -35.59 26.39
CA LEU B 188 26.59 -34.39 26.06
C LEU B 188 26.55 -33.43 27.22
N TYR B 189 26.85 -32.16 26.97
CA TYR B 189 26.64 -31.15 27.98
C TYR B 189 25.39 -30.38 27.68
N GLN B 190 24.43 -30.47 28.59
CA GLN B 190 23.15 -29.87 28.36
C GLN B 190 22.83 -28.86 29.44
N ARG B 191 22.72 -27.61 29.01
CA ARG B 191 22.65 -26.48 29.90
C ARG B 191 21.34 -26.40 30.65
N SER B 192 20.27 -26.81 29.99
CA SER B 192 18.96 -26.84 30.60
C SER B 192 18.27 -28.15 30.34
N GLY B 193 17.62 -28.72 31.34
CA GLY B 193 17.07 -30.02 31.19
C GLY B 193 15.73 -30.21 31.80
N ASP B 194 14.72 -30.28 30.96
CA ASP B 194 13.40 -30.58 31.45
C ASP B 194 13.30 -32.05 31.67
N MET B 195 13.25 -32.44 32.93
CA MET B 195 13.32 -33.84 33.28
C MET B 195 12.08 -34.60 32.85
N GLY B 196 10.95 -33.92 32.79
CA GLY B 196 9.71 -34.59 32.45
C GLY B 196 9.49 -34.78 30.97
N LEU B 197 9.46 -33.69 30.24
CA LEU B 197 9.17 -33.74 28.82
C LEU B 197 10.41 -34.02 28.00
N GLY B 198 11.44 -33.21 28.22
CA GLY B 198 12.57 -33.11 27.31
C GLY B 198 13.62 -34.16 27.45
N VAL B 199 14.07 -34.43 28.65
CA VAL B 199 15.29 -35.20 28.84
C VAL B 199 15.30 -36.60 28.25
N PRO B 200 14.20 -37.33 28.39
CA PRO B 200 14.08 -38.64 27.75
C PRO B 200 14.24 -38.57 26.23
N PHE B 201 13.60 -37.59 25.61
CA PHE B 201 13.69 -37.40 24.18
C PHE B 201 15.13 -37.22 23.77
N ASN B 202 15.90 -36.51 24.60
CA ASN B 202 17.24 -36.12 24.23
C ASN B 202 18.20 -37.29 24.31
N ILE B 203 18.03 -38.09 25.34
CA ILE B 203 18.83 -39.29 25.51
C ILE B 203 18.78 -40.13 24.26
N ALA B 204 17.59 -40.27 23.70
CA ALA B 204 17.38 -41.09 22.53
C ALA B 204 18.01 -40.48 21.31
N SER B 205 18.22 -39.17 21.30
CA SER B 205 18.72 -38.52 20.11
C SER B 205 20.20 -38.68 20.00
N TYR B 206 20.89 -38.55 21.12
CA TYR B 206 22.33 -38.58 21.09
C TYR B 206 22.79 -40.02 21.12
N ALA B 207 21.94 -40.89 21.61
CA ALA B 207 22.15 -42.32 21.47
C ALA B 207 22.04 -42.65 19.99
N LEU B 208 20.97 -42.18 19.37
CA LEU B 208 20.79 -42.35 17.95
C LEU B 208 21.95 -41.75 17.21
N LEU B 209 22.23 -40.49 17.53
CA LEU B 209 23.33 -39.79 16.93
C LEU B 209 24.53 -40.67 16.97
N THR B 210 24.79 -41.20 18.16
CA THR B 210 25.97 -41.98 18.38
C THR B 210 25.94 -43.28 17.59
N TYR B 211 24.76 -43.87 17.43
CA TYR B 211 24.66 -45.10 16.67
C TYR B 211 25.01 -44.82 15.24
N MET B 212 24.67 -43.63 14.78
CA MET B 212 24.90 -43.27 13.41
C MET B 212 26.38 -43.19 13.11
N ILE B 213 27.10 -42.33 13.82
CA ILE B 213 28.50 -42.14 13.54
C ILE B 213 29.30 -43.40 13.76
N ALA B 214 28.75 -44.32 14.53
CA ALA B 214 29.45 -45.56 14.82
C ALA B 214 29.35 -46.49 13.65
N HIS B 215 28.22 -46.44 12.97
CA HIS B 215 28.02 -47.19 11.75
C HIS B 215 28.96 -46.70 10.67
N ILE B 216 28.74 -45.46 10.27
CA ILE B 216 29.61 -44.72 9.35
C ILE B 216 31.12 -44.97 9.51
N THR B 217 31.57 -45.28 10.71
CA THR B 217 33.00 -45.41 10.92
C THR B 217 33.40 -46.77 11.44
N GLY B 218 32.59 -47.78 11.18
CA GLY B 218 32.96 -49.15 11.51
C GLY B 218 33.21 -49.43 12.97
N LEU B 219 32.72 -48.57 13.85
CA LEU B 219 32.94 -48.69 15.29
C LEU B 219 31.75 -49.28 16.04
N LYS B 220 32.01 -49.91 17.17
CA LYS B 220 30.96 -50.41 18.04
C LYS B 220 30.61 -49.37 19.10
N PRO B 221 29.30 -49.09 19.27
CA PRO B 221 28.83 -48.11 20.24
C PRO B 221 29.15 -48.49 21.68
N GLY B 222 29.58 -47.51 22.47
CA GLY B 222 29.93 -47.74 23.85
C GLY B 222 28.94 -47.05 24.75
N ASP B 223 29.33 -45.92 25.31
CA ASP B 223 28.50 -45.20 26.28
C ASP B 223 27.99 -43.87 25.80
N PHE B 224 26.75 -43.55 26.15
CA PHE B 224 26.30 -42.19 26.13
C PHE B 224 26.35 -41.61 27.54
N ILE B 225 27.07 -40.53 27.71
CA ILE B 225 27.12 -39.87 29.00
C ILE B 225 26.31 -38.60 28.93
N HIS B 226 25.40 -38.44 29.88
CA HIS B 226 24.51 -37.28 29.91
C HIS B 226 24.86 -36.34 31.05
N THR B 227 25.28 -35.15 30.70
CA THR B 227 25.66 -34.17 31.68
C THR B 227 24.69 -33.02 31.67
N LEU B 228 24.35 -32.53 32.85
CA LEU B 228 23.34 -31.50 32.95
C LEU B 228 23.79 -30.30 33.75
N GLY B 229 23.28 -29.15 33.40
CA GLY B 229 23.48 -27.96 34.19
C GLY B 229 22.30 -27.75 35.12
N ASP B 230 21.28 -27.09 34.62
CA ASP B 230 20.06 -26.94 35.39
C ASP B 230 19.13 -28.09 35.13
N ALA B 231 19.23 -29.12 35.95
CA ALA B 231 18.26 -30.20 35.92
C ALA B 231 17.04 -29.75 36.69
N HIS B 232 15.90 -29.66 36.00
CA HIS B 232 14.69 -29.24 36.68
C HIS B 232 13.49 -30.08 36.35
N ILE B 233 12.54 -30.06 37.27
CA ILE B 233 11.18 -30.54 37.03
C ILE B 233 10.20 -29.39 37.11
N TYR B 234 9.38 -29.20 36.08
CA TYR B 234 8.35 -28.19 36.19
C TYR B 234 7.27 -28.64 37.14
N LEU B 235 6.85 -27.76 38.06
CA LEU B 235 5.86 -28.10 39.07
C LEU B 235 4.57 -28.75 38.55
N ASN B 236 4.16 -28.46 37.32
CA ASN B 236 3.00 -29.12 36.77
C ASN B 236 3.34 -30.50 36.25
N HIS B 237 4.56 -30.97 36.58
CA HIS B 237 5.05 -32.28 36.16
C HIS B 237 5.25 -33.20 37.35
N ILE B 238 5.21 -32.64 38.53
CA ILE B 238 5.56 -33.41 39.70
C ILE B 238 4.64 -34.58 39.89
N GLU B 239 3.34 -34.37 39.75
CA GLU B 239 2.41 -35.47 39.94
C GLU B 239 2.57 -36.53 38.86
N PRO B 240 2.55 -36.13 37.58
CA PRO B 240 2.79 -37.04 36.46
C PRO B 240 4.03 -37.90 36.62
N LEU B 241 5.15 -37.31 37.01
CA LEU B 241 6.37 -38.05 37.15
C LEU B 241 6.24 -39.03 38.30
N LYS B 242 5.54 -38.62 39.34
CA LYS B 242 5.39 -39.47 40.50
C LYS B 242 4.66 -40.72 40.11
N ILE B 243 3.73 -40.59 39.18
CA ILE B 243 3.03 -41.75 38.62
C ILE B 243 4.03 -42.70 37.98
N GLN B 244 4.79 -42.15 37.04
CA GLN B 244 5.79 -42.90 36.32
C GLN B 244 6.82 -43.55 37.24
N LEU B 245 6.96 -43.06 38.46
CA LEU B 245 7.94 -43.63 39.37
C LEU B 245 7.47 -44.94 39.97
N GLN B 246 6.19 -45.23 39.83
CA GLN B 246 5.66 -46.48 40.38
C GLN B 246 5.71 -47.62 39.35
N ARG B 247 6.45 -47.41 38.27
CA ARG B 247 6.45 -48.35 37.16
C ARG B 247 7.72 -49.20 37.16
N GLU B 248 7.57 -50.51 36.93
CA GLU B 248 8.74 -51.36 36.78
C GLU B 248 9.33 -51.11 35.41
N PRO B 249 10.61 -50.73 35.37
CA PRO B 249 11.31 -50.51 34.09
C PRO B 249 11.46 -51.81 33.35
N ARG B 250 10.90 -51.87 32.15
CA ARG B 250 11.05 -53.04 31.31
C ARG B 250 12.36 -52.92 30.53
N PRO B 251 12.85 -54.04 30.01
CA PRO B 251 14.12 -54.09 29.30
C PRO B 251 14.18 -53.17 28.09
N PHE B 252 15.29 -52.44 27.97
CA PHE B 252 15.55 -51.62 26.80
C PHE B 252 15.46 -52.40 25.51
N PRO B 253 15.01 -51.75 24.43
CA PRO B 253 14.99 -52.31 23.08
C PRO B 253 16.35 -52.29 22.39
N LYS B 254 16.43 -52.85 21.19
CA LYS B 254 17.65 -52.77 20.42
C LYS B 254 17.36 -52.09 19.10
N LEU B 255 18.39 -51.50 18.52
CA LEU B 255 18.27 -50.73 17.28
C LEU B 255 18.96 -51.39 16.10
N ARG B 256 18.24 -51.66 15.01
CA ARG B 256 18.87 -52.20 13.81
C ARG B 256 19.08 -51.13 12.76
N ILE B 257 20.24 -51.13 12.13
CA ILE B 257 20.44 -50.34 10.92
C ILE B 257 20.47 -51.26 9.71
N LEU B 258 19.47 -51.12 8.85
CA LEU B 258 19.11 -52.19 7.90
C LEU B 258 19.86 -52.21 6.58
N ARG B 259 20.94 -51.46 6.46
CA ARG B 259 21.73 -51.47 5.24
C ARG B 259 22.95 -50.61 5.44
N LYS B 260 24.05 -50.96 4.79
CA LYS B 260 25.27 -50.21 4.98
C LYS B 260 25.14 -48.82 4.36
N VAL B 261 25.44 -47.81 5.15
CA VAL B 261 25.38 -46.41 4.71
C VAL B 261 26.77 -45.81 4.74
N GLU B 262 27.15 -45.14 3.66
CA GLU B 262 28.52 -44.67 3.55
C GLU B 262 28.72 -43.23 4.04
N LYS B 263 27.85 -42.34 3.58
CA LYS B 263 27.92 -40.95 3.98
C LYS B 263 26.82 -40.69 5.00
N ILE B 264 27.10 -39.84 5.98
CA ILE B 264 26.15 -39.54 7.05
C ILE B 264 24.82 -39.02 6.51
N ASP B 265 24.87 -38.19 5.48
CA ASP B 265 23.68 -37.53 4.99
C ASP B 265 22.83 -38.49 4.17
N ASP B 266 23.41 -39.66 3.89
CA ASP B 266 22.75 -40.67 3.06
C ASP B 266 21.90 -41.58 3.91
N PHE B 267 21.59 -41.14 5.11
CA PHE B 267 20.72 -41.87 6.01
C PHE B 267 19.29 -41.58 5.69
N LYS B 268 18.46 -42.61 5.78
CA LYS B 268 17.03 -42.43 5.57
C LYS B 268 16.29 -42.89 6.82
N ALA B 269 15.09 -42.38 7.03
CA ALA B 269 14.29 -42.73 8.19
C ALA B 269 13.96 -44.21 8.17
N GLU B 270 13.95 -44.78 6.98
CA GLU B 270 13.57 -46.17 6.83
C GLU B 270 14.77 -47.07 6.95
N ASP B 271 15.90 -46.51 7.34
CA ASP B 271 17.11 -47.31 7.51
C ASP B 271 17.19 -47.86 8.91
N PHE B 272 16.26 -47.45 9.76
CA PHE B 272 16.28 -47.83 11.18
C PHE B 272 15.06 -48.63 11.61
N GLN B 273 15.30 -49.66 12.41
CA GLN B 273 14.23 -50.47 12.96
C GLN B 273 14.44 -50.54 14.46
N ILE B 274 13.45 -50.12 15.22
CA ILE B 274 13.48 -50.31 16.66
C ILE B 274 12.85 -51.66 16.98
N GLU B 275 13.41 -52.37 17.94
CA GLU B 275 13.13 -53.79 18.11
C GLU B 275 12.77 -54.17 19.54
N GLY B 276 11.50 -54.33 19.83
CA GLY B 276 11.11 -54.72 21.17
C GLY B 276 10.88 -53.51 22.05
N TYR B 277 10.18 -52.52 21.54
CA TYR B 277 9.87 -51.39 22.38
C TYR B 277 8.51 -51.58 23.03
N ASN B 278 8.55 -52.01 24.29
CA ASN B 278 7.35 -52.25 25.10
C ASN B 278 7.15 -51.22 26.20
N PRO B 279 6.99 -49.96 25.84
CA PRO B 279 6.97 -48.94 26.88
C PRO B 279 5.66 -48.96 27.66
N HIS B 280 5.67 -48.44 28.88
CA HIS B 280 4.42 -48.23 29.59
C HIS B 280 3.72 -47.12 28.86
N PRO B 281 2.41 -46.95 29.10
CA PRO B 281 1.68 -45.97 28.32
C PRO B 281 2.27 -44.58 28.45
N THR B 282 1.93 -43.71 27.51
CA THR B 282 2.31 -42.32 27.55
C THR B 282 1.80 -41.63 28.79
N ILE B 283 2.53 -40.61 29.23
CA ILE B 283 2.04 -39.70 30.25
C ILE B 283 2.06 -38.31 29.68
N LYS B 284 0.90 -37.68 29.68
CA LYS B 284 0.75 -36.34 29.14
C LYS B 284 1.39 -35.35 30.09
N MET B 285 2.40 -34.65 29.61
CA MET B 285 3.03 -33.61 30.39
C MET B 285 2.84 -32.29 29.67
N GLU B 286 2.21 -31.34 30.35
CA GLU B 286 1.98 -30.02 29.81
C GLU B 286 3.30 -29.38 29.41
N MET B 287 3.28 -28.63 28.32
CA MET B 287 4.49 -28.10 27.72
C MET B 287 4.70 -26.63 28.06
N ALA B 288 5.58 -26.38 29.03
CA ALA B 288 5.72 -25.04 29.58
C ALA B 288 6.28 -24.03 28.58
N VAL B 289 5.59 -23.82 27.47
CA VAL B 289 6.01 -22.82 26.51
C VAL B 289 5.43 -21.46 26.85
N MET C 1 -38.66 -7.90 15.16
CA MET C 1 -38.92 -6.77 14.27
C MET C 1 -38.88 -7.21 12.82
N PRO C 2 -39.29 -6.33 11.89
CA PRO C 2 -39.34 -6.61 10.45
C PRO C 2 -37.96 -6.69 9.83
N PRO C 3 -37.75 -7.59 8.85
CA PRO C 3 -36.44 -7.86 8.28
C PRO C 3 -35.76 -6.63 7.72
N HIS C 4 -34.45 -6.75 7.53
CA HIS C 4 -33.62 -5.69 7.01
C HIS C 4 -33.85 -5.57 5.53
N GLY C 5 -34.00 -4.34 5.07
CA GLY C 5 -34.40 -4.09 3.70
C GLY C 5 -33.36 -4.54 2.73
N GLU C 6 -32.09 -4.44 3.11
CA GLU C 6 -31.03 -4.79 2.20
C GLU C 6 -31.11 -6.27 1.85
N LEU C 7 -31.95 -6.98 2.58
CA LEU C 7 -32.14 -8.39 2.32
C LEU C 7 -32.90 -8.59 1.01
N GLN C 8 -33.58 -7.56 0.54
CA GLN C 8 -34.19 -7.62 -0.77
C GLN C 8 -33.16 -7.79 -1.83
N TYR C 9 -32.30 -6.79 -1.93
CA TYR C 9 -31.16 -6.81 -2.84
C TYR C 9 -30.38 -8.10 -2.76
N LEU C 10 -29.98 -8.44 -1.53
CA LEU C 10 -29.12 -9.59 -1.32
C LEU C 10 -29.80 -10.85 -1.81
N GLY C 11 -31.06 -11.02 -1.45
CA GLY C 11 -31.80 -12.18 -1.88
C GLY C 11 -31.93 -12.28 -3.38
N GLN C 12 -31.82 -11.14 -4.04
CA GLN C 12 -31.86 -11.11 -5.49
C GLN C 12 -30.57 -11.61 -6.09
N ILE C 13 -29.44 -11.19 -5.54
CA ILE C 13 -28.16 -11.78 -5.92
C ILE C 13 -28.24 -13.29 -5.90
N GLN C 14 -28.68 -13.83 -4.77
CA GLN C 14 -28.71 -15.26 -4.58
C GLN C 14 -29.66 -15.97 -5.51
N HIS C 15 -30.66 -15.25 -6.01
CA HIS C 15 -31.56 -15.83 -6.97
C HIS C 15 -30.90 -15.97 -8.32
N ILE C 16 -30.14 -14.96 -8.71
CA ILE C 16 -29.47 -14.99 -9.98
C ILE C 16 -28.33 -15.99 -10.02
N LEU C 17 -27.82 -16.37 -8.85
CA LEU C 17 -26.74 -17.33 -8.80
C LEU C 17 -27.22 -18.75 -8.96
N ARG C 18 -28.30 -19.11 -8.28
CA ARG C 18 -28.86 -20.45 -8.40
C ARG C 18 -29.62 -20.62 -9.71
N CYS C 19 -30.57 -19.73 -9.96
CA CYS C 19 -31.47 -19.87 -11.09
C CYS C 19 -31.11 -19.01 -12.29
N GLY C 20 -29.98 -18.31 -12.20
CA GLY C 20 -29.50 -17.53 -13.32
C GLY C 20 -29.17 -18.38 -14.52
N VAL C 21 -28.93 -17.74 -15.66
CA VAL C 21 -28.75 -18.45 -16.93
C VAL C 21 -27.62 -17.85 -17.74
N ARG C 22 -26.63 -18.67 -18.08
CA ARG C 22 -25.48 -18.18 -18.81
C ARG C 22 -25.94 -17.52 -20.11
N LYS C 23 -25.82 -16.20 -20.17
CA LYS C 23 -26.18 -15.45 -21.36
C LYS C 23 -25.00 -14.56 -21.72
N ASP C 24 -24.80 -14.32 -23.02
CA ASP C 24 -23.67 -13.51 -23.45
C ASP C 24 -24.08 -12.05 -23.57
N ASP C 25 -23.27 -11.23 -24.22
CA ASP C 25 -23.58 -9.82 -24.35
C ASP C 25 -22.55 -9.05 -25.16
N ARG C 26 -22.78 -7.74 -25.29
CA ARG C 26 -21.88 -6.86 -26.00
C ARG C 26 -20.48 -7.00 -25.44
N THR C 27 -20.30 -6.49 -24.23
CA THR C 27 -19.00 -6.47 -23.54
C THR C 27 -18.24 -7.79 -23.62
N GLY C 28 -18.90 -8.84 -24.08
CA GLY C 28 -18.25 -10.11 -24.36
C GLY C 28 -17.78 -10.83 -23.11
N THR C 29 -18.17 -10.30 -21.95
CA THR C 29 -17.81 -10.93 -20.70
C THR C 29 -18.67 -12.16 -20.44
N GLY C 30 -19.97 -12.01 -20.60
CA GLY C 30 -20.87 -13.08 -20.23
C GLY C 30 -21.46 -12.75 -18.88
N THR C 31 -22.56 -13.39 -18.54
CA THR C 31 -23.34 -13.03 -17.37
C THR C 31 -24.21 -14.18 -16.91
N LEU C 32 -24.59 -14.16 -15.64
CA LEU C 32 -25.72 -14.95 -15.18
C LEU C 32 -26.93 -14.03 -15.25
N SER C 33 -28.02 -14.51 -15.83
CA SER C 33 -29.11 -13.63 -16.19
C SER C 33 -30.49 -14.04 -15.67
N VAL C 34 -31.27 -13.07 -15.20
CA VAL C 34 -32.68 -13.26 -14.89
C VAL C 34 -33.53 -12.15 -15.46
N PHE C 35 -34.62 -12.49 -16.13
CA PHE C 35 -35.48 -11.48 -16.72
C PHE C 35 -36.74 -11.23 -15.92
N GLY C 36 -36.88 -10.02 -15.40
CA GLY C 36 -38.01 -9.66 -14.58
C GLY C 36 -37.79 -9.93 -13.11
N MET C 37 -37.56 -8.88 -12.33
CA MET C 37 -37.48 -8.99 -10.89
C MET C 37 -38.02 -7.73 -10.24
N GLN C 38 -38.14 -7.78 -8.92
CA GLN C 38 -38.70 -6.67 -8.17
C GLN C 38 -38.30 -6.72 -6.70
N ALA C 39 -38.05 -5.55 -6.15
CA ALA C 39 -37.70 -5.44 -4.74
C ALA C 39 -38.34 -4.20 -4.16
N ARG C 40 -38.71 -4.26 -2.90
CA ARG C 40 -39.27 -3.12 -2.23
C ARG C 40 -38.38 -2.68 -1.10
N TYR C 41 -38.11 -1.39 -1.02
CA TYR C 41 -37.28 -0.84 0.03
C TYR C 41 -38.01 0.31 0.70
N SER C 42 -38.23 0.20 2.01
CA SER C 42 -38.94 1.24 2.72
C SER C 42 -38.09 2.50 2.83
N LEU C 43 -38.72 3.64 2.73
CA LEU C 43 -38.02 4.90 2.91
C LEU C 43 -38.35 5.56 4.23
N ARG C 44 -39.16 4.89 5.03
CA ARG C 44 -39.67 5.46 6.25
C ARG C 44 -38.66 5.41 7.37
N ASP C 45 -38.18 6.60 7.75
CA ASP C 45 -37.21 6.73 8.81
C ASP C 45 -36.01 5.83 8.54
N GLU C 46 -35.61 5.73 7.28
CA GLU C 46 -34.33 5.10 6.90
C GLU C 46 -33.98 5.42 5.47
N PHE C 47 -32.77 5.07 5.06
CA PHE C 47 -32.32 5.30 3.70
C PHE C 47 -31.48 4.16 3.15
N PRO C 48 -32.00 3.46 2.13
CA PRO C 48 -31.46 2.28 1.47
C PRO C 48 -30.18 2.52 0.72
N LEU C 49 -29.15 2.96 1.41
CA LEU C 49 -27.80 2.98 0.88
C LEU C 49 -27.16 1.69 1.34
N LEU C 50 -26.67 0.88 0.42
CA LEU C 50 -26.26 -0.46 0.78
C LEU C 50 -25.00 -0.49 1.62
N THR C 51 -24.89 -1.52 2.46
CA THR C 51 -23.88 -1.56 3.50
C THR C 51 -22.88 -2.68 3.31
N THR C 52 -23.29 -3.75 2.64
CA THR C 52 -22.43 -4.90 2.51
C THR C 52 -21.31 -4.55 1.56
N LYS C 53 -21.49 -3.46 0.81
CA LYS C 53 -20.46 -2.83 0.00
C LYS C 53 -20.69 -1.35 0.10
N ARG C 54 -19.63 -0.55 0.05
CA ARG C 54 -19.81 0.88 0.11
C ARG C 54 -20.40 1.39 -1.20
N VAL C 55 -21.28 2.36 -1.12
CA VAL C 55 -21.84 2.97 -2.31
C VAL C 55 -21.20 4.32 -2.57
N PHE C 56 -21.06 4.67 -3.83
CA PHE C 56 -20.47 5.94 -4.20
C PHE C 56 -21.47 7.08 -4.02
N TRP C 57 -21.79 7.39 -2.78
CA TRP C 57 -22.78 8.40 -2.46
C TRP C 57 -22.46 9.80 -2.99
N LYS C 58 -21.19 10.15 -3.17
CA LYS C 58 -20.90 11.44 -3.75
C LYS C 58 -21.51 11.45 -5.13
N GLY C 59 -21.27 10.38 -5.85
CA GLY C 59 -21.72 10.27 -7.22
C GLY C 59 -23.23 10.27 -7.31
N VAL C 60 -23.84 9.57 -6.37
CA VAL C 60 -25.28 9.43 -6.40
C VAL C 60 -25.90 10.80 -6.27
N LEU C 61 -25.35 11.60 -5.39
CA LEU C 61 -25.93 12.88 -5.05
C LEU C 61 -25.67 13.91 -6.13
N GLU C 62 -24.41 14.07 -6.48
CA GLU C 62 -24.03 15.05 -7.49
C GLU C 62 -24.64 14.71 -8.84
N GLU C 63 -24.62 13.44 -9.21
CA GLU C 63 -25.14 13.03 -10.50
C GLU C 63 -26.61 13.36 -10.64
N LEU C 64 -27.35 13.21 -9.55
CA LEU C 64 -28.75 13.52 -9.55
C LEU C 64 -28.98 14.99 -9.82
N LEU C 65 -28.23 15.83 -9.11
CA LEU C 65 -28.35 17.27 -9.28
C LEU C 65 -28.03 17.62 -10.71
N TRP C 66 -27.10 16.89 -11.27
CA TRP C 66 -26.67 17.11 -12.63
C TRP C 66 -27.82 16.83 -13.58
N PHE C 67 -28.68 15.92 -13.17
CA PHE C 67 -29.88 15.63 -13.93
C PHE C 67 -30.88 16.72 -13.72
N ILE C 68 -31.09 17.09 -12.46
CA ILE C 68 -32.15 18.02 -12.17
C ILE C 68 -31.95 19.37 -12.83
N LYS C 69 -30.72 19.71 -13.20
CA LYS C 69 -30.56 20.95 -13.95
C LYS C 69 -30.59 20.63 -15.42
N GLY C 70 -30.65 19.36 -15.74
CA GLY C 70 -30.84 18.93 -17.11
C GLY C 70 -29.60 18.92 -17.96
N SER C 71 -28.46 18.61 -17.37
CA SER C 71 -27.25 18.62 -18.16
C SER C 71 -27.05 17.30 -18.89
N THR C 72 -26.49 17.38 -20.08
CA THR C 72 -26.01 16.20 -20.77
C THR C 72 -24.53 16.39 -21.00
N ASN C 73 -23.88 17.02 -20.04
CA ASN C 73 -22.48 17.37 -20.18
C ASN C 73 -21.67 16.56 -19.21
N ALA C 74 -20.95 15.57 -19.72
CA ALA C 74 -20.22 14.67 -18.85
C ALA C 74 -19.21 15.47 -18.07
N LYS C 75 -18.55 16.40 -18.76
CA LYS C 75 -17.51 17.21 -18.17
C LYS C 75 -18.00 18.04 -17.02
N GLU C 76 -19.27 18.41 -17.05
CA GLU C 76 -19.85 19.24 -16.02
C GLU C 76 -20.03 18.46 -14.74
N LEU C 77 -20.11 17.13 -14.88
CA LEU C 77 -20.21 16.25 -13.74
C LEU C 77 -18.82 15.88 -13.29
N SER C 78 -18.06 15.36 -14.23
CA SER C 78 -16.68 14.98 -14.04
C SER C 78 -15.88 16.02 -13.28
N SER C 79 -16.29 17.26 -13.41
CA SER C 79 -15.59 18.36 -12.78
C SER C 79 -15.83 18.29 -11.30
N LYS C 80 -16.86 17.57 -10.89
CA LYS C 80 -17.13 17.42 -9.48
C LYS C 80 -16.44 16.17 -8.92
N GLY C 81 -15.58 15.57 -9.71
CA GLY C 81 -14.86 14.38 -9.27
C GLY C 81 -15.74 13.16 -9.34
N VAL C 82 -16.61 13.13 -10.33
CA VAL C 82 -17.47 11.98 -10.56
C VAL C 82 -17.25 11.42 -11.95
N LYS C 83 -16.31 10.48 -12.05
CA LYS C 83 -15.82 10.05 -13.35
C LYS C 83 -16.64 8.94 -13.97
N ILE C 84 -17.91 8.83 -13.61
CA ILE C 84 -18.68 7.71 -14.08
C ILE C 84 -19.04 7.83 -15.54
N TRP C 85 -19.47 9.01 -15.97
CA TRP C 85 -19.97 9.18 -17.33
C TRP C 85 -18.89 9.61 -18.30
N ASP C 86 -17.65 9.55 -17.88
CA ASP C 86 -16.60 10.10 -18.70
C ASP C 86 -16.16 9.17 -19.82
N ALA C 87 -16.15 7.87 -19.52
CA ALA C 87 -15.83 6.87 -20.53
C ALA C 87 -16.69 7.13 -21.75
N ASN C 88 -17.98 7.27 -21.52
CA ASN C 88 -18.92 7.55 -22.59
C ASN C 88 -18.88 8.99 -23.05
N GLY C 89 -18.13 9.83 -22.36
CA GLY C 89 -18.00 11.20 -22.78
C GLY C 89 -16.81 11.39 -23.68
N SER C 90 -15.81 10.54 -23.48
CA SER C 90 -14.51 10.66 -24.14
C SER C 90 -14.62 10.90 -25.62
N ARG C 91 -13.71 11.72 -26.14
CA ARG C 91 -13.64 11.99 -27.57
C ARG C 91 -13.61 10.71 -28.37
N ASP C 92 -12.75 9.79 -27.95
CA ASP C 92 -12.59 8.53 -28.66
C ASP C 92 -13.91 7.77 -28.72
N PHE C 93 -14.60 7.71 -27.59
CA PHE C 93 -15.84 6.96 -27.57
C PHE C 93 -16.96 7.66 -28.28
N LEU C 94 -16.92 8.98 -28.34
CA LEU C 94 -17.88 9.71 -29.14
C LEU C 94 -17.51 9.57 -30.61
N ASP C 95 -16.28 9.17 -30.86
CA ASP C 95 -15.77 9.07 -32.22
C ASP C 95 -16.19 7.76 -32.82
N SER C 96 -16.23 6.73 -31.99
CA SER C 96 -16.58 5.42 -32.44
C SER C 96 -18.01 5.41 -32.91
N LEU C 97 -18.78 6.35 -32.40
CA LEU C 97 -20.22 6.39 -32.61
C LEU C 97 -20.67 7.23 -33.81
N GLY C 98 -19.78 8.02 -34.37
CA GLY C 98 -20.10 8.82 -35.54
C GLY C 98 -20.19 10.29 -35.23
N PHE C 99 -19.83 10.64 -34.00
CA PHE C 99 -19.99 11.98 -33.52
C PHE C 99 -18.67 12.69 -33.62
N SER C 100 -18.15 12.74 -34.84
CA SER C 100 -16.87 13.37 -35.08
C SER C 100 -16.97 14.87 -34.83
N THR C 101 -18.19 15.33 -34.59
CA THR C 101 -18.50 16.76 -34.64
C THR C 101 -19.01 17.29 -33.29
N ARG C 102 -18.85 16.47 -32.27
CA ARG C 102 -19.27 16.80 -30.92
C ARG C 102 -18.11 17.20 -30.05
N GLU C 103 -18.35 18.16 -29.17
CA GLU C 103 -17.36 18.54 -28.19
C GLU C 103 -17.31 17.49 -27.10
N GLU C 104 -16.11 17.12 -26.70
CA GLU C 104 -15.90 15.98 -25.80
C GLU C 104 -16.64 16.15 -24.49
N GLY C 105 -17.36 15.11 -24.08
CA GLY C 105 -18.21 15.17 -22.90
C GLY C 105 -19.69 15.27 -23.25
N ASP C 106 -19.96 15.54 -24.52
CA ASP C 106 -21.31 15.74 -25.01
C ASP C 106 -22.04 14.43 -25.14
N LEU C 107 -22.88 14.13 -24.17
CA LEU C 107 -23.51 12.82 -24.08
C LEU C 107 -24.72 12.62 -24.99
N GLY C 108 -25.18 13.67 -25.64
CA GLY C 108 -26.40 13.57 -26.40
C GLY C 108 -27.60 13.67 -25.48
N PRO C 109 -28.81 13.55 -26.03
CA PRO C 109 -30.03 13.85 -25.29
C PRO C 109 -30.40 12.80 -24.27
N VAL C 110 -29.67 12.73 -23.17
CA VAL C 110 -29.86 11.66 -22.22
C VAL C 110 -30.75 12.07 -21.06
N TYR C 111 -30.53 11.50 -19.88
CA TYR C 111 -31.41 11.70 -18.74
C TYR C 111 -31.72 13.17 -18.43
N GLY C 112 -30.70 13.99 -18.30
CA GLY C 112 -30.94 15.39 -18.01
C GLY C 112 -31.93 15.99 -18.98
N PHE C 113 -31.83 15.60 -20.24
CA PHE C 113 -32.60 16.24 -21.31
C PHE C 113 -34.05 15.80 -21.41
N GLN C 114 -34.32 14.54 -21.18
CA GLN C 114 -35.67 14.03 -21.30
C GLN C 114 -36.52 14.40 -20.10
N TRP C 115 -35.88 14.70 -18.98
CA TRP C 115 -36.61 15.06 -17.77
C TRP C 115 -37.15 16.47 -17.81
N ARG C 116 -36.49 17.32 -18.57
CA ARG C 116 -36.78 18.73 -18.53
C ARG C 116 -37.23 19.26 -19.87
N HIS C 117 -36.76 18.67 -20.96
CA HIS C 117 -37.06 19.19 -22.27
C HIS C 117 -37.44 18.09 -23.24
N PHE C 118 -38.27 17.16 -22.80
CA PHE C 118 -38.61 16.04 -23.65
C PHE C 118 -39.28 16.49 -24.93
N GLY C 119 -38.81 15.95 -26.04
CA GLY C 119 -39.45 16.23 -27.30
C GLY C 119 -38.81 17.37 -28.05
N ALA C 120 -38.04 18.18 -27.36
CA ALA C 120 -37.38 19.28 -28.02
C ALA C 120 -36.40 18.73 -29.02
N GLU C 121 -36.01 19.53 -30.00
CA GLU C 121 -35.01 19.09 -30.97
C GLU C 121 -33.61 19.29 -30.41
N TYR C 122 -32.93 18.19 -30.11
CA TYR C 122 -31.62 18.28 -29.46
C TYR C 122 -30.55 18.77 -30.42
N ARG C 123 -30.04 19.97 -30.17
CA ARG C 123 -28.92 20.52 -30.94
C ARG C 123 -27.58 20.08 -30.33
N ASP C 124 -27.10 20.76 -29.29
CA ASP C 124 -25.95 20.22 -28.55
C ASP C 124 -25.96 20.58 -27.07
N MET C 125 -25.00 20.05 -26.34
CA MET C 125 -25.06 20.10 -24.89
C MET C 125 -25.04 21.49 -24.31
N GLU C 126 -24.48 22.44 -25.02
CA GLU C 126 -24.38 23.78 -24.48
C GLU C 126 -25.42 24.75 -25.07
N SER C 127 -26.51 24.23 -25.59
CA SER C 127 -27.54 25.06 -26.24
C SER C 127 -28.67 25.48 -25.32
N ASP C 128 -29.45 26.47 -25.76
CA ASP C 128 -30.55 26.99 -24.98
C ASP C 128 -31.84 26.27 -25.34
N TYR C 129 -32.42 25.61 -24.35
CA TYR C 129 -33.61 24.82 -24.56
C TYR C 129 -34.75 25.35 -23.74
N SER C 130 -34.61 26.59 -23.30
CA SER C 130 -35.56 27.13 -22.33
C SER C 130 -36.91 27.36 -22.98
N GLY C 131 -37.92 26.69 -22.43
CA GLY C 131 -39.27 26.75 -22.95
C GLY C 131 -39.60 25.65 -23.92
N GLN C 132 -38.56 24.91 -24.32
CA GLN C 132 -38.65 23.87 -25.33
C GLN C 132 -38.93 22.48 -24.76
N GLY C 133 -39.83 21.75 -25.38
CA GLY C 133 -40.08 20.37 -25.00
C GLY C 133 -40.97 20.26 -23.79
N VAL C 134 -41.00 19.08 -23.16
CA VAL C 134 -41.85 18.83 -22.01
C VAL C 134 -41.07 18.63 -20.72
N ASP C 135 -41.39 19.42 -19.71
CA ASP C 135 -40.69 19.39 -18.44
C ASP C 135 -41.34 18.42 -17.49
N GLN C 136 -41.05 17.15 -17.68
CA GLN C 136 -41.72 16.09 -16.96
C GLN C 136 -41.55 16.23 -15.49
N LEU C 137 -40.37 16.69 -15.09
CA LEU C 137 -40.03 16.76 -13.68
C LEU C 137 -41.00 17.66 -12.95
N GLN C 138 -41.16 18.87 -13.46
CA GLN C 138 -42.02 19.83 -12.80
C GLN C 138 -43.47 19.39 -12.81
N ARG C 139 -43.96 18.99 -13.98
CA ARG C 139 -45.35 18.56 -14.10
C ARG C 139 -45.65 17.48 -13.11
N VAL C 140 -44.70 16.56 -12.93
CA VAL C 140 -44.84 15.52 -11.93
C VAL C 140 -45.01 16.15 -10.57
N ILE C 141 -44.09 17.02 -10.20
CA ILE C 141 -44.21 17.75 -8.95
C ILE C 141 -45.56 18.46 -8.84
N ASP C 142 -45.87 19.30 -9.81
CA ASP C 142 -47.13 20.03 -9.80
C ASP C 142 -48.33 19.11 -9.66
N THR C 143 -48.23 17.93 -10.25
CA THR C 143 -49.35 17.00 -10.23
C THR C 143 -49.52 16.44 -8.82
N ILE C 144 -48.42 16.16 -8.15
CA ILE C 144 -48.48 15.69 -6.78
C ILE C 144 -49.00 16.75 -5.82
N LYS C 145 -49.05 17.99 -6.28
CA LYS C 145 -49.45 19.08 -5.42
C LYS C 145 -50.94 19.29 -5.49
N THR C 146 -51.53 19.03 -6.64
CA THR C 146 -52.95 19.33 -6.80
C THR C 146 -53.76 18.11 -7.17
N ASN C 147 -53.11 16.97 -7.34
CA ASN C 147 -53.83 15.75 -7.65
C ASN C 147 -53.08 14.48 -7.30
N PRO C 148 -52.76 14.30 -6.02
CA PRO C 148 -52.08 13.15 -5.42
C PRO C 148 -52.65 11.79 -5.81
N ASP C 149 -53.84 11.75 -6.39
CA ASP C 149 -54.49 10.48 -6.68
C ASP C 149 -54.21 9.99 -8.10
N ASP C 150 -53.51 10.82 -8.86
CA ASP C 150 -53.19 10.51 -10.24
C ASP C 150 -52.49 9.18 -10.33
N ARG C 151 -52.88 8.38 -11.33
CA ARG C 151 -52.20 7.12 -11.62
C ARG C 151 -51.29 7.32 -12.81
N ARG C 152 -50.76 8.52 -12.94
CA ARG C 152 -50.12 8.88 -14.18
C ARG C 152 -48.93 9.73 -13.92
N ILE C 153 -48.54 9.80 -12.66
CA ILE C 153 -47.40 10.61 -12.31
C ILE C 153 -46.17 9.89 -12.75
N ILE C 154 -45.78 10.18 -13.98
CA ILE C 154 -44.75 9.42 -14.66
C ILE C 154 -43.74 10.34 -15.29
N MET C 155 -42.52 9.84 -15.36
CA MET C 155 -41.42 10.54 -15.97
C MET C 155 -40.66 9.53 -16.80
N CYS C 156 -40.63 9.73 -18.11
CA CYS C 156 -40.05 8.74 -18.99
C CYS C 156 -38.75 9.23 -19.62
N ALA C 157 -37.77 8.34 -19.70
CA ALA C 157 -36.50 8.72 -20.27
C ALA C 157 -36.35 8.10 -21.65
N TRP C 158 -37.16 7.08 -21.91
CA TRP C 158 -37.10 6.41 -23.20
C TRP C 158 -37.74 7.26 -24.26
N ASN C 159 -36.92 7.67 -25.22
CA ASN C 159 -37.39 8.41 -26.36
C ASN C 159 -36.76 7.81 -27.57
N PRO C 160 -37.49 6.94 -28.27
CA PRO C 160 -37.00 6.32 -29.49
C PRO C 160 -36.43 7.33 -30.50
N ARG C 161 -37.12 8.44 -30.76
CA ARG C 161 -36.66 9.39 -31.78
C ARG C 161 -35.27 9.92 -31.48
N ASP C 162 -35.01 10.20 -30.20
CA ASP C 162 -33.72 10.72 -29.76
C ASP C 162 -32.65 9.64 -29.61
N LEU C 163 -33.07 8.38 -29.62
CA LEU C 163 -32.21 7.28 -29.24
C LEU C 163 -30.83 7.24 -29.89
N PRO C 164 -30.78 7.35 -31.22
CA PRO C 164 -29.51 7.26 -31.96
C PRO C 164 -28.51 8.38 -31.62
N LEU C 165 -28.99 9.43 -30.99
CA LEU C 165 -28.17 10.60 -30.70
C LEU C 165 -27.53 10.49 -29.32
N MET C 166 -28.03 9.58 -28.50
CA MET C 166 -27.47 9.39 -27.18
C MET C 166 -26.19 8.60 -27.23
N ALA C 167 -25.27 8.94 -26.35
CA ALA C 167 -24.05 8.18 -26.24
C ALA C 167 -24.41 6.75 -25.92
N LEU C 168 -25.27 6.60 -24.91
CA LEU C 168 -25.77 5.30 -24.46
C LEU C 168 -27.27 5.40 -24.16
N PRO C 169 -28.03 4.38 -24.56
CA PRO C 169 -29.47 4.35 -24.27
C PRO C 169 -29.76 4.20 -22.78
N PRO C 170 -30.73 4.97 -22.27
CA PRO C 170 -31.06 4.98 -20.86
C PRO C 170 -31.31 3.60 -20.27
N CYS C 171 -31.01 3.47 -18.99
CA CYS C 171 -31.21 2.23 -18.26
C CYS C 171 -32.48 2.29 -17.45
N HIS C 172 -32.78 3.49 -16.98
CA HIS C 172 -34.04 3.75 -16.32
C HIS C 172 -34.99 4.35 -17.35
N ALA C 173 -35.83 3.52 -17.95
CA ALA C 173 -36.70 4.00 -19.00
C ALA C 173 -37.72 4.98 -18.42
N LEU C 174 -38.46 4.55 -17.42
CA LEU C 174 -39.38 5.46 -16.77
C LEU C 174 -39.49 5.17 -15.29
N CYS C 175 -40.01 6.13 -14.55
CA CYS C 175 -40.40 5.88 -13.18
C CYS C 175 -41.78 6.44 -12.97
N GLN C 176 -42.43 6.00 -11.91
CA GLN C 176 -43.78 6.44 -11.64
C GLN C 176 -43.90 6.73 -10.19
N PHE C 177 -44.61 7.80 -9.89
CA PHE C 177 -44.75 8.23 -8.51
C PHE C 177 -46.17 8.00 -8.06
N TYR C 178 -46.33 7.93 -6.76
CA TYR C 178 -47.55 7.43 -6.18
C TYR C 178 -47.78 8.11 -4.85
N VAL C 179 -49.01 8.54 -4.60
CA VAL C 179 -49.28 9.12 -3.31
C VAL C 179 -50.48 8.48 -2.67
N VAL C 180 -50.39 8.33 -1.36
CA VAL C 180 -51.52 7.89 -0.58
C VAL C 180 -51.20 8.22 0.86
N ASN C 181 -52.22 8.63 1.61
CA ASN C 181 -52.04 8.98 3.02
C ASN C 181 -50.84 9.88 3.24
N SER C 182 -50.67 10.84 2.35
CA SER C 182 -49.59 11.80 2.45
C SER C 182 -48.21 11.15 2.43
N GLU C 183 -48.12 9.93 1.91
CA GLU C 183 -46.83 9.28 1.70
C GLU C 183 -46.51 9.19 0.22
N LEU C 184 -45.26 9.42 -0.12
CA LEU C 184 -44.87 9.45 -1.51
C LEU C 184 -44.03 8.26 -1.90
N SER C 185 -44.58 7.39 -2.74
CA SER C 185 -43.83 6.23 -3.24
C SER C 185 -43.36 6.40 -4.67
N CYS C 186 -42.32 5.67 -5.03
CA CYS C 186 -41.77 5.67 -6.38
C CYS C 186 -41.44 4.26 -6.81
N GLN C 187 -41.84 3.90 -8.02
CA GLN C 187 -41.34 2.67 -8.62
C GLN C 187 -40.62 2.99 -9.88
N LEU C 188 -39.47 2.37 -10.07
CA LEU C 188 -38.68 2.61 -11.24
C LEU C 188 -38.55 1.36 -12.07
N TYR C 189 -38.65 1.52 -13.38
CA TYR C 189 -38.42 0.40 -14.26
C TYR C 189 -37.07 0.53 -14.91
N GLN C 190 -36.13 -0.30 -14.45
CA GLN C 190 -34.78 -0.30 -14.94
C GLN C 190 -34.59 -1.46 -15.87
N ARG C 191 -34.29 -1.16 -17.14
CA ARG C 191 -34.33 -2.16 -18.19
C ARG C 191 -33.21 -3.17 -18.12
N SER C 192 -32.10 -2.75 -17.55
CA SER C 192 -30.93 -3.57 -17.48
C SER C 192 -30.07 -3.08 -16.35
N GLY C 193 -29.74 -3.96 -15.42
CA GLY C 193 -29.01 -3.51 -14.25
C GLY C 193 -27.94 -4.47 -13.80
N ASP C 194 -26.72 -3.95 -13.68
CA ASP C 194 -25.62 -4.76 -13.21
C ASP C 194 -25.64 -4.91 -11.72
N MET C 195 -26.21 -6.01 -11.24
CA MET C 195 -26.41 -6.23 -9.82
C MET C 195 -25.18 -5.93 -9.01
N GLY C 196 -24.03 -6.31 -9.55
CA GLY C 196 -22.77 -6.11 -8.86
C GLY C 196 -22.45 -4.65 -8.71
N LEU C 197 -22.04 -4.03 -9.81
CA LEU C 197 -21.53 -2.68 -9.76
C LEU C 197 -22.61 -1.61 -9.79
N GLY C 198 -23.60 -1.76 -10.68
CA GLY C 198 -24.52 -0.68 -10.95
C GLY C 198 -25.77 -0.49 -10.10
N VAL C 199 -26.34 -1.58 -9.62
CA VAL C 199 -27.70 -1.51 -9.10
C VAL C 199 -27.83 -0.80 -7.76
N PRO C 200 -26.93 -1.09 -6.83
CA PRO C 200 -26.94 -0.34 -5.58
C PRO C 200 -26.93 1.16 -5.81
N PHE C 201 -26.15 1.61 -6.79
CA PHE C 201 -26.09 3.02 -7.13
C PHE C 201 -27.44 3.57 -7.54
N ASN C 202 -28.13 2.83 -8.39
CA ASN C 202 -29.40 3.28 -8.93
C ASN C 202 -30.44 3.28 -7.85
N ILE C 203 -30.35 2.30 -6.96
CA ILE C 203 -31.28 2.24 -5.86
C ILE C 203 -31.15 3.51 -5.07
N ALA C 204 -29.92 3.86 -4.79
CA ALA C 204 -29.66 5.02 -3.97
C ALA C 204 -30.22 6.28 -4.59
N SER C 205 -30.12 6.39 -5.90
CA SER C 205 -30.53 7.61 -6.59
C SER C 205 -32.01 7.85 -6.49
N TYR C 206 -32.79 6.83 -6.81
CA TYR C 206 -34.22 7.05 -6.89
C TYR C 206 -34.81 7.11 -5.50
N ALA C 207 -34.13 6.51 -4.54
CA ALA C 207 -34.46 6.76 -3.14
C ALA C 207 -34.27 8.24 -2.81
N LEU C 208 -33.13 8.78 -3.19
CA LEU C 208 -32.83 10.19 -2.94
C LEU C 208 -33.82 11.09 -3.66
N LEU C 209 -34.10 10.79 -4.91
CA LEU C 209 -35.08 11.54 -5.69
C LEU C 209 -36.40 11.62 -4.98
N THR C 210 -36.91 10.47 -4.59
CA THR C 210 -38.15 10.42 -3.84
C THR C 210 -38.07 11.30 -2.61
N TYR C 211 -36.90 11.38 -2.00
CA TYR C 211 -36.75 12.16 -0.80
C TYR C 211 -36.84 13.64 -1.12
N MET C 212 -36.26 14.03 -2.24
CA MET C 212 -36.26 15.44 -2.63
C MET C 212 -37.68 15.90 -2.86
N ILE C 213 -38.35 15.28 -3.81
CA ILE C 213 -39.72 15.60 -4.16
C ILE C 213 -40.63 15.64 -2.96
N ALA C 214 -40.61 14.59 -2.15
CA ALA C 214 -41.44 14.51 -0.97
C ALA C 214 -41.33 15.76 -0.12
N HIS C 215 -40.10 16.27 -0.05
CA HIS C 215 -39.76 17.47 0.69
C HIS C 215 -40.36 18.71 0.04
N ILE C 216 -40.24 18.77 -1.27
CA ILE C 216 -40.76 19.88 -2.04
C ILE C 216 -42.28 19.93 -1.97
N THR C 217 -42.88 18.78 -1.68
CA THR C 217 -44.33 18.63 -1.75
C THR C 217 -44.94 18.39 -0.38
N GLY C 218 -44.10 18.26 0.61
CA GLY C 218 -44.57 18.22 1.98
C GLY C 218 -45.19 16.90 2.35
N LEU C 219 -44.61 15.83 1.84
CA LEU C 219 -45.10 14.49 2.17
C LEU C 219 -44.07 13.65 2.89
N LYS C 220 -44.52 12.54 3.44
CA LYS C 220 -43.65 11.58 4.05
C LYS C 220 -43.20 10.63 2.98
N PRO C 221 -41.90 10.36 2.92
CA PRO C 221 -41.36 9.39 1.98
C PRO C 221 -41.79 7.99 2.37
N GLY C 222 -42.18 7.17 1.42
CA GLY C 222 -42.80 5.89 1.71
C GLY C 222 -42.03 4.69 1.21
N ASP C 223 -42.35 4.22 0.01
CA ASP C 223 -41.68 3.06 -0.57
C ASP C 223 -40.93 3.40 -1.84
N PHE C 224 -39.82 2.71 -2.07
CA PHE C 224 -39.20 2.69 -3.40
C PHE C 224 -39.19 1.30 -3.98
N ILE C 225 -39.86 1.14 -5.11
CA ILE C 225 -39.94 -0.17 -5.72
C ILE C 225 -38.97 -0.26 -6.87
N HIS C 226 -38.18 -1.32 -6.89
CA HIS C 226 -37.15 -1.44 -7.89
C HIS C 226 -37.48 -2.57 -8.84
N THR C 227 -37.72 -2.22 -10.10
CA THR C 227 -38.11 -3.21 -11.07
C THR C 227 -37.04 -3.42 -12.12
N LEU C 228 -36.87 -4.66 -12.53
CA LEU C 228 -35.79 -5.00 -13.42
C LEU C 228 -36.22 -5.85 -14.61
N GLY C 229 -35.59 -5.62 -15.75
CA GLY C 229 -35.77 -6.49 -16.88
C GLY C 229 -34.64 -7.49 -16.89
N ASP C 230 -33.51 -7.10 -17.44
CA ASP C 230 -32.38 -7.99 -17.52
C ASP C 230 -31.52 -7.80 -16.30
N ALA C 231 -31.86 -8.51 -15.24
CA ALA C 231 -31.07 -8.51 -14.03
C ALA C 231 -29.92 -9.45 -14.20
N HIS C 232 -28.69 -8.96 -14.13
CA HIS C 232 -27.56 -9.84 -14.41
C HIS C 232 -26.37 -9.65 -13.52
N ILE C 233 -25.52 -10.66 -13.49
CA ILE C 233 -24.23 -10.60 -12.83
C ILE C 233 -23.17 -10.95 -13.86
N TYR C 234 -22.15 -10.13 -14.01
CA TYR C 234 -21.07 -10.50 -14.91
C TYR C 234 -20.28 -11.61 -14.26
N LEU C 235 -19.63 -12.41 -15.09
CA LEU C 235 -18.98 -13.60 -14.60
C LEU C 235 -17.69 -13.24 -13.86
N ASN C 236 -17.18 -12.04 -14.07
CA ASN C 236 -16.04 -11.64 -13.30
C ASN C 236 -16.50 -11.12 -11.95
N HIS C 237 -17.72 -10.59 -11.92
CA HIS C 237 -18.28 -10.03 -10.69
C HIS C 237 -18.66 -11.09 -9.66
N ILE C 238 -18.69 -12.35 -10.05
CA ILE C 238 -19.28 -13.36 -9.20
C ILE C 238 -18.52 -13.59 -7.93
N GLU C 239 -17.27 -13.99 -8.07
CA GLU C 239 -16.45 -14.30 -6.90
C GLU C 239 -16.56 -13.19 -5.88
N PRO C 240 -16.31 -11.95 -6.32
CA PRO C 240 -16.44 -10.77 -5.47
C PRO C 240 -17.80 -10.69 -4.77
N LEU C 241 -18.85 -11.15 -5.41
CA LEU C 241 -20.16 -11.08 -4.78
C LEU C 241 -20.31 -12.23 -3.82
N LYS C 242 -19.85 -13.40 -4.23
CA LYS C 242 -19.87 -14.58 -3.38
C LYS C 242 -19.31 -14.22 -2.01
N ILE C 243 -18.33 -13.34 -2.02
CA ILE C 243 -17.71 -12.84 -0.81
C ILE C 243 -18.62 -11.93 -0.01
N GLN C 244 -19.22 -10.97 -0.70
CA GLN C 244 -20.05 -9.96 -0.06
C GLN C 244 -21.32 -10.54 0.54
N LEU C 245 -21.67 -11.76 0.16
CA LEU C 245 -22.86 -12.39 0.67
C LEU C 245 -22.66 -12.88 2.09
N GLN C 246 -21.40 -13.10 2.47
CA GLN C 246 -21.07 -13.52 3.82
C GLN C 246 -21.38 -12.44 4.85
N ARG C 247 -21.16 -11.19 4.46
CA ARG C 247 -21.36 -10.05 5.32
C ARG C 247 -22.81 -9.86 5.71
N GLU C 248 -23.04 -9.63 7.00
CA GLU C 248 -24.37 -9.31 7.48
C GLU C 248 -24.58 -7.81 7.56
N PRO C 249 -25.68 -7.32 6.99
CA PRO C 249 -26.05 -5.91 6.88
C PRO C 249 -26.00 -5.13 8.18
N ARG C 250 -25.22 -4.06 8.20
CA ARG C 250 -25.35 -3.06 9.24
C ARG C 250 -26.59 -2.21 8.93
N PRO C 251 -27.14 -1.56 9.96
CA PRO C 251 -28.42 -0.85 9.83
C PRO C 251 -28.39 0.26 8.80
N PHE C 252 -29.50 0.48 8.11
CA PHE C 252 -29.54 1.59 7.17
C PHE C 252 -29.37 2.91 7.89
N PRO C 253 -28.75 3.86 7.21
CA PRO C 253 -28.55 5.21 7.72
C PRO C 253 -29.81 6.04 7.58
N LYS C 254 -29.70 7.30 7.96
CA LYS C 254 -30.80 8.21 7.83
C LYS C 254 -30.35 9.38 7.00
N LEU C 255 -31.28 9.97 6.28
CA LEU C 255 -31.00 11.13 5.44
C LEU C 255 -31.76 12.33 5.98
N ARG C 256 -31.06 13.44 6.17
CA ARG C 256 -31.68 14.64 6.71
C ARG C 256 -31.51 15.76 5.74
N ILE C 257 -32.52 16.58 5.57
CA ILE C 257 -32.39 17.71 4.65
C ILE C 257 -32.26 19.03 5.39
N LEU C 258 -31.07 19.61 5.32
CA LEU C 258 -30.70 20.71 6.21
C LEU C 258 -31.45 22.04 6.05
N ARG C 259 -32.41 22.14 5.14
CA ARG C 259 -33.19 23.38 5.07
C ARG C 259 -34.40 23.32 4.14
N LYS C 260 -35.46 24.03 4.53
CA LYS C 260 -36.66 24.16 3.71
C LYS C 260 -36.30 24.64 2.32
N VAL C 261 -36.83 23.97 1.30
CA VAL C 261 -36.56 24.37 -0.08
C VAL C 261 -37.85 24.42 -0.88
N GLU C 262 -37.95 25.40 -1.76
CA GLU C 262 -39.20 25.65 -2.44
C GLU C 262 -39.24 25.03 -3.83
N LYS C 263 -38.17 25.23 -4.58
CA LYS C 263 -38.08 24.64 -5.91
C LYS C 263 -37.20 23.42 -5.82
N ILE C 264 -37.17 22.64 -6.89
CA ILE C 264 -36.36 21.44 -6.95
C ILE C 264 -34.97 21.85 -7.38
N ASP C 265 -34.94 22.95 -8.12
CA ASP C 265 -33.73 23.50 -8.68
C ASP C 265 -32.87 24.18 -7.61
N ASP C 266 -33.50 24.63 -6.54
CA ASP C 266 -32.77 25.21 -5.41
C ASP C 266 -31.86 24.21 -4.75
N PHE C 267 -32.21 22.94 -4.84
CA PHE C 267 -31.44 21.91 -4.17
C PHE C 267 -29.99 22.00 -4.53
N LYS C 268 -29.13 21.73 -3.55
CA LYS C 268 -27.68 21.70 -3.76
C LYS C 268 -27.07 20.65 -2.86
N ALA C 269 -25.78 20.40 -3.00
CA ALA C 269 -25.18 19.26 -2.32
C ALA C 269 -25.14 19.46 -0.81
N GLU C 270 -24.95 20.69 -0.39
CA GLU C 270 -24.72 20.98 1.01
C GLU C 270 -25.98 20.90 1.85
N ASP C 271 -27.12 20.76 1.21
CA ASP C 271 -28.37 20.73 1.93
C ASP C 271 -28.67 19.33 2.44
N PHE C 272 -27.74 18.42 2.18
CA PHE C 272 -27.96 17.03 2.51
C PHE C 272 -27.00 16.54 3.55
N GLN C 273 -27.42 15.51 4.27
CA GLN C 273 -26.64 14.90 5.32
C GLN C 273 -27.04 13.47 5.47
N ILE C 274 -26.09 12.56 5.25
CA ILE C 274 -26.32 11.17 5.54
C ILE C 274 -25.79 10.89 6.92
N GLU C 275 -26.61 10.30 7.78
CA GLU C 275 -26.19 10.08 9.15
C GLU C 275 -26.37 8.64 9.58
N GLY C 276 -25.27 7.95 9.88
CA GLY C 276 -25.33 6.59 10.37
C GLY C 276 -24.90 5.54 9.36
N TYR C 277 -23.93 5.87 8.54
CA TYR C 277 -23.53 5.00 7.44
C TYR C 277 -22.26 4.24 7.71
N ASN C 278 -22.37 3.00 8.14
CA ASN C 278 -21.19 2.24 8.49
C ASN C 278 -21.06 0.93 7.72
N PRO C 279 -20.68 1.02 6.44
CA PRO C 279 -20.54 -0.15 5.58
C PRO C 279 -19.20 -0.87 5.68
N HIS C 280 -19.21 -2.15 5.35
CA HIS C 280 -17.97 -2.87 5.15
C HIS C 280 -17.29 -2.22 3.95
N PRO C 281 -15.98 -2.46 3.77
CA PRO C 281 -15.24 -2.04 2.56
C PRO C 281 -16.00 -2.24 1.25
N MET D 1 31.92 34.28 -23.90
CA MET D 1 32.04 33.56 -22.63
C MET D 1 31.51 32.15 -22.76
N PRO D 2 32.09 31.20 -22.01
CA PRO D 2 31.60 29.82 -21.96
C PRO D 2 30.42 29.66 -21.00
N PRO D 3 29.89 28.43 -20.88
CA PRO D 3 28.73 28.09 -20.05
C PRO D 3 29.08 27.37 -18.74
N HIS D 4 28.53 27.74 -17.58
CA HIS D 4 27.64 28.87 -17.34
C HIS D 4 26.28 28.75 -17.99
N GLY D 5 25.44 27.85 -17.49
CA GLY D 5 25.74 26.98 -16.37
C GLY D 5 24.76 25.83 -16.45
N GLU D 6 23.49 26.16 -16.64
CA GLU D 6 22.51 25.18 -17.08
C GLU D 6 22.75 24.89 -18.55
N LEU D 7 23.73 25.57 -19.12
CA LEU D 7 24.05 25.35 -20.51
C LEU D 7 24.95 24.14 -20.66
N GLN D 8 25.56 23.74 -19.57
CA GLN D 8 26.43 22.59 -19.59
C GLN D 8 25.62 21.34 -19.72
N TYR D 9 24.55 21.28 -18.95
CA TYR D 9 23.62 20.19 -19.07
C TYR D 9 23.13 20.11 -20.49
N LEU D 10 22.61 21.21 -20.99
CA LEU D 10 22.09 21.20 -22.34
C LEU D 10 23.18 20.86 -23.33
N GLY D 11 24.35 21.45 -23.14
CA GLY D 11 25.47 21.15 -23.98
C GLY D 11 25.64 19.67 -24.02
N GLN D 12 25.55 19.04 -22.86
CA GLN D 12 25.71 17.60 -22.75
C GLN D 12 24.63 16.90 -23.52
N ILE D 13 23.44 17.46 -23.49
CA ILE D 13 22.34 16.91 -24.24
C ILE D 13 22.65 16.92 -25.71
N GLN D 14 22.97 18.10 -26.22
CA GLN D 14 23.28 18.27 -27.61
C GLN D 14 24.31 17.29 -28.07
N HIS D 15 25.32 17.06 -27.24
CA HIS D 15 26.43 16.25 -27.68
C HIS D 15 25.97 14.82 -27.90
N ILE D 16 25.12 14.34 -27.01
CA ILE D 16 24.61 12.98 -27.13
C ILE D 16 23.75 12.84 -28.38
N LEU D 17 22.92 13.84 -28.64
CA LEU D 17 22.09 13.84 -29.82
C LEU D 17 22.95 13.92 -31.06
N ARG D 18 23.98 14.75 -31.01
CA ARG D 18 24.84 14.83 -32.16
C ARG D 18 25.75 13.62 -32.24
N CYS D 19 26.53 13.37 -31.19
CA CYS D 19 27.58 12.37 -31.29
C CYS D 19 27.29 11.05 -30.58
N GLY D 20 26.02 10.78 -30.32
CA GLY D 20 25.62 9.57 -29.62
C GLY D 20 25.65 8.33 -30.46
N VAL D 21 25.39 7.19 -29.83
CA VAL D 21 25.40 5.92 -30.53
C VAL D 21 24.30 5.02 -29.98
N ARG D 22 23.45 4.46 -30.81
CA ARG D 22 22.28 3.78 -30.27
C ARG D 22 22.66 2.42 -29.73
N LYS D 23 22.15 2.13 -28.53
CA LYS D 23 22.57 0.98 -27.76
C LYS D 23 21.39 0.53 -26.94
N ASP D 24 21.03 -0.74 -27.04
CA ASP D 24 19.87 -1.25 -26.34
C ASP D 24 20.20 -1.38 -24.86
N ASP D 25 19.19 -1.68 -24.06
CA ASP D 25 19.38 -1.75 -22.62
C ASP D 25 18.54 -2.86 -22.01
N ARG D 26 18.35 -2.78 -20.69
CA ARG D 26 17.41 -3.65 -20.02
C ARG D 26 16.05 -3.56 -20.67
N THR D 27 15.39 -2.46 -20.35
CA THR D 27 14.00 -2.23 -20.70
C THR D 27 13.79 -2.00 -22.20
N GLY D 28 14.47 -2.81 -23.01
CA GLY D 28 14.22 -2.87 -24.44
C GLY D 28 14.20 -1.59 -25.25
N THR D 29 13.82 -0.49 -24.60
CA THR D 29 13.68 0.82 -25.24
C THR D 29 14.80 1.12 -26.23
N GLY D 30 16.02 1.19 -25.74
CA GLY D 30 17.14 1.60 -26.57
C GLY D 30 17.38 3.08 -26.37
N THR D 31 18.61 3.52 -26.64
CA THR D 31 19.02 4.86 -26.29
C THR D 31 20.13 5.35 -27.16
N LEU D 32 20.20 6.64 -27.37
CA LEU D 32 21.44 7.22 -27.85
C LEU D 32 22.31 7.42 -26.64
N SER D 33 23.59 7.14 -26.76
CA SER D 33 24.45 7.26 -25.59
C SER D 33 25.90 7.63 -25.90
N VAL D 34 26.50 8.25 -24.90
CA VAL D 34 27.90 8.59 -24.89
C VAL D 34 28.50 8.10 -23.59
N PHE D 35 29.73 7.59 -23.62
CA PHE D 35 30.38 7.11 -22.42
C PHE D 35 31.42 8.10 -21.96
N GLY D 36 31.27 8.59 -20.74
CA GLY D 36 32.21 9.53 -20.20
C GLY D 36 31.85 10.94 -20.54
N MET D 37 31.22 11.64 -19.58
CA MET D 37 30.96 13.06 -19.69
C MET D 37 31.19 13.69 -18.34
N GLN D 38 31.35 15.00 -18.31
CA GLN D 38 31.58 15.74 -17.09
C GLN D 38 31.21 17.19 -17.26
N ALA D 39 30.47 17.75 -16.31
CA ALA D 39 30.06 19.14 -16.36
C ALA D 39 30.35 19.78 -15.03
N ARG D 40 30.34 21.09 -14.99
CA ARG D 40 30.73 21.82 -13.80
C ARG D 40 29.67 22.83 -13.45
N TYR D 41 29.16 22.75 -12.23
CA TYR D 41 28.14 23.67 -11.79
C TYR D 41 28.54 24.45 -10.57
N SER D 42 28.53 25.76 -10.67
CA SER D 42 28.90 26.64 -9.59
C SER D 42 27.78 26.73 -8.58
N LEU D 43 28.12 26.65 -7.30
CA LEU D 43 27.14 26.69 -6.24
C LEU D 43 27.17 28.03 -5.54
N ARG D 44 28.02 28.90 -6.05
CA ARG D 44 28.25 30.16 -5.40
C ARG D 44 27.11 31.14 -5.59
N ASP D 45 26.34 31.28 -4.53
CA ASP D 45 25.18 32.15 -4.44
C ASP D 45 24.19 31.99 -5.58
N GLU D 46 24.19 30.82 -6.20
CA GLU D 46 23.06 30.36 -6.99
C GLU D 46 22.83 28.91 -6.61
N PHE D 47 21.82 28.28 -7.17
CA PHE D 47 21.60 26.88 -6.87
C PHE D 47 21.09 26.16 -8.09
N PRO D 48 21.88 25.21 -8.57
CA PRO D 48 21.73 24.46 -9.82
C PRO D 48 20.48 23.62 -9.92
N LEU D 49 19.35 24.27 -10.05
CA LEU D 49 18.09 23.58 -10.28
C LEU D 49 17.60 23.95 -11.65
N LEU D 50 17.61 23.01 -12.58
CA LEU D 50 17.45 23.36 -13.98
C LEU D 50 16.14 24.08 -14.26
N THR D 51 16.16 24.98 -15.23
CA THR D 51 15.04 25.89 -15.44
C THR D 51 14.32 25.67 -16.75
N THR D 52 14.83 24.77 -17.57
CA THR D 52 14.24 24.55 -18.87
C THR D 52 13.21 23.44 -18.80
N LYS D 53 13.21 22.73 -17.70
CA LYS D 53 12.15 21.79 -17.42
C LYS D 53 12.10 21.64 -15.93
N ARG D 54 10.90 21.54 -15.41
CA ARG D 54 10.69 21.57 -13.97
C ARG D 54 11.40 20.40 -13.29
N VAL D 55 12.06 20.66 -12.18
CA VAL D 55 12.68 19.58 -11.41
C VAL D 55 11.91 19.33 -10.11
N PHE D 56 11.56 18.07 -9.86
CA PHE D 56 10.78 17.74 -8.68
C PHE D 56 11.54 17.94 -7.40
N TRP D 57 11.54 19.16 -6.90
CA TRP D 57 12.33 19.57 -5.76
C TRP D 57 11.90 19.01 -4.41
N LYS D 58 10.61 18.75 -4.25
CA LYS D 58 10.11 18.17 -3.03
C LYS D 58 10.74 16.81 -2.86
N GLY D 59 11.03 16.17 -3.98
CA GLY D 59 11.59 14.84 -3.97
C GLY D 59 13.08 14.82 -3.76
N VAL D 60 13.77 15.76 -4.38
CA VAL D 60 15.19 15.92 -4.14
C VAL D 60 15.41 16.06 -2.65
N LEU D 61 14.54 16.85 -2.04
CA LEU D 61 14.68 17.24 -0.66
C LEU D 61 14.32 16.11 0.28
N GLU D 62 13.12 15.57 0.12
CA GLU D 62 12.68 14.53 1.00
C GLU D 62 13.54 13.28 0.82
N GLU D 63 14.04 13.06 -0.38
CA GLU D 63 14.81 11.87 -0.59
C GLU D 63 16.17 12.00 0.01
N LEU D 64 16.69 13.21 0.04
CA LEU D 64 17.99 13.40 0.64
C LEU D 64 17.94 13.18 2.14
N LEU D 65 16.96 13.79 2.79
CA LEU D 65 16.78 13.61 4.22
C LEU D 65 16.54 12.16 4.57
N TRP D 66 16.03 11.41 3.60
CA TRP D 66 15.74 9.98 3.73
C TRP D 66 17.04 9.20 3.73
N PHE D 67 17.91 9.53 2.79
CA PHE D 67 19.26 8.99 2.80
C PHE D 67 19.94 9.29 4.09
N ILE D 68 19.93 10.54 4.50
CA ILE D 68 20.68 10.91 5.68
C ILE D 68 20.20 10.22 6.95
N LYS D 69 18.93 9.88 7.01
CA LYS D 69 18.42 9.07 8.10
C LYS D 69 19.16 7.75 8.14
N GLY D 70 19.42 7.20 6.97
CA GLY D 70 19.98 5.88 6.84
C GLY D 70 18.94 4.89 6.35
N SER D 71 17.92 5.40 5.69
CA SER D 71 16.76 4.58 5.41
C SER D 71 16.82 3.90 4.08
N THR D 72 16.20 2.73 4.02
CA THR D 72 16.05 2.01 2.78
C THR D 72 14.63 1.54 2.62
N ASN D 73 13.72 2.19 3.33
CA ASN D 73 12.32 1.82 3.31
C ASN D 73 11.55 2.60 2.29
N ALA D 74 11.16 1.95 1.22
CA ALA D 74 10.56 2.65 0.11
C ALA D 74 9.27 3.27 0.54
N LYS D 75 8.58 2.62 1.47
CA LYS D 75 7.31 3.08 1.98
C LYS D 75 7.43 4.36 2.79
N GLU D 76 8.44 4.42 3.64
CA GLU D 76 8.72 5.59 4.46
C GLU D 76 8.82 6.85 3.61
N LEU D 77 9.32 6.72 2.40
CA LEU D 77 9.51 7.84 1.51
C LEU D 77 8.21 8.22 0.81
N SER D 78 7.52 7.23 0.29
CA SER D 78 6.28 7.41 -0.41
C SER D 78 5.30 8.15 0.45
N SER D 79 5.20 7.72 1.70
CA SER D 79 4.35 8.37 2.67
C SER D 79 4.55 9.86 2.65
N LYS D 80 5.77 10.31 2.44
CA LYS D 80 6.06 11.71 2.52
C LYS D 80 5.71 12.41 1.23
N GLY D 81 5.03 11.71 0.32
CA GLY D 81 4.50 12.30 -0.90
C GLY D 81 5.29 12.00 -2.14
N VAL D 82 6.54 11.59 -1.94
CA VAL D 82 7.48 11.31 -3.01
C VAL D 82 7.51 9.83 -3.36
N LYS D 83 7.14 9.49 -4.58
CA LYS D 83 6.88 8.10 -4.89
C LYS D 83 7.84 7.53 -5.90
N ILE D 84 9.08 8.01 -5.88
CA ILE D 84 10.04 7.70 -6.94
C ILE D 84 10.62 6.31 -6.83
N TRP D 85 10.77 5.82 -5.61
CA TRP D 85 11.35 4.51 -5.41
C TRP D 85 10.27 3.48 -5.24
N ASP D 86 9.02 3.92 -5.36
CA ASP D 86 7.91 3.06 -5.04
C ASP D 86 7.85 1.92 -6.03
N ALA D 87 8.36 2.17 -7.22
CA ALA D 87 8.33 1.21 -8.29
C ALA D 87 9.15 -0.03 -7.98
N ASN D 88 10.25 0.15 -7.28
CA ASN D 88 11.15 -0.95 -6.96
C ASN D 88 11.00 -1.49 -5.56
N GLY D 89 9.93 -1.11 -4.89
CA GLY D 89 9.70 -1.59 -3.55
C GLY D 89 8.47 -2.45 -3.55
N SER D 90 8.01 -2.74 -4.76
CA SER D 90 6.78 -3.49 -4.98
C SER D 90 7.02 -4.97 -4.92
N ARG D 91 6.06 -5.70 -4.37
CA ARG D 91 6.20 -7.15 -4.30
C ARG D 91 6.41 -7.73 -5.68
N ASP D 92 5.65 -7.24 -6.65
CA ASP D 92 5.76 -7.71 -8.02
C ASP D 92 7.20 -7.61 -8.51
N PHE D 93 7.82 -6.47 -8.24
CA PHE D 93 9.17 -6.20 -8.71
C PHE D 93 10.17 -6.82 -7.79
N LEU D 94 9.88 -6.80 -6.49
CA LEU D 94 10.85 -7.29 -5.55
C LEU D 94 11.11 -8.75 -5.80
N ASP D 95 10.12 -9.62 -5.59
CA ASP D 95 10.39 -11.05 -5.72
C ASP D 95 10.62 -11.47 -7.17
N SER D 96 10.63 -10.49 -8.08
CA SER D 96 11.22 -10.73 -9.39
C SER D 96 12.70 -10.98 -9.21
N LEU D 97 13.21 -10.59 -8.05
CA LEU D 97 14.60 -10.74 -7.70
C LEU D 97 14.79 -11.89 -6.75
N GLY D 98 13.70 -12.60 -6.45
CA GLY D 98 13.79 -13.77 -5.60
C GLY D 98 13.63 -13.43 -4.15
N PHE D 99 13.31 -12.17 -3.85
CA PHE D 99 13.18 -11.68 -2.49
C PHE D 99 11.79 -11.93 -1.93
N SER D 100 11.21 -13.07 -2.27
CA SER D 100 9.88 -13.43 -1.79
C SER D 100 9.77 -13.24 -0.30
N THR D 101 10.82 -13.62 0.40
CA THR D 101 10.83 -13.62 1.84
C THR D 101 11.01 -12.22 2.42
N ARG D 102 10.76 -11.18 1.62
CA ARG D 102 11.04 -9.82 2.04
C ARG D 102 9.84 -8.88 1.98
N GLU D 103 9.68 -8.04 2.98
CA GLU D 103 8.53 -7.16 3.07
C GLU D 103 8.53 -6.17 1.94
N GLU D 104 7.35 -5.71 1.56
CA GLU D 104 7.19 -4.77 0.47
C GLU D 104 7.73 -3.38 0.83
N GLY D 105 8.61 -2.86 -0.01
CA GLY D 105 9.18 -1.55 0.24
C GLY D 105 10.65 -1.62 0.62
N ASP D 106 11.08 -2.83 0.96
CA ASP D 106 12.44 -3.07 1.44
C ASP D 106 13.41 -3.14 0.29
N LEU D 107 13.91 -1.98 -0.12
CA LEU D 107 14.82 -1.93 -1.24
C LEU D 107 16.07 -2.75 -1.00
N GLY D 108 16.45 -2.94 0.25
CA GLY D 108 17.69 -3.62 0.54
C GLY D 108 18.75 -2.62 0.95
N PRO D 109 20.01 -3.05 0.97
CA PRO D 109 21.11 -2.23 1.45
C PRO D 109 21.58 -1.21 0.45
N VAL D 110 20.68 -0.37 -0.04
CA VAL D 110 21.04 0.65 -0.99
C VAL D 110 21.67 1.86 -0.31
N TYR D 111 21.51 3.04 -0.88
CA TYR D 111 22.25 4.21 -0.45
C TYR D 111 22.26 4.44 1.03
N GLY D 112 21.11 4.74 1.61
CA GLY D 112 21.06 5.14 3.00
C GLY D 112 21.77 4.19 3.93
N PHE D 113 21.87 2.93 3.54
CA PHE D 113 22.54 1.97 4.38
C PHE D 113 24.06 2.07 4.26
N GLN D 114 24.55 2.26 3.05
CA GLN D 114 25.98 2.31 2.81
C GLN D 114 26.54 3.58 3.41
N TRP D 115 25.83 4.67 3.27
CA TRP D 115 26.29 5.95 3.76
C TRP D 115 26.57 5.92 5.22
N ARG D 116 25.75 5.20 5.96
CA ARG D 116 25.82 5.29 7.40
C ARG D 116 26.11 3.95 8.08
N HIS D 117 26.18 2.88 7.32
CA HIS D 117 26.48 1.59 7.91
C HIS D 117 27.25 0.66 7.00
N PHE D 118 28.08 1.24 6.16
CA PHE D 118 28.85 0.48 5.22
C PHE D 118 29.57 -0.71 5.85
N GLY D 119 29.27 -1.89 5.34
CA GLY D 119 29.99 -3.07 5.73
C GLY D 119 29.33 -3.78 6.88
N ALA D 120 28.14 -3.35 7.24
CA ALA D 120 27.40 -4.01 8.29
C ALA D 120 26.65 -5.17 7.68
N GLU D 121 26.11 -6.04 8.51
CA GLU D 121 25.30 -7.12 7.97
C GLU D 121 23.86 -6.67 7.93
N TYR D 122 23.35 -6.43 6.73
CA TYR D 122 21.98 -6.02 6.50
C TYR D 122 21.03 -7.17 6.69
N ARG D 123 19.99 -6.94 7.47
CA ARG D 123 18.96 -7.93 7.71
C ARG D 123 17.68 -7.51 7.01
N ASP D 124 17.05 -6.46 7.49
CA ASP D 124 15.95 -5.83 6.77
C ASP D 124 15.88 -4.36 7.14
N MET D 125 14.84 -3.68 6.70
CA MET D 125 14.82 -2.24 6.80
C MET D 125 14.47 -1.73 8.18
N GLU D 126 13.55 -2.38 8.87
CA GLU D 126 13.11 -1.93 10.19
C GLU D 126 14.01 -2.45 11.31
N SER D 127 15.29 -2.63 11.01
CA SER D 127 16.19 -3.26 11.97
C SER D 127 17.19 -2.29 12.55
N ASP D 128 17.75 -2.65 13.70
CA ASP D 128 18.68 -1.79 14.41
C ASP D 128 20.08 -2.02 13.92
N TYR D 129 20.79 -0.93 13.65
CA TYR D 129 22.12 -0.98 13.09
C TYR D 129 23.08 -0.12 13.85
N SER D 130 22.71 0.24 15.06
CA SER D 130 23.43 1.22 15.85
C SER D 130 24.88 0.81 16.06
N GLY D 131 25.80 1.65 15.61
CA GLY D 131 27.20 1.41 15.85
C GLY D 131 27.80 0.39 14.92
N GLN D 132 26.94 -0.24 14.14
CA GLN D 132 27.37 -1.20 13.16
C GLN D 132 27.85 -0.53 11.90
N GLY D 133 28.85 -1.12 11.24
CA GLY D 133 29.34 -0.62 9.97
C GLY D 133 30.04 0.71 10.08
N VAL D 134 30.48 1.25 8.95
CA VAL D 134 31.23 2.49 8.89
C VAL D 134 30.32 3.67 8.52
N ASP D 135 30.26 4.67 9.38
CA ASP D 135 29.45 5.85 9.12
C ASP D 135 30.20 6.76 8.17
N GLN D 136 29.99 6.57 6.88
CA GLN D 136 30.72 7.33 5.89
C GLN D 136 30.39 8.81 5.90
N LEU D 137 29.13 9.13 6.14
CA LEU D 137 28.69 10.50 6.09
C LEU D 137 29.20 11.32 7.25
N GLN D 138 29.14 10.78 8.45
CA GLN D 138 29.66 11.50 9.59
C GLN D 138 31.19 11.56 9.52
N ARG D 139 31.81 10.46 9.09
CA ARG D 139 33.26 10.43 8.96
C ARG D 139 33.76 11.42 7.93
N VAL D 140 32.88 11.88 7.07
CA VAL D 140 33.22 12.86 6.06
C VAL D 140 33.24 14.27 6.61
N ILE D 141 32.13 14.63 7.26
CA ILE D 141 32.03 15.89 7.97
C ILE D 141 33.17 16.06 8.92
N ASP D 142 33.42 15.03 9.71
CA ASP D 142 34.47 15.09 10.70
C ASP D 142 35.81 15.40 10.06
N THR D 143 36.06 14.87 8.88
CA THR D 143 37.33 15.13 8.25
C THR D 143 37.40 16.57 7.82
N ILE D 144 36.59 16.95 6.85
CA ILE D 144 36.43 18.34 6.46
C ILE D 144 36.61 19.32 7.60
N LYS D 145 36.12 18.94 8.77
CA LYS D 145 36.20 19.80 9.93
C LYS D 145 37.54 19.76 10.62
N THR D 146 38.45 18.88 10.21
CA THR D 146 39.74 18.80 10.87
C THR D 146 40.91 18.62 9.93
N ASN D 147 40.69 18.05 8.76
CA ASN D 147 41.76 18.02 7.80
C ASN D 147 41.25 18.28 6.42
N PRO D 148 40.98 19.55 6.14
CA PRO D 148 40.43 20.05 4.89
C PRO D 148 41.31 19.77 3.70
N ASP D 149 42.56 19.39 3.95
CA ASP D 149 43.46 19.22 2.83
C ASP D 149 43.51 17.76 2.42
N ASP D 150 42.68 16.95 3.06
CA ASP D 150 42.60 15.52 2.81
C ASP D 150 42.02 15.21 1.44
N ARG D 151 42.64 14.27 0.73
CA ARG D 151 42.14 13.87 -0.57
C ARG D 151 41.59 12.47 -0.52
N ARG D 152 41.00 12.11 0.61
CA ARG D 152 40.43 10.80 0.83
C ARG D 152 39.01 10.94 1.29
N ILE D 153 38.44 12.10 1.07
CA ILE D 153 37.06 12.36 1.49
C ILE D 153 36.09 11.72 0.51
N ILE D 154 35.94 10.42 0.64
CA ILE D 154 35.07 9.67 -0.22
C ILE D 154 33.93 9.09 0.54
N MET D 155 32.75 9.28 -0.02
CA MET D 155 31.59 8.55 0.39
C MET D 155 31.25 7.65 -0.78
N CYS D 156 31.28 6.35 -0.54
CA CYS D 156 31.08 5.34 -1.58
C CYS D 156 29.88 4.47 -1.28
N ALA D 157 28.98 4.30 -2.25
CA ALA D 157 27.79 3.52 -2.04
C ALA D 157 27.82 2.22 -2.84
N TRP D 158 28.85 2.04 -3.63
CA TRP D 158 28.96 0.83 -4.37
C TRP D 158 29.62 -0.21 -3.49
N ASN D 159 28.83 -1.10 -2.91
CA ASN D 159 29.37 -2.24 -2.20
C ASN D 159 29.15 -3.48 -3.02
N PRO D 160 30.22 -3.98 -3.64
CA PRO D 160 30.15 -5.22 -4.41
C PRO D 160 29.60 -6.38 -3.60
N ARG D 161 29.80 -6.36 -2.29
CA ARG D 161 29.36 -7.48 -1.48
C ARG D 161 27.88 -7.48 -1.19
N ASP D 162 27.21 -6.36 -1.42
CA ASP D 162 25.80 -6.23 -1.09
C ASP D 162 24.93 -6.13 -2.33
N LEU D 163 25.54 -6.05 -3.50
CA LEU D 163 24.77 -5.92 -4.73
C LEU D 163 23.69 -6.92 -4.91
N PRO D 164 23.92 -8.18 -4.50
CA PRO D 164 22.94 -9.27 -4.56
C PRO D 164 21.63 -8.99 -3.83
N LEU D 165 21.67 -8.07 -2.87
CA LEU D 165 20.55 -7.81 -1.99
C LEU D 165 19.84 -6.51 -2.32
N MET D 166 20.47 -5.70 -3.15
CA MET D 166 19.90 -4.44 -3.50
C MET D 166 18.81 -4.58 -4.50
N ALA D 167 17.71 -3.91 -4.25
CA ALA D 167 16.63 -3.89 -5.19
C ALA D 167 17.10 -3.30 -6.49
N LEU D 168 18.15 -2.50 -6.41
CA LEU D 168 18.67 -1.77 -7.56
C LEU D 168 20.03 -1.23 -7.23
N PRO D 169 21.04 -1.62 -8.01
CA PRO D 169 22.43 -1.20 -7.83
C PRO D 169 22.60 0.28 -8.08
N PRO D 170 23.21 0.99 -7.13
CA PRO D 170 23.29 2.45 -7.08
C PRO D 170 23.86 3.08 -8.34
N CYS D 171 23.30 4.21 -8.74
CA CYS D 171 23.83 4.95 -9.87
C CYS D 171 24.95 5.81 -9.44
N HIS D 172 24.92 6.20 -8.19
CA HIS D 172 25.94 7.05 -7.64
C HIS D 172 26.87 6.18 -6.88
N ALA D 173 27.95 5.78 -7.53
CA ALA D 173 28.85 4.89 -6.86
C ALA D 173 29.51 5.62 -5.72
N LEU D 174 30.04 6.81 -5.99
CA LEU D 174 30.76 7.53 -4.97
C LEU D 174 30.78 9.00 -5.23
N CYS D 175 30.98 9.78 -4.19
CA CYS D 175 31.23 11.19 -4.36
C CYS D 175 32.43 11.55 -3.56
N GLN D 176 33.18 12.54 -4.02
CA GLN D 176 34.35 12.99 -3.29
C GLN D 176 34.11 14.43 -2.94
N PHE D 177 34.50 14.82 -1.74
CA PHE D 177 34.44 16.22 -1.37
C PHE D 177 35.81 16.83 -1.33
N TYR D 178 35.88 18.13 -1.50
CA TYR D 178 37.14 18.81 -1.64
C TYR D 178 37.04 20.21 -1.09
N VAL D 179 38.00 20.61 -0.30
CA VAL D 179 37.97 21.92 0.31
C VAL D 179 39.18 22.72 0.00
N VAL D 180 38.94 23.97 -0.36
CA VAL D 180 40.01 24.92 -0.59
C VAL D 180 39.47 26.32 -0.43
N ASN D 181 40.26 27.19 0.18
CA ASN D 181 39.84 28.56 0.39
C ASN D 181 38.49 28.66 1.04
N SER D 182 38.24 27.79 2.00
CA SER D 182 36.99 27.80 2.73
C SER D 182 35.78 27.49 1.87
N GLU D 183 35.99 26.94 0.69
CA GLU D 183 34.91 26.55 -0.19
C GLU D 183 34.81 25.05 -0.40
N LEU D 184 33.65 24.47 -0.09
CA LEU D 184 33.44 23.04 -0.21
C LEU D 184 32.88 22.59 -1.55
N SER D 185 33.61 21.74 -2.24
CA SER D 185 33.15 21.27 -3.54
C SER D 185 32.94 19.77 -3.53
N CYS D 186 32.16 19.31 -4.49
CA CYS D 186 31.71 17.93 -4.54
C CYS D 186 31.75 17.38 -5.94
N GLN D 187 32.28 16.19 -6.09
CA GLN D 187 32.22 15.52 -7.38
C GLN D 187 31.53 14.19 -7.28
N LEU D 188 30.57 13.94 -8.16
CA LEU D 188 29.85 12.69 -8.17
C LEU D 188 30.24 11.78 -9.32
N TYR D 189 30.38 10.50 -9.06
CA TYR D 189 30.47 9.56 -10.15
C TYR D 189 29.17 8.85 -10.32
N GLN D 190 28.55 9.06 -11.47
CA GLN D 190 27.30 8.42 -11.78
C GLN D 190 27.48 7.47 -12.91
N ARG D 191 27.30 6.20 -12.63
CA ARG D 191 27.70 5.16 -13.55
C ARG D 191 26.81 5.17 -14.75
N SER D 192 25.55 5.47 -14.49
CA SER D 192 24.55 5.55 -15.51
C SER D 192 23.57 6.64 -15.17
N GLY D 193 23.19 7.41 -16.18
CA GLY D 193 22.23 8.48 -15.97
C GLY D 193 21.61 8.87 -17.28
N ASP D 194 20.33 9.20 -17.26
CA ASP D 194 19.70 9.67 -18.47
C ASP D 194 19.32 11.11 -18.27
N MET D 195 19.69 11.92 -19.23
CA MET D 195 19.59 13.34 -19.09
C MET D 195 18.16 13.79 -19.03
N GLY D 196 17.24 12.90 -19.39
CA GLY D 196 15.86 13.27 -19.51
C GLY D 196 15.16 13.46 -18.18
N LEU D 197 15.10 12.38 -17.40
CA LEU D 197 14.44 12.44 -16.12
C LEU D 197 15.45 12.45 -14.98
N GLY D 198 16.35 11.48 -14.98
CA GLY D 198 17.19 11.26 -13.83
C GLY D 198 18.19 12.35 -13.54
N VAL D 199 19.03 12.64 -14.53
CA VAL D 199 20.24 13.41 -14.29
C VAL D 199 20.03 14.74 -13.62
N PRO D 200 19.03 15.49 -14.07
CA PRO D 200 18.73 16.78 -13.45
C PRO D 200 18.32 16.63 -12.00
N PHE D 201 17.75 15.49 -11.68
CA PHE D 201 17.29 15.24 -10.33
C PHE D 201 18.51 15.05 -9.47
N ASN D 202 19.48 14.35 -10.04
CA ASN D 202 20.69 13.98 -9.33
C ASN D 202 21.59 15.17 -9.07
N ILE D 203 21.67 16.07 -10.03
CA ILE D 203 22.40 17.30 -9.82
C ILE D 203 21.87 18.02 -8.60
N ALA D 204 20.57 18.06 -8.48
CA ALA D 204 19.95 18.81 -7.43
C ALA D 204 20.27 18.17 -6.11
N SER D 205 20.24 16.85 -6.07
CA SER D 205 20.44 16.13 -4.83
C SER D 205 21.77 16.46 -4.24
N TYR D 206 22.79 16.50 -5.08
CA TYR D 206 24.16 16.59 -4.61
C TYR D 206 24.54 18.01 -4.33
N ALA D 207 24.08 18.92 -5.17
CA ALA D 207 24.25 20.32 -4.88
C ALA D 207 23.69 20.57 -3.50
N LEU D 208 22.53 20.01 -3.24
CA LEU D 208 21.89 20.14 -1.94
C LEU D 208 22.79 19.61 -0.84
N LEU D 209 23.21 18.37 -1.01
CA LEU D 209 24.13 17.71 -0.11
C LEU D 209 25.30 18.62 0.22
N THR D 210 25.87 19.24 -0.78
CA THR D 210 27.02 20.07 -0.55
C THR D 210 26.65 21.26 0.32
N TYR D 211 25.49 21.84 0.04
CA TYR D 211 24.99 22.96 0.84
C TYR D 211 24.79 22.58 2.29
N MET D 212 24.25 21.40 2.55
CA MET D 212 24.01 20.97 3.92
C MET D 212 25.33 20.84 4.64
N ILE D 213 26.26 20.10 4.03
CA ILE D 213 27.55 19.85 4.64
C ILE D 213 28.37 21.10 4.81
N ALA D 214 28.29 21.99 3.83
CA ALA D 214 28.99 23.25 3.95
C ALA D 214 28.48 24.02 5.15
N HIS D 215 27.17 23.97 5.36
CA HIS D 215 26.54 24.61 6.50
C HIS D 215 27.12 24.05 7.78
N ILE D 216 27.06 22.74 7.90
CA ILE D 216 27.50 22.07 9.09
C ILE D 216 28.96 22.36 9.38
N THR D 217 29.71 22.81 8.39
CA THR D 217 31.14 22.90 8.56
C THR D 217 31.65 24.31 8.55
N GLY D 218 30.82 25.24 8.10
CA GLY D 218 31.17 26.65 8.19
C GLY D 218 31.88 27.14 6.96
N LEU D 219 31.64 26.48 5.84
CA LEU D 219 32.30 26.80 4.59
C LEU D 219 31.33 27.29 3.56
N LYS D 220 31.82 28.03 2.59
CA LYS D 220 31.02 28.46 1.47
C LYS D 220 31.06 27.38 0.41
N PRO D 221 29.91 27.07 -0.16
CA PRO D 221 29.77 26.15 -1.29
C PRO D 221 30.63 26.55 -2.50
N GLY D 222 31.23 25.56 -3.17
CA GLY D 222 32.05 25.82 -4.33
C GLY D 222 31.45 25.31 -5.62
N ASP D 223 32.13 24.35 -6.26
CA ASP D 223 31.58 23.71 -7.44
C ASP D 223 30.96 22.37 -7.12
N PHE D 224 30.04 21.96 -7.98
CA PHE D 224 29.60 20.57 -8.05
C PHE D 224 30.01 20.04 -9.40
N ILE D 225 30.82 18.99 -9.39
CA ILE D 225 31.29 18.41 -10.62
C ILE D 225 30.52 17.13 -10.80
N HIS D 226 29.88 16.97 -11.95
CA HIS D 226 29.08 15.81 -12.25
C HIS D 226 29.70 14.95 -13.31
N THR D 227 30.21 13.80 -12.91
CA THR D 227 30.82 12.86 -13.85
C THR D 227 29.87 11.74 -14.19
N LEU D 228 29.83 11.36 -15.44
CA LEU D 228 28.94 10.32 -15.85
C LEU D 228 29.69 9.18 -16.49
N GLY D 229 29.14 7.98 -16.34
CA GLY D 229 29.59 6.83 -17.08
C GLY D 229 28.76 6.66 -18.33
N ASP D 230 27.76 5.78 -18.28
CA ASP D 230 26.88 5.61 -19.43
C ASP D 230 25.83 6.70 -19.48
N ALA D 231 26.19 7.82 -20.08
CA ALA D 231 25.26 8.92 -20.27
C ALA D 231 24.40 8.64 -21.47
N HIS D 232 23.08 8.64 -21.30
CA HIS D 232 22.19 8.27 -22.38
C HIS D 232 20.88 9.07 -22.46
N ILE D 233 20.20 8.87 -23.59
CA ILE D 233 18.92 9.48 -23.83
C ILE D 233 17.99 8.41 -24.36
N TYR D 234 16.78 8.37 -23.83
CA TYR D 234 15.83 7.35 -24.22
C TYR D 234 15.12 7.77 -25.48
N LEU D 235 15.04 6.85 -26.43
CA LEU D 235 14.68 7.22 -27.79
C LEU D 235 13.33 7.92 -27.86
N ASN D 236 12.43 7.63 -26.93
CA ASN D 236 11.16 8.34 -26.90
C ASN D 236 11.28 9.71 -26.28
N HIS D 237 12.39 9.95 -25.58
CA HIS D 237 12.64 11.25 -24.97
C HIS D 237 13.30 12.18 -25.92
N ILE D 238 13.54 11.73 -27.14
CA ILE D 238 14.30 12.57 -28.07
C ILE D 238 13.52 13.78 -28.54
N GLU D 239 12.28 13.56 -28.93
CA GLU D 239 11.44 14.65 -29.41
C GLU D 239 11.31 15.72 -28.35
N PRO D 240 10.79 15.36 -27.17
CA PRO D 240 10.62 16.30 -26.07
C PRO D 240 11.91 16.98 -25.74
N LEU D 241 13.00 16.24 -25.88
CA LEU D 241 14.28 16.76 -25.49
C LEU D 241 14.71 17.82 -26.47
N LYS D 242 14.43 17.58 -27.74
CA LYS D 242 14.76 18.56 -28.75
C LYS D 242 14.00 19.87 -28.51
N ILE D 243 12.81 19.77 -27.92
CA ILE D 243 12.02 20.96 -27.70
C ILE D 243 12.61 21.76 -26.55
N GLN D 244 12.65 21.15 -25.37
CA GLN D 244 13.28 21.74 -24.20
C GLN D 244 14.58 22.41 -24.58
N LEU D 245 15.28 21.78 -25.50
CA LEU D 245 16.61 22.20 -25.82
C LEU D 245 16.62 23.57 -26.43
N GLN D 246 15.50 24.01 -26.95
CA GLN D 246 15.51 25.32 -27.53
C GLN D 246 14.76 26.30 -26.67
N ARG D 247 14.75 26.02 -25.38
CA ARG D 247 14.25 26.97 -24.41
C ARG D 247 15.43 27.77 -23.90
N GLU D 248 15.23 29.06 -23.71
CA GLU D 248 16.28 29.92 -23.17
C GLU D 248 16.37 29.77 -21.65
N PRO D 249 17.52 29.30 -21.17
CA PRO D 249 17.73 29.05 -19.74
C PRO D 249 17.58 30.30 -18.91
N ARG D 250 16.72 30.22 -17.90
CA ARG D 250 16.57 31.30 -16.94
C ARG D 250 17.54 31.10 -15.80
N PRO D 251 17.83 32.18 -15.08
CA PRO D 251 18.84 32.18 -14.03
C PRO D 251 18.52 31.23 -12.89
N PHE D 252 19.55 30.57 -12.36
CA PHE D 252 19.42 29.67 -11.23
C PHE D 252 18.82 30.40 -10.05
N PRO D 253 18.01 29.68 -9.25
CA PRO D 253 17.46 30.25 -8.04
C PRO D 253 18.48 30.26 -6.94
N LYS D 254 18.11 30.84 -5.82
CA LYS D 254 18.93 30.84 -4.64
C LYS D 254 18.40 29.76 -3.73
N LEU D 255 19.22 29.30 -2.80
CA LEU D 255 18.74 28.40 -1.77
C LEU D 255 19.12 28.89 -0.39
N ARG D 256 18.12 29.14 0.45
CA ARG D 256 18.40 29.64 1.78
C ARG D 256 18.25 28.58 2.85
N ILE D 257 18.86 28.83 3.99
CA ILE D 257 18.71 27.98 5.14
C ILE D 257 18.24 28.83 6.32
N LEU D 258 17.10 28.45 6.89
CA LEU D 258 16.37 29.32 7.79
C LEU D 258 16.75 29.17 9.25
N ARG D 259 17.70 28.29 9.56
CA ARG D 259 18.21 28.24 10.92
C ARG D 259 19.57 27.59 10.96
N LYS D 260 20.28 27.77 12.07
CA LYS D 260 21.62 27.24 12.22
C LYS D 260 21.57 25.83 12.79
N VAL D 261 21.94 24.84 11.98
CA VAL D 261 21.87 23.44 12.40
C VAL D 261 23.19 22.89 12.92
N GLU D 262 23.14 22.20 14.06
CA GLU D 262 24.35 21.72 14.71
C GLU D 262 24.89 20.48 14.01
N LYS D 263 24.05 19.46 13.87
CA LYS D 263 24.43 18.21 13.25
C LYS D 263 23.74 18.03 11.93
N ILE D 264 24.19 17.07 11.14
CA ILE D 264 23.61 16.79 9.84
C ILE D 264 22.27 16.10 9.95
N ASP D 265 22.02 15.46 11.08
CA ASP D 265 20.78 14.73 11.27
C ASP D 265 19.61 15.63 11.61
N ASP D 266 19.90 16.84 12.07
CA ASP D 266 18.84 17.70 12.54
C ASP D 266 18.25 18.53 11.45
N PHE D 267 18.71 18.34 10.24
CA PHE D 267 18.08 19.03 9.12
C PHE D 267 16.68 18.49 8.93
N LYS D 268 15.75 19.41 8.67
CA LYS D 268 14.35 19.10 8.42
C LYS D 268 13.88 19.92 7.24
N ALA D 269 13.01 19.36 6.41
CA ALA D 269 12.69 19.97 5.11
C ALA D 269 12.31 21.43 5.23
N GLU D 270 11.58 21.74 6.28
CA GLU D 270 11.14 23.10 6.55
C GLU D 270 12.31 24.04 6.69
N ASP D 271 13.49 23.49 6.93
CA ASP D 271 14.65 24.33 7.12
C ASP D 271 15.11 24.98 5.82
N PHE D 272 14.60 24.53 4.69
CA PHE D 272 15.07 25.02 3.39
C PHE D 272 14.04 25.84 2.64
N GLN D 273 14.48 26.97 2.10
CA GLN D 273 13.61 27.75 1.23
C GLN D 273 14.28 27.98 -0.11
N ILE D 274 13.56 27.74 -1.19
CA ILE D 274 14.01 28.11 -2.54
C ILE D 274 13.45 29.48 -2.88
N GLU D 275 14.17 30.26 -3.67
CA GLU D 275 13.74 31.60 -3.95
C GLU D 275 13.99 32.02 -5.38
N GLY D 276 12.93 32.19 -6.16
CA GLY D 276 13.08 32.65 -7.52
C GLY D 276 13.26 31.54 -8.52
N TYR D 277 12.71 30.38 -8.22
CA TYR D 277 12.73 29.28 -9.15
C TYR D 277 11.66 29.48 -10.17
N ASN D 278 12.03 29.83 -11.38
CA ASN D 278 11.03 30.10 -12.37
C ASN D 278 11.22 29.28 -13.63
N PRO D 279 10.96 27.98 -13.55
CA PRO D 279 11.14 27.04 -14.66
C PRO D 279 10.12 27.24 -15.75
N HIS D 280 10.28 26.54 -16.87
CA HIS D 280 9.22 26.48 -17.87
C HIS D 280 8.31 25.34 -17.51
N PRO D 281 7.24 25.14 -18.27
CA PRO D 281 6.41 23.94 -18.14
C PRO D 281 7.16 22.68 -18.53
N THR D 282 6.49 21.76 -19.21
CA THR D 282 7.11 20.49 -19.56
C THR D 282 6.48 19.83 -20.78
N MET E 1 -16.19 66.44 -28.51
CA MET E 1 -15.04 65.96 -29.28
C MET E 1 -14.14 64.99 -28.51
N PRO E 2 -13.85 65.25 -27.22
CA PRO E 2 -12.91 64.42 -26.45
C PRO E 2 -13.12 62.89 -26.58
N PRO E 3 -12.01 62.14 -26.49
CA PRO E 3 -11.90 60.70 -26.72
C PRO E 3 -12.86 59.91 -25.86
N HIS E 4 -13.89 59.33 -26.45
CA HIS E 4 -14.87 58.60 -25.65
C HIS E 4 -15.10 57.18 -26.15
N GLY E 5 -15.07 56.23 -25.22
CA GLY E 5 -15.44 54.86 -25.52
C GLY E 5 -14.30 54.02 -26.02
N GLU E 6 -14.51 53.41 -27.18
CA GLU E 6 -13.48 52.65 -27.87
C GLU E 6 -12.16 53.38 -27.91
N LEU E 7 -12.20 54.69 -28.07
CA LEU E 7 -11.00 55.48 -28.28
C LEU E 7 -10.20 55.67 -27.00
N GLN E 8 -10.89 55.63 -25.89
CA GLN E 8 -10.24 55.59 -24.60
C GLN E 8 -9.19 54.51 -24.62
N TYR E 9 -9.64 53.29 -24.91
CA TYR E 9 -8.81 52.11 -24.95
C TYR E 9 -7.75 52.22 -26.03
N LEU E 10 -8.17 52.44 -27.26
CA LEU E 10 -7.21 52.66 -28.32
C LEU E 10 -6.21 53.71 -27.89
N GLY E 11 -6.72 54.85 -27.44
CA GLY E 11 -5.88 55.92 -26.97
C GLY E 11 -4.84 55.45 -25.97
N GLN E 12 -5.24 54.52 -25.09
CA GLN E 12 -4.32 53.94 -24.13
C GLN E 12 -3.23 53.17 -24.84
N ILE E 13 -3.60 52.53 -25.93
CA ILE E 13 -2.62 51.75 -26.67
C ILE E 13 -1.56 52.65 -27.29
N GLN E 14 -1.99 53.66 -28.04
CA GLN E 14 -1.07 54.52 -28.74
C GLN E 14 -0.04 55.09 -27.81
N HIS E 15 -0.45 55.32 -26.57
CA HIS E 15 0.45 55.96 -25.63
C HIS E 15 1.57 55.02 -25.25
N ILE E 16 1.21 53.81 -24.84
CA ILE E 16 2.19 52.81 -24.46
C ILE E 16 3.18 52.56 -25.57
N LEU E 17 2.72 52.75 -26.79
CA LEU E 17 3.56 52.57 -27.96
C LEU E 17 4.40 53.80 -28.18
N ARG E 18 3.88 54.95 -27.80
CA ARG E 18 4.63 56.18 -27.99
C ARG E 18 5.46 56.49 -26.77
N CYS E 19 5.07 55.97 -25.61
CA CYS E 19 5.76 56.32 -24.38
C CYS E 19 6.06 55.13 -23.48
N GLY E 20 6.07 53.93 -24.05
CA GLY E 20 6.34 52.74 -23.28
C GLY E 20 7.80 52.58 -22.93
N VAL E 21 8.09 51.73 -21.96
CA VAL E 21 9.47 51.43 -21.64
C VAL E 21 9.71 49.92 -21.66
N ARG E 22 10.69 49.49 -22.43
CA ARG E 22 10.91 48.07 -22.63
C ARG E 22 11.25 47.42 -21.31
N LYS E 23 10.36 46.57 -20.83
CA LYS E 23 10.56 45.89 -19.56
C LYS E 23 10.21 44.41 -19.66
N ASP E 24 11.01 43.57 -19.02
CA ASP E 24 10.81 42.13 -19.07
C ASP E 24 9.85 41.68 -17.98
N ASP E 25 9.80 40.38 -17.71
CA ASP E 25 8.79 39.83 -16.79
C ASP E 25 9.04 38.40 -16.40
N ARG E 26 7.96 37.65 -16.19
CA ARG E 26 8.04 36.21 -16.03
C ARG E 26 8.31 35.56 -17.38
N THR E 27 7.23 35.11 -18.01
CA THR E 27 7.26 34.45 -19.30
C THR E 27 8.23 35.15 -20.24
N GLY E 28 9.52 34.90 -20.02
CA GLY E 28 10.62 35.54 -20.70
C GLY E 28 10.30 36.07 -22.08
N THR E 29 9.49 37.12 -22.10
CA THR E 29 9.03 37.72 -23.34
C THR E 29 9.48 39.17 -23.44
N GLY E 30 9.07 39.99 -22.49
CA GLY E 30 9.36 41.41 -22.57
C GLY E 30 8.16 42.19 -23.08
N THR E 31 8.05 43.44 -22.66
CA THR E 31 6.83 44.21 -22.86
C THR E 31 7.11 45.69 -23.03
N LEU E 32 6.15 46.41 -23.61
CA LEU E 32 6.14 47.85 -23.48
C LEU E 32 5.27 48.18 -22.29
N SER E 33 5.78 49.01 -21.38
CA SER E 33 5.14 49.23 -20.09
C SER E 33 4.82 50.68 -19.80
N VAL E 34 3.63 50.90 -19.25
CA VAL E 34 3.30 52.17 -18.62
C VAL E 34 2.69 51.90 -17.27
N PHE E 35 3.01 52.72 -16.29
CA PHE E 35 2.45 52.57 -14.96
C PHE E 35 1.46 53.67 -14.66
N GLY E 36 0.27 53.28 -14.23
CA GLY E 36 -0.76 54.23 -13.99
C GLY E 36 -1.37 54.71 -15.28
N MET E 37 -2.58 54.26 -15.53
CA MET E 37 -3.46 54.89 -16.48
C MET E 37 -4.87 54.59 -16.06
N GLN E 38 -5.84 55.19 -16.73
CA GLN E 38 -7.21 55.09 -16.30
C GLN E 38 -8.14 55.59 -17.37
N ALA E 39 -9.10 54.76 -17.78
CA ALA E 39 -10.04 55.20 -18.79
C ALA E 39 -11.41 55.18 -18.20
N ARG E 40 -12.36 55.75 -18.93
CA ARG E 40 -13.72 55.88 -18.46
C ARG E 40 -14.68 55.45 -19.56
N TYR E 41 -15.51 54.46 -19.27
CA TYR E 41 -16.40 53.91 -20.26
C TYR E 41 -17.85 54.11 -19.85
N SER E 42 -18.58 54.95 -20.57
CA SER E 42 -19.97 55.19 -20.26
C SER E 42 -20.83 53.96 -20.47
N LEU E 43 -21.60 53.60 -19.45
CA LEU E 43 -22.47 52.44 -19.54
C LEU E 43 -23.90 52.89 -19.86
N ARG E 44 -24.07 54.20 -19.97
CA ARG E 44 -25.39 54.76 -20.22
C ARG E 44 -25.91 54.44 -21.61
N ASP E 45 -26.78 53.45 -21.65
CA ASP E 45 -27.43 52.96 -22.86
C ASP E 45 -26.42 52.59 -23.92
N GLU E 46 -25.52 51.69 -23.56
CA GLU E 46 -24.59 51.07 -24.48
C GLU E 46 -23.72 50.15 -23.66
N PHE E 47 -23.22 49.09 -24.25
CA PHE E 47 -22.39 48.18 -23.51
C PHE E 47 -20.99 48.19 -24.12
N PRO E 48 -20.00 48.53 -23.31
CA PRO E 48 -18.65 48.73 -23.81
C PRO E 48 -17.96 47.41 -24.15
N LEU E 49 -18.40 46.77 -25.21
CA LEU E 49 -17.74 45.58 -25.73
C LEU E 49 -16.97 45.96 -26.97
N LEU E 50 -15.64 45.93 -26.89
CA LEU E 50 -14.81 46.57 -27.92
C LEU E 50 -15.13 46.06 -29.29
N THR E 51 -14.95 46.92 -30.28
CA THR E 51 -15.43 46.62 -31.61
C THR E 51 -14.36 46.70 -32.67
N THR E 52 -13.11 46.78 -32.24
CA THR E 52 -12.03 46.81 -33.20
C THR E 52 -11.46 45.41 -33.35
N LYS E 53 -11.86 44.54 -32.44
CA LYS E 53 -11.53 43.14 -32.52
C LYS E 53 -12.54 42.38 -31.72
N ARG E 54 -13.01 41.26 -32.25
CA ARG E 54 -14.07 40.51 -31.59
C ARG E 54 -13.65 40.13 -30.16
N VAL E 55 -14.49 40.50 -29.20
CA VAL E 55 -14.26 40.17 -27.81
C VAL E 55 -15.00 38.88 -27.45
N PHE E 56 -14.31 37.98 -26.77
CA PHE E 56 -14.88 36.67 -26.46
C PHE E 56 -15.98 36.77 -25.42
N TRP E 57 -17.17 37.15 -25.84
CA TRP E 57 -18.26 37.45 -24.91
C TRP E 57 -18.83 36.28 -24.16
N LYS E 58 -18.86 35.10 -24.75
CA LYS E 58 -19.44 33.96 -24.07
C LYS E 58 -18.67 33.70 -22.79
N GLY E 59 -17.38 33.95 -22.85
CA GLY E 59 -16.50 33.71 -21.73
C GLY E 59 -16.62 34.78 -20.68
N VAL E 60 -16.78 36.02 -21.11
CA VAL E 60 -16.98 37.09 -20.16
C VAL E 60 -18.20 36.77 -19.33
N LEU E 61 -19.23 36.31 -20.00
CA LEU E 61 -20.51 36.05 -19.36
C LEU E 61 -20.49 34.79 -18.52
N GLU E 62 -20.09 33.71 -19.16
CA GLU E 62 -20.09 32.41 -18.52
C GLU E 62 -19.08 32.40 -17.35
N GLU E 63 -18.02 33.20 -17.47
CA GLU E 63 -16.98 33.24 -16.43
C GLU E 63 -17.35 34.17 -15.30
N LEU E 64 -18.30 35.06 -15.53
CA LEU E 64 -18.75 35.93 -14.47
C LEU E 64 -19.71 35.19 -13.57
N LEU E 65 -20.61 34.45 -14.17
CA LEU E 65 -21.57 33.67 -13.41
C LEU E 65 -20.82 32.63 -12.60
N TRP E 66 -19.57 32.38 -12.99
CA TRP E 66 -18.68 31.44 -12.30
C TRP E 66 -18.06 32.09 -11.07
N PHE E 67 -17.76 33.36 -11.18
CA PHE E 67 -17.33 34.15 -10.04
C PHE E 67 -18.46 34.23 -9.03
N ILE E 68 -19.67 34.49 -9.52
CA ILE E 68 -20.77 34.71 -8.61
C ILE E 68 -21.19 33.50 -7.79
N LYS E 69 -21.09 32.30 -8.36
CA LYS E 69 -21.39 31.10 -7.59
C LYS E 69 -20.46 30.99 -6.40
N GLY E 70 -19.19 31.26 -6.67
CA GLY E 70 -18.15 31.13 -5.67
C GLY E 70 -17.14 30.08 -6.09
N SER E 71 -17.11 29.79 -7.37
CA SER E 71 -16.32 28.67 -7.83
C SER E 71 -14.86 28.98 -8.04
N THR E 72 -14.05 27.94 -7.94
CA THR E 72 -12.66 28.03 -8.29
C THR E 72 -12.30 26.76 -8.98
N ASN E 73 -13.28 26.14 -9.62
CA ASN E 73 -13.06 24.90 -10.32
C ASN E 73 -12.82 25.13 -11.80
N ALA E 74 -11.57 25.15 -12.21
CA ALA E 74 -11.24 25.56 -13.57
C ALA E 74 -11.84 24.59 -14.56
N LYS E 75 -12.18 23.40 -14.10
CA LYS E 75 -12.79 22.41 -14.95
C LYS E 75 -14.27 22.73 -15.10
N GLU E 76 -14.87 23.23 -14.02
CA GLU E 76 -16.27 23.61 -14.04
C GLU E 76 -16.50 24.64 -15.13
N LEU E 77 -15.59 25.60 -15.23
CA LEU E 77 -15.67 26.61 -16.26
C LEU E 77 -15.46 26.01 -17.63
N SER E 78 -14.44 25.18 -17.73
CA SER E 78 -14.05 24.59 -18.99
C SER E 78 -15.20 23.82 -19.56
N SER E 79 -15.92 23.14 -18.68
CA SER E 79 -17.04 22.34 -19.08
C SER E 79 -18.02 23.15 -19.90
N LYS E 80 -18.11 24.44 -19.59
CA LYS E 80 -19.08 25.31 -20.25
C LYS E 80 -18.54 25.88 -21.56
N GLY E 81 -17.37 25.39 -21.98
CA GLY E 81 -16.82 25.77 -23.27
C GLY E 81 -15.83 26.91 -23.19
N VAL E 82 -15.45 27.27 -21.97
CA VAL E 82 -14.53 28.37 -21.76
C VAL E 82 -13.23 27.88 -21.11
N LYS E 83 -12.13 27.97 -21.85
CA LYS E 83 -10.92 27.30 -21.45
C LYS E 83 -9.83 28.25 -20.99
N ILE E 84 -10.24 29.41 -20.51
CA ILE E 84 -9.30 30.48 -20.19
C ILE E 84 -8.53 30.23 -18.92
N TRP E 85 -9.19 29.66 -17.92
CA TRP E 85 -8.49 29.37 -16.68
C TRP E 85 -7.95 27.96 -16.70
N ASP E 86 -8.27 27.21 -17.74
CA ASP E 86 -7.86 25.82 -17.82
C ASP E 86 -6.36 25.68 -17.75
N ALA E 87 -5.67 26.59 -18.40
CA ALA E 87 -4.21 26.55 -18.45
C ALA E 87 -3.63 26.44 -17.06
N ASN E 88 -4.05 27.32 -16.16
CA ASN E 88 -3.50 27.37 -14.81
C ASN E 88 -4.11 26.36 -13.87
N GLY E 89 -5.01 25.53 -14.38
CA GLY E 89 -5.63 24.52 -13.55
C GLY E 89 -5.12 23.15 -13.91
N SER E 90 -3.94 23.12 -14.52
CA SER E 90 -3.34 21.89 -15.00
C SER E 90 -2.46 21.24 -13.95
N ARG E 91 -2.39 19.92 -13.93
CA ARG E 91 -1.64 19.25 -12.87
C ARG E 91 -0.15 19.56 -12.91
N ASP E 92 0.38 19.91 -14.07
CA ASP E 92 1.77 20.34 -14.09
C ASP E 92 1.90 21.77 -13.65
N PHE E 93 0.99 22.64 -14.07
CA PHE E 93 1.09 24.02 -13.64
C PHE E 93 0.90 24.08 -12.15
N LEU E 94 -0.06 23.33 -11.63
CA LEU E 94 -0.30 23.35 -10.20
C LEU E 94 0.89 22.71 -9.50
N ASP E 95 1.30 21.53 -9.98
CA ASP E 95 2.48 20.85 -9.45
C ASP E 95 3.71 21.76 -9.40
N SER E 96 3.81 22.63 -10.39
CA SER E 96 4.91 23.58 -10.48
C SER E 96 4.91 24.51 -9.30
N LEU E 97 3.84 24.47 -8.52
CA LEU E 97 3.72 25.27 -7.31
C LEU E 97 3.87 24.44 -6.06
N GLY E 98 3.94 23.12 -6.24
CA GLY E 98 4.06 22.22 -5.12
C GLY E 98 2.71 21.80 -4.58
N PHE E 99 1.65 22.19 -5.29
CA PHE E 99 0.28 21.88 -4.88
C PHE E 99 -0.08 20.45 -5.22
N SER E 100 0.95 19.69 -5.58
CA SER E 100 0.86 18.28 -5.93
C SER E 100 -0.28 17.48 -5.28
N THR E 101 -0.49 17.69 -3.99
CA THR E 101 -1.54 16.99 -3.28
C THR E 101 -2.92 17.36 -3.80
N ARG E 102 -3.01 18.55 -4.39
CA ARG E 102 -4.27 19.13 -4.84
C ARG E 102 -4.75 18.57 -6.19
N GLU E 103 -6.07 18.65 -6.43
CA GLU E 103 -6.69 18.04 -7.59
C GLU E 103 -6.67 18.94 -8.81
N GLU E 104 -6.66 18.35 -9.99
CA GLU E 104 -6.52 19.11 -11.21
C GLU E 104 -7.72 20.01 -11.45
N GLY E 105 -7.49 21.28 -11.71
CA GLY E 105 -8.55 22.26 -11.82
C GLY E 105 -8.62 23.26 -10.68
N ASP E 106 -8.15 22.84 -9.50
CA ASP E 106 -8.25 23.63 -8.29
C ASP E 106 -7.27 24.79 -8.27
N LEU E 107 -7.73 25.95 -8.69
CA LEU E 107 -6.90 27.14 -8.78
C LEU E 107 -6.55 27.71 -7.42
N GLY E 108 -7.25 27.27 -6.40
CA GLY E 108 -7.01 27.79 -5.06
C GLY E 108 -8.05 28.81 -4.68
N PRO E 109 -7.74 29.65 -3.69
CA PRO E 109 -8.67 30.67 -3.21
C PRO E 109 -8.62 31.94 -4.05
N VAL E 110 -8.81 31.81 -5.35
CA VAL E 110 -8.83 32.97 -6.21
C VAL E 110 -10.16 33.69 -6.09
N TYR E 111 -10.57 34.40 -7.14
CA TYR E 111 -11.70 35.31 -7.07
C TYR E 111 -12.92 34.73 -6.40
N GLY E 112 -13.54 33.73 -7.02
CA GLY E 112 -14.83 33.25 -6.55
C GLY E 112 -14.91 32.97 -5.07
N PHE E 113 -13.77 32.65 -4.48
CA PHE E 113 -13.72 32.37 -3.06
C PHE E 113 -13.61 33.64 -2.24
N GLN E 114 -12.82 34.59 -2.71
CA GLN E 114 -12.63 35.83 -1.98
C GLN E 114 -13.91 36.62 -1.94
N TRP E 115 -14.59 36.66 -3.08
CA TRP E 115 -15.83 37.41 -3.20
C TRP E 115 -16.93 36.96 -2.27
N ARG E 116 -17.04 35.66 -2.04
CA ARG E 116 -18.16 35.13 -1.27
C ARG E 116 -17.73 34.65 0.12
N HIS E 117 -16.47 34.34 0.28
CA HIS E 117 -16.01 33.75 1.53
C HIS E 117 -14.67 34.28 1.96
N PHE E 118 -14.47 35.57 1.79
CA PHE E 118 -13.21 36.17 2.15
C PHE E 118 -12.89 35.95 3.62
N GLY E 119 -11.76 35.32 3.89
CA GLY E 119 -11.29 35.17 5.25
C GLY E 119 -11.47 33.78 5.77
N ALA E 120 -12.19 32.97 5.02
CA ALA E 120 -12.42 31.58 5.41
C ALA E 120 -11.17 30.75 5.15
N GLU E 121 -11.08 29.60 5.78
CA GLU E 121 -9.92 28.75 5.55
C GLU E 121 -10.24 27.91 4.35
N TYR E 122 -9.46 28.06 3.29
CA TYR E 122 -9.65 27.30 2.07
C TYR E 122 -9.14 25.90 2.27
N ARG E 123 -9.98 24.92 1.92
CA ARG E 123 -9.59 23.53 1.90
C ARG E 123 -9.29 23.15 0.46
N ASP E 124 -10.27 22.58 -0.22
CA ASP E 124 -10.18 22.37 -1.65
C ASP E 124 -11.39 23.02 -2.30
N MET E 125 -11.68 22.68 -3.54
CA MET E 125 -12.73 23.38 -4.25
C MET E 125 -14.11 22.77 -3.99
N GLU E 126 -14.18 21.45 -3.93
CA GLU E 126 -15.43 20.75 -3.64
C GLU E 126 -16.00 21.09 -2.26
N SER E 127 -15.15 21.62 -1.38
CA SER E 127 -15.53 21.77 0.02
C SER E 127 -16.66 22.77 0.25
N ASP E 128 -17.29 22.65 1.41
CA ASP E 128 -18.42 23.46 1.79
C ASP E 128 -17.99 24.65 2.64
N TYR E 129 -18.24 25.85 2.14
CA TYR E 129 -17.83 27.06 2.84
C TYR E 129 -19.03 27.90 3.26
N SER E 130 -20.16 27.25 3.46
CA SER E 130 -21.40 27.95 3.75
C SER E 130 -21.33 28.73 5.06
N GLY E 131 -21.71 30.00 4.99
CA GLY E 131 -21.70 30.86 6.16
C GLY E 131 -20.31 31.32 6.54
N GLN E 132 -19.31 30.53 6.13
CA GLN E 132 -17.93 30.82 6.42
C GLN E 132 -17.46 32.03 5.65
N GLY E 133 -16.64 32.86 6.27
CA GLY E 133 -16.06 33.99 5.58
C GLY E 133 -16.97 35.18 5.46
N VAL E 134 -16.54 36.16 4.66
CA VAL E 134 -17.29 37.39 4.44
C VAL E 134 -17.88 37.47 3.03
N ASP E 135 -19.20 37.47 2.92
CA ASP E 135 -19.85 37.53 1.62
C ASP E 135 -19.82 38.95 1.11
N GLN E 136 -18.78 39.28 0.36
CA GLN E 136 -18.56 40.65 -0.06
C GLN E 136 -19.54 41.09 -1.11
N LEU E 137 -19.80 40.20 -2.07
CA LEU E 137 -20.70 40.52 -3.16
C LEU E 137 -22.06 40.89 -2.64
N GLN E 138 -22.58 40.10 -1.70
CA GLN E 138 -23.90 40.34 -1.18
C GLN E 138 -23.89 41.54 -0.25
N ARG E 139 -22.80 41.71 0.49
CA ARG E 139 -22.72 42.84 1.39
C ARG E 139 -22.72 44.14 0.62
N VAL E 140 -22.26 44.08 -0.62
CA VAL E 140 -22.19 45.24 -1.49
C VAL E 140 -23.57 45.61 -2.02
N ILE E 141 -24.32 44.59 -2.43
CA ILE E 141 -25.69 44.78 -2.87
C ILE E 141 -26.56 45.31 -1.76
N ASP E 142 -26.46 44.68 -0.60
CA ASP E 142 -27.19 45.14 0.55
C ASP E 142 -26.83 46.58 0.83
N THR E 143 -25.56 46.92 0.79
CA THR E 143 -25.15 48.27 1.07
C THR E 143 -25.74 49.24 0.09
N ILE E 144 -25.53 48.99 -1.19
CA ILE E 144 -26.13 49.85 -2.21
C ILE E 144 -27.61 50.03 -2.01
N LYS E 145 -28.24 49.06 -1.38
CA LYS E 145 -29.69 49.06 -1.25
C LYS E 145 -30.16 49.92 -0.09
N THR E 146 -29.35 50.01 0.95
CA THR E 146 -29.77 50.72 2.15
C THR E 146 -29.07 52.06 2.27
N ASN E 147 -27.76 52.06 2.22
CA ASN E 147 -27.02 53.31 2.19
C ASN E 147 -26.32 53.45 0.88
N PRO E 148 -26.92 54.20 -0.02
CA PRO E 148 -26.33 54.35 -1.34
C PRO E 148 -25.22 55.37 -1.32
N ASP E 149 -25.09 56.12 -0.25
CA ASP E 149 -24.10 57.20 -0.25
C ASP E 149 -22.74 56.70 0.19
N ASP E 150 -22.71 55.48 0.71
CA ASP E 150 -21.51 54.86 1.26
C ASP E 150 -20.29 54.93 0.33
N ARG E 151 -19.18 55.40 0.89
CA ARG E 151 -17.93 55.42 0.17
C ARG E 151 -17.08 54.25 0.58
N ARG E 152 -17.72 53.16 0.99
CA ARG E 152 -16.98 51.95 1.34
C ARG E 152 -17.51 50.75 0.61
N ILE E 153 -18.25 50.97 -0.46
CA ILE E 153 -18.77 49.87 -1.25
C ILE E 153 -17.64 49.23 -2.03
N ILE E 154 -16.99 48.27 -1.40
CA ILE E 154 -15.74 47.73 -1.90
C ILE E 154 -15.65 46.23 -1.87
N MET E 155 -15.29 45.67 -3.01
CA MET E 155 -14.97 44.26 -3.11
C MET E 155 -13.49 44.13 -3.31
N CYS E 156 -12.87 43.25 -2.53
CA CYS E 156 -11.44 43.04 -2.63
C CYS E 156 -11.13 41.57 -2.77
N ALA E 157 -10.29 41.24 -3.74
CA ALA E 157 -9.93 39.86 -4.01
C ALA E 157 -8.49 39.59 -3.67
N TRP E 158 -7.75 40.65 -3.43
CA TRP E 158 -6.38 40.53 -3.03
C TRP E 158 -6.36 40.23 -1.55
N ASN E 159 -6.03 38.99 -1.21
CA ASN E 159 -5.90 38.54 0.18
C ASN E 159 -4.52 38.01 0.41
N PRO E 160 -3.65 38.83 0.99
CA PRO E 160 -2.28 38.43 1.30
C PRO E 160 -2.15 37.13 2.09
N ARG E 161 -3.12 36.78 2.93
CA ARG E 161 -2.98 35.55 3.67
C ARG E 161 -3.15 34.33 2.78
N ASP E 162 -3.79 34.52 1.62
CA ASP E 162 -4.15 33.40 0.77
C ASP E 162 -3.36 33.33 -0.53
N LEU E 163 -2.51 34.32 -0.79
CA LEU E 163 -1.70 34.35 -1.99
C LEU E 163 -0.88 33.10 -2.23
N PRO E 164 -0.26 32.54 -1.18
CA PRO E 164 0.59 31.35 -1.27
C PRO E 164 -0.09 30.14 -1.85
N LEU E 165 -1.41 30.12 -1.81
CA LEU E 165 -2.20 28.97 -2.26
C LEU E 165 -2.87 29.19 -3.61
N MET E 166 -2.82 30.41 -4.11
CA MET E 166 -3.49 30.74 -5.33
C MET E 166 -2.70 30.32 -6.53
N ALA E 167 -3.39 29.77 -7.52
CA ALA E 167 -2.74 29.35 -8.74
C ALA E 167 -2.20 30.56 -9.45
N LEU E 168 -2.73 31.72 -9.08
CA LEU E 168 -2.37 32.95 -9.75
C LEU E 168 -2.92 34.12 -8.96
N PRO E 169 -2.01 34.95 -8.45
CA PRO E 169 -2.38 36.14 -7.68
C PRO E 169 -3.30 37.03 -8.49
N PRO E 170 -4.44 37.39 -7.92
CA PRO E 170 -5.52 38.01 -8.67
C PRO E 170 -5.06 39.26 -9.37
N CYS E 171 -5.69 39.57 -10.48
CA CYS E 171 -5.28 40.64 -11.35
C CYS E 171 -6.15 41.82 -11.12
N HIS E 172 -7.36 41.51 -10.66
CA HIS E 172 -8.32 42.51 -10.27
C HIS E 172 -8.35 42.57 -8.77
N ALA E 173 -7.54 43.44 -8.20
CA ALA E 173 -7.37 43.49 -6.77
C ALA E 173 -8.66 43.92 -6.07
N LEU E 174 -9.27 45.00 -6.52
CA LEU E 174 -10.55 45.40 -5.95
C LEU E 174 -11.34 46.26 -6.88
N CYS E 175 -12.62 46.43 -6.56
CA CYS E 175 -13.44 47.37 -7.28
C CYS E 175 -14.29 48.12 -6.30
N GLN E 176 -14.60 49.36 -6.65
CA GLN E 176 -15.40 50.20 -5.79
C GLN E 176 -16.60 50.63 -6.57
N PHE E 177 -17.77 50.53 -5.96
CA PHE E 177 -19.00 50.97 -6.58
C PHE E 177 -19.44 52.28 -6.01
N TYR E 178 -20.31 52.96 -6.74
CA TYR E 178 -20.66 54.32 -6.41
C TYR E 178 -22.04 54.63 -6.97
N VAL E 179 -22.87 55.32 -6.21
CA VAL E 179 -24.20 55.67 -6.68
C VAL E 179 -24.43 57.13 -6.49
N VAL E 180 -25.15 57.71 -7.42
CA VAL E 180 -25.53 59.10 -7.30
C VAL E 180 -26.51 59.43 -8.41
N ASN E 181 -27.60 60.07 -8.06
CA ASN E 181 -28.65 60.34 -9.02
C ASN E 181 -29.14 59.06 -9.62
N SER E 182 -29.22 58.05 -8.76
CA SER E 182 -29.70 56.73 -9.12
C SER E 182 -28.90 56.06 -10.23
N GLU E 183 -27.66 56.48 -10.41
CA GLU E 183 -26.79 55.79 -11.33
C GLU E 183 -25.73 55.01 -10.60
N LEU E 184 -25.52 53.77 -11.05
CA LEU E 184 -24.52 52.91 -10.43
C LEU E 184 -23.25 52.90 -11.25
N SER E 185 -22.14 53.27 -10.61
CA SER E 185 -20.87 53.26 -11.30
C SER E 185 -19.86 52.42 -10.55
N CYS E 186 -18.76 52.13 -11.22
CA CYS E 186 -17.82 51.09 -10.82
C CYS E 186 -16.41 51.43 -11.22
N GLN E 187 -15.47 51.20 -10.32
CA GLN E 187 -14.07 51.38 -10.66
C GLN E 187 -13.29 50.16 -10.31
N LEU E 188 -12.49 49.71 -11.26
CA LEU E 188 -11.68 48.54 -11.04
C LEU E 188 -10.26 48.95 -10.89
N TYR E 189 -9.58 48.41 -9.90
CA TYR E 189 -8.14 48.55 -9.90
C TYR E 189 -7.54 47.25 -10.38
N GLN E 190 -6.88 47.31 -11.51
CA GLN E 190 -6.21 46.17 -12.05
C GLN E 190 -4.72 46.37 -11.97
N ARG E 191 -4.03 45.42 -11.38
CA ARG E 191 -2.63 45.59 -11.05
C ARG E 191 -1.76 45.37 -12.24
N SER E 192 -2.22 44.50 -13.12
CA SER E 192 -1.50 44.18 -14.33
C SER E 192 -2.49 43.84 -15.40
N GLY E 193 -2.18 44.19 -16.64
CA GLY E 193 -3.05 43.86 -17.73
C GLY E 193 -2.39 44.13 -19.04
N ASP E 194 -2.38 43.16 -19.93
CA ASP E 194 -1.87 43.41 -21.26
C ASP E 194 -3.02 43.79 -22.17
N MET E 195 -2.86 44.92 -22.83
CA MET E 195 -3.94 45.53 -23.56
C MET E 195 -4.34 44.74 -24.77
N GLY E 196 -3.45 43.83 -25.17
CA GLY E 196 -3.66 43.08 -26.39
C GLY E 196 -4.71 42.02 -26.24
N LEU E 197 -4.60 41.22 -25.20
CA LEU E 197 -5.46 40.06 -25.07
C LEU E 197 -6.42 40.20 -23.90
N GLY E 198 -5.87 40.53 -22.73
CA GLY E 198 -6.65 40.46 -21.51
C GLY E 198 -7.56 41.63 -21.18
N VAL E 199 -7.07 42.84 -21.39
CA VAL E 199 -7.78 44.01 -20.90
C VAL E 199 -9.17 44.23 -21.48
N PRO E 200 -9.36 43.96 -22.77
CA PRO E 200 -10.70 44.21 -23.30
C PRO E 200 -11.70 43.25 -22.71
N PHE E 201 -11.22 42.09 -22.31
CA PHE E 201 -12.05 41.06 -21.75
C PHE E 201 -12.47 41.49 -20.37
N ASN E 202 -11.53 42.12 -19.67
CA ASN E 202 -11.74 42.58 -18.30
C ASN E 202 -12.71 43.75 -18.23
N ILE E 203 -12.68 44.59 -19.25
CA ILE E 203 -13.64 45.66 -19.33
C ILE E 203 -15.02 45.09 -19.43
N ALA E 204 -15.19 44.17 -20.37
CA ALA E 204 -16.48 43.56 -20.59
C ALA E 204 -17.04 43.01 -19.30
N SER E 205 -16.19 42.29 -18.57
CA SER E 205 -16.58 41.55 -17.39
C SER E 205 -17.18 42.45 -16.34
N TYR E 206 -16.61 43.63 -16.19
CA TYR E 206 -16.97 44.48 -15.08
C TYR E 206 -18.13 45.34 -15.40
N ALA E 207 -18.24 45.72 -16.66
CA ALA E 207 -19.44 46.38 -17.14
C ALA E 207 -20.62 45.49 -16.85
N LEU E 208 -20.57 44.29 -17.38
CA LEU E 208 -21.57 43.29 -17.09
C LEU E 208 -21.88 43.26 -15.61
N LEU E 209 -20.84 43.17 -14.80
CA LEU E 209 -21.01 43.12 -13.36
C LEU E 209 -21.83 44.30 -12.86
N THR E 210 -21.57 45.45 -13.44
CA THR E 210 -22.25 46.65 -13.02
C THR E 210 -23.70 46.60 -13.48
N TYR E 211 -23.92 46.22 -14.74
CA TYR E 211 -25.27 46.08 -15.28
C TYR E 211 -26.10 45.12 -14.46
N MET E 212 -25.44 44.11 -13.92
CA MET E 212 -26.10 43.10 -13.13
C MET E 212 -26.52 43.65 -11.80
N ILE E 213 -25.58 44.23 -11.08
CA ILE E 213 -25.89 44.80 -9.77
C ILE E 213 -26.87 45.92 -9.86
N ALA E 214 -26.78 46.66 -10.95
CA ALA E 214 -27.69 47.75 -11.22
C ALA E 214 -29.11 47.22 -11.34
N HIS E 215 -29.24 46.11 -12.07
CA HIS E 215 -30.53 45.50 -12.30
C HIS E 215 -31.13 45.08 -10.98
N ILE E 216 -30.34 44.38 -10.21
CA ILE E 216 -30.78 43.87 -8.94
C ILE E 216 -31.29 44.99 -8.03
N THR E 217 -30.60 46.11 -8.04
CA THR E 217 -30.86 47.17 -7.06
C THR E 217 -31.73 48.26 -7.65
N GLY E 218 -32.02 48.12 -8.92
CA GLY E 218 -32.99 48.99 -9.57
C GLY E 218 -32.48 50.34 -9.95
N LEU E 219 -31.20 50.41 -10.32
CA LEU E 219 -30.58 51.67 -10.72
C LEU E 219 -30.14 51.62 -12.17
N LYS E 220 -29.79 52.78 -12.73
CA LYS E 220 -29.26 52.83 -14.08
C LYS E 220 -27.75 52.83 -14.00
N PRO E 221 -27.12 52.08 -14.90
CA PRO E 221 -25.66 52.14 -15.02
C PRO E 221 -25.14 53.53 -15.29
N GLY E 222 -23.96 53.82 -14.74
CA GLY E 222 -23.30 55.09 -14.98
C GLY E 222 -22.09 54.91 -15.85
N ASP E 223 -20.91 55.09 -15.27
CA ASP E 223 -19.66 54.78 -15.98
C ASP E 223 -18.98 53.53 -15.46
N PHE E 224 -18.04 53.04 -16.23
CA PHE E 224 -17.07 52.09 -15.73
C PHE E 224 -15.71 52.75 -15.79
N ILE E 225 -15.06 52.90 -14.65
CA ILE E 225 -13.73 53.45 -14.67
C ILE E 225 -12.73 52.32 -14.53
N HIS E 226 -11.79 52.29 -15.45
CA HIS E 226 -10.77 51.26 -15.46
C HIS E 226 -9.40 51.80 -15.15
N THR E 227 -8.91 51.46 -13.98
CA THR E 227 -7.60 51.89 -13.56
C THR E 227 -6.59 50.79 -13.72
N LEU E 228 -5.39 51.15 -14.10
CA LEU E 228 -4.37 50.19 -14.35
C LEU E 228 -3.10 50.53 -13.61
N GLY E 229 -2.36 49.51 -13.22
CA GLY E 229 -1.03 49.68 -12.69
C GLY E 229 0.00 49.38 -13.75
N ASP E 230 0.41 48.13 -13.86
CA ASP E 230 1.34 47.79 -14.91
C ASP E 230 0.58 47.48 -16.18
N ALA E 231 0.35 48.52 -16.96
CA ALA E 231 -0.26 48.38 -18.27
C ALA E 231 0.80 48.04 -19.24
N HIS E 232 0.63 46.97 -20.00
CA HIS E 232 1.69 46.57 -20.92
C HIS E 232 1.21 45.94 -22.22
N ILE E 233 2.16 45.78 -23.13
CA ILE E 233 1.91 45.17 -24.42
C ILE E 233 3.02 44.17 -24.75
N TYR E 234 2.65 42.94 -25.03
CA TYR E 234 3.61 41.87 -25.27
C TYR E 234 4.26 41.97 -26.65
N LEU E 235 5.57 42.19 -26.66
CA LEU E 235 6.28 42.62 -27.86
C LEU E 235 5.95 41.83 -29.10
N ASN E 236 5.39 40.64 -28.94
CA ASN E 236 4.92 39.90 -30.10
C ASN E 236 3.49 40.28 -30.45
N HIS E 237 2.95 41.27 -29.75
CA HIS E 237 1.62 41.77 -30.05
C HIS E 237 1.65 43.10 -30.78
N ILE E 238 2.85 43.64 -30.99
CA ILE E 238 2.97 44.98 -31.53
C ILE E 238 2.39 45.11 -32.92
N GLU E 239 3.01 44.44 -33.89
CA GLU E 239 2.55 44.47 -35.27
C GLU E 239 1.04 44.31 -35.37
N PRO E 240 0.49 43.31 -34.67
CA PRO E 240 -0.96 43.07 -34.65
C PRO E 240 -1.75 44.25 -34.11
N LEU E 241 -1.30 44.79 -32.98
CA LEU E 241 -2.01 45.89 -32.38
C LEU E 241 -1.98 47.08 -33.31
N LYS E 242 -0.82 47.34 -33.88
CA LYS E 242 -0.66 48.47 -34.79
C LYS E 242 -1.70 48.40 -35.91
N ILE E 243 -2.08 47.19 -36.28
CA ILE E 243 -3.12 47.01 -37.28
C ILE E 243 -4.41 47.55 -36.74
N GLN E 244 -4.92 46.86 -35.72
CA GLN E 244 -6.15 47.23 -35.00
C GLN E 244 -6.37 48.74 -34.88
N LEU E 245 -5.33 49.49 -34.52
CA LEU E 245 -5.48 50.93 -34.41
C LEU E 245 -5.91 51.55 -35.73
N GLN E 246 -5.57 50.89 -36.83
CA GLN E 246 -5.99 51.38 -38.13
C GLN E 246 -7.50 51.36 -38.28
N ARG E 247 -8.18 50.64 -37.39
CA ARG E 247 -9.59 50.37 -37.60
C ARG E 247 -10.52 51.37 -36.96
N GLU E 248 -11.28 52.08 -37.79
CA GLU E 248 -12.32 52.97 -37.29
C GLU E 248 -13.31 52.11 -36.53
N PRO E 249 -13.63 52.50 -35.29
CA PRO E 249 -14.45 51.69 -34.39
C PRO E 249 -15.93 51.94 -34.52
N ARG E 250 -16.69 50.87 -34.61
CA ARG E 250 -18.13 50.93 -34.69
C ARG E 250 -18.72 51.21 -33.31
N PRO E 251 -20.01 51.54 -33.27
CA PRO E 251 -20.74 51.88 -32.05
C PRO E 251 -20.93 50.68 -31.15
N PHE E 252 -20.84 50.91 -29.85
CA PHE E 252 -21.06 49.84 -28.89
C PHE E 252 -22.45 49.27 -29.04
N PRO E 253 -22.61 47.99 -28.71
CA PRO E 253 -23.96 47.44 -28.65
C PRO E 253 -24.61 47.82 -27.35
N LYS E 254 -25.83 47.35 -27.13
CA LYS E 254 -26.41 47.49 -25.81
C LYS E 254 -26.61 46.12 -25.18
N LEU E 255 -26.89 46.13 -23.89
CA LEU E 255 -27.14 44.89 -23.18
C LEU E 255 -28.59 44.87 -22.74
N ARG E 256 -29.37 43.94 -23.26
CA ARG E 256 -30.76 43.85 -22.82
C ARG E 256 -30.86 42.69 -21.86
N ILE E 257 -31.52 42.93 -20.72
CA ILE E 257 -31.82 41.87 -19.79
C ILE E 257 -33.26 41.44 -19.97
N LEU E 258 -33.48 40.14 -20.10
CA LEU E 258 -34.76 39.64 -20.55
C LEU E 258 -35.70 39.17 -19.43
N ARG E 259 -35.40 39.51 -18.19
CA ARG E 259 -36.35 39.26 -17.11
C ARG E 259 -35.90 39.85 -15.79
N LYS E 260 -36.83 39.90 -14.84
CA LYS E 260 -36.54 40.47 -13.53
C LYS E 260 -35.96 39.41 -12.60
N VAL E 261 -34.72 39.62 -12.17
CA VAL E 261 -34.08 38.72 -11.24
C VAL E 261 -34.07 39.32 -9.84
N GLU E 262 -34.36 38.49 -8.84
CA GLU E 262 -34.42 38.96 -7.46
C GLU E 262 -33.03 38.97 -6.85
N LYS E 263 -32.42 37.81 -6.75
CA LYS E 263 -31.10 37.69 -6.19
C LYS E 263 -30.06 37.71 -7.29
N ILE E 264 -28.80 37.78 -6.92
CA ILE E 264 -27.72 37.92 -7.87
C ILE E 264 -27.31 36.56 -8.40
N ASP E 265 -27.57 35.53 -7.61
CA ASP E 265 -27.22 34.18 -8.02
C ASP E 265 -28.26 33.58 -8.96
N ASP E 266 -29.29 34.34 -9.25
CA ASP E 266 -30.35 33.85 -10.10
C ASP E 266 -30.13 34.20 -11.54
N PHE E 267 -29.12 35.01 -11.80
CA PHE E 267 -28.80 35.31 -13.17
C PHE E 267 -28.29 34.06 -13.83
N LYS E 268 -28.80 33.78 -15.00
CA LYS E 268 -28.33 32.66 -15.77
C LYS E 268 -28.11 33.13 -17.19
N ALA E 269 -27.15 32.52 -17.88
CA ALA E 269 -26.63 33.07 -19.13
C ALA E 269 -27.74 33.39 -20.12
N GLU E 270 -28.77 32.57 -20.16
CA GLU E 270 -29.87 32.79 -21.09
C GLU E 270 -30.58 34.12 -20.84
N ASP E 271 -30.32 34.73 -19.70
CA ASP E 271 -31.00 35.95 -19.33
C ASP E 271 -30.48 37.17 -20.07
N PHE E 272 -29.32 37.06 -20.71
CA PHE E 272 -28.68 38.23 -21.32
C PHE E 272 -28.73 38.19 -22.85
N GLN E 273 -28.93 39.35 -23.45
CA GLN E 273 -28.93 39.44 -24.90
C GLN E 273 -28.10 40.63 -25.39
N ILE E 274 -27.05 40.36 -26.15
CA ILE E 274 -26.30 41.41 -26.83
C ILE E 274 -27.00 41.82 -28.12
N GLU E 275 -26.93 43.11 -28.45
CA GLU E 275 -27.72 43.62 -29.55
C GLU E 275 -26.97 44.68 -30.35
N GLY E 276 -26.62 44.34 -31.58
CA GLY E 276 -25.98 45.27 -32.47
C GLY E 276 -24.48 45.19 -32.41
N TYR E 277 -23.98 44.00 -32.17
CA TYR E 277 -22.55 43.82 -32.02
C TYR E 277 -21.91 43.47 -33.34
N ASN E 278 -21.18 44.43 -33.89
CA ASN E 278 -20.49 44.22 -35.14
C ASN E 278 -19.03 44.59 -35.05
N PRO E 279 -18.23 43.71 -34.44
CA PRO E 279 -16.78 43.88 -34.34
C PRO E 279 -16.11 43.71 -35.70
N HIS E 280 -14.83 44.01 -35.81
CA HIS E 280 -14.08 43.66 -37.00
C HIS E 280 -13.55 42.23 -36.85
N PRO E 281 -13.14 41.63 -37.97
CA PRO E 281 -12.49 40.32 -37.88
C PRO E 281 -11.16 40.47 -37.20
N THR E 282 -10.50 39.38 -36.82
CA THR E 282 -9.24 39.49 -36.11
C THR E 282 -8.18 38.53 -36.62
N MET F 1 11.34 -16.36 -41.29
CA MET F 1 11.41 -17.67 -40.63
C MET F 1 10.37 -17.79 -39.53
N PRO F 2 9.86 -19.02 -39.31
CA PRO F 2 8.85 -19.31 -38.29
C PRO F 2 9.46 -19.47 -36.89
N PRO F 3 8.59 -19.56 -35.85
CA PRO F 3 8.94 -19.66 -34.42
C PRO F 3 9.58 -21.00 -34.08
N HIS F 4 10.66 -21.09 -33.29
CA HIS F 4 11.26 -20.06 -32.42
C HIS F 4 10.59 -20.03 -31.06
N GLY F 5 11.19 -20.74 -30.12
CA GLY F 5 10.76 -20.85 -28.74
C GLY F 5 9.51 -20.11 -28.29
N GLU F 6 9.71 -18.99 -27.63
CA GLU F 6 8.62 -18.30 -26.96
C GLU F 6 7.51 -17.92 -27.90
N LEU F 7 7.85 -17.70 -29.15
CA LEU F 7 6.83 -17.34 -30.12
C LEU F 7 5.71 -18.36 -30.15
N GLN F 8 6.06 -19.63 -30.15
CA GLN F 8 5.09 -20.70 -30.33
C GLN F 8 4.04 -20.66 -29.26
N TYR F 9 4.46 -20.32 -28.07
CA TYR F 9 3.56 -20.19 -26.96
C TYR F 9 2.54 -19.12 -27.29
N LEU F 10 3.04 -17.93 -27.56
CA LEU F 10 2.20 -16.81 -27.91
C LEU F 10 1.33 -17.17 -29.10
N GLY F 11 1.95 -17.79 -30.09
CA GLY F 11 1.22 -18.28 -31.23
C GLY F 11 0.11 -19.17 -30.75
N GLN F 12 0.42 -20.07 -29.83
CA GLN F 12 -0.62 -20.90 -29.23
C GLN F 12 -1.65 -20.03 -28.56
N ILE F 13 -1.21 -18.93 -27.97
CA ILE F 13 -2.13 -18.03 -27.29
C ILE F 13 -3.06 -17.38 -28.27
N GLN F 14 -2.50 -16.62 -29.19
CA GLN F 14 -3.29 -15.86 -30.16
C GLN F 14 -4.31 -16.74 -30.81
N HIS F 15 -3.90 -17.96 -31.14
CA HIS F 15 -4.75 -18.92 -31.82
C HIS F 15 -6.00 -19.23 -31.01
N ILE F 16 -5.83 -19.39 -29.72
CA ILE F 16 -6.96 -19.74 -28.88
C ILE F 16 -7.95 -18.60 -28.86
N LEU F 17 -7.48 -17.42 -29.17
CA LEU F 17 -8.35 -16.27 -29.18
C LEU F 17 -9.07 -16.22 -30.50
N ARG F 18 -8.31 -16.07 -31.56
CA ARG F 18 -8.89 -16.02 -32.89
C ARG F 18 -9.80 -17.21 -33.19
N CYS F 19 -9.55 -18.35 -32.58
CA CYS F 19 -10.23 -19.57 -33.01
C CYS F 19 -10.80 -20.40 -31.86
N GLY F 20 -10.80 -19.85 -30.65
CA GLY F 20 -11.25 -20.59 -29.47
C GLY F 20 -12.75 -20.78 -29.35
N VAL F 21 -13.20 -21.36 -28.24
CA VAL F 21 -14.63 -21.58 -28.04
C VAL F 21 -15.06 -21.53 -26.57
N ARG F 22 -16.14 -20.83 -26.30
CA ARG F 22 -16.65 -20.69 -24.94
C ARG F 22 -17.00 -22.04 -24.36
N LYS F 23 -16.94 -22.16 -23.04
CA LYS F 23 -17.08 -23.44 -22.38
C LYS F 23 -16.95 -23.24 -20.88
N ASP F 24 -18.01 -23.54 -20.13
CA ASP F 24 -17.96 -23.46 -18.67
C ASP F 24 -17.13 -24.63 -18.15
N ASP F 25 -17.09 -24.81 -16.83
CA ASP F 25 -16.12 -25.74 -16.25
C ASP F 25 -16.29 -26.02 -14.76
N ARG F 26 -15.26 -26.62 -14.16
CA ARG F 26 -15.26 -27.00 -12.76
C ARG F 26 -15.32 -25.77 -11.86
N THR F 27 -15.43 -24.61 -12.48
CA THR F 27 -15.52 -23.36 -11.73
C THR F 27 -16.53 -22.43 -12.40
N GLY F 28 -17.22 -22.95 -13.41
CA GLY F 28 -18.31 -22.24 -14.07
C GLY F 28 -18.03 -20.80 -14.45
N THR F 29 -16.79 -20.37 -14.27
CA THR F 29 -16.38 -19.04 -14.68
C THR F 29 -16.45 -18.95 -16.19
N GLY F 30 -15.74 -19.86 -16.85
CA GLY F 30 -15.76 -19.92 -18.30
C GLY F 30 -14.35 -19.79 -18.86
N THR F 31 -14.17 -20.29 -20.07
CA THR F 31 -12.87 -20.28 -20.73
C THR F 31 -13.03 -20.24 -22.23
N LEU F 32 -12.00 -19.77 -22.92
CA LEU F 32 -11.91 -19.96 -24.34
C LEU F 32 -11.06 -21.18 -24.58
N SER F 33 -11.66 -22.25 -25.06
CA SER F 33 -10.96 -23.53 -25.18
C SER F 33 -10.51 -23.90 -26.60
N VAL F 34 -9.59 -24.87 -26.69
CA VAL F 34 -9.15 -25.49 -27.94
C VAL F 34 -8.56 -26.85 -27.67
N PHE F 35 -9.15 -27.90 -28.24
CA PHE F 35 -8.65 -29.24 -28.00
C PHE F 35 -7.61 -29.63 -29.02
N GLY F 36 -6.44 -30.03 -28.55
CA GLY F 36 -5.39 -30.48 -29.41
C GLY F 36 -4.49 -29.35 -29.84
N MET F 37 -3.42 -29.13 -29.08
CA MET F 37 -2.34 -28.25 -29.51
C MET F 37 -1.01 -28.90 -29.26
N GLN F 38 0.03 -28.38 -29.88
CA GLN F 38 1.39 -28.85 -29.65
C GLN F 38 2.41 -27.79 -30.01
N ALA F 39 3.48 -27.69 -29.21
CA ALA F 39 4.55 -26.75 -29.49
C ALA F 39 5.89 -27.38 -29.19
N ARG F 40 6.94 -26.77 -29.70
CA ARG F 40 8.25 -27.37 -29.70
C ARG F 40 9.29 -26.35 -29.32
N TYR F 41 9.98 -26.59 -28.20
CA TYR F 41 10.96 -25.63 -27.73
C TYR F 41 12.32 -26.25 -27.71
N SER F 42 13.31 -25.50 -28.14
CA SER F 42 14.66 -26.03 -28.21
C SER F 42 15.36 -25.88 -26.86
N LEU F 43 16.09 -26.92 -26.47
CA LEU F 43 16.80 -26.93 -25.21
C LEU F 43 18.27 -26.73 -25.47
N ARG F 44 18.59 -26.72 -26.74
CA ARG F 44 19.97 -26.62 -27.17
C ARG F 44 20.54 -25.27 -26.80
N ASP F 45 21.27 -25.27 -25.68
CA ASP F 45 22.03 -24.11 -25.24
C ASP F 45 21.16 -22.91 -24.95
N GLU F 46 19.89 -23.16 -24.67
CA GLU F 46 19.03 -22.16 -24.07
C GLU F 46 18.13 -22.89 -23.11
N PHE F 47 17.33 -22.15 -22.36
CA PHE F 47 16.39 -22.79 -21.46
C PHE F 47 15.09 -22.03 -21.50
N PRO F 48 14.02 -22.72 -21.90
CA PRO F 48 12.70 -22.17 -22.25
C PRO F 48 11.91 -21.61 -21.07
N LEU F 49 12.39 -20.53 -20.50
CA LEU F 49 11.71 -19.88 -19.40
C LEU F 49 11.09 -18.61 -19.91
N LEU F 50 9.77 -18.58 -20.02
CA LEU F 50 9.11 -17.50 -20.77
C LEU F 50 9.52 -16.13 -20.28
N THR F 51 9.51 -15.16 -21.18
CA THR F 51 10.10 -13.86 -20.87
C THR F 51 9.10 -12.71 -20.97
N THR F 52 7.92 -12.99 -21.50
CA THR F 52 6.93 -11.94 -21.66
C THR F 52 6.15 -11.80 -20.35
N LYS F 53 6.22 -12.81 -19.51
CA LYS F 53 5.71 -12.67 -18.17
C LYS F 53 6.56 -13.55 -17.30
N ARG F 54 6.79 -13.13 -16.08
CA ARG F 54 7.76 -13.79 -15.21
C ARG F 54 7.27 -15.15 -14.69
N VAL F 55 8.07 -16.19 -14.85
CA VAL F 55 7.68 -17.49 -14.35
C VAL F 55 8.29 -17.74 -12.96
N PHE F 56 7.46 -18.14 -12.01
CA PHE F 56 7.93 -18.49 -10.69
C PHE F 56 8.90 -19.66 -10.74
N TRP F 57 10.18 -19.36 -10.78
CA TRP F 57 11.20 -20.38 -11.00
C TRP F 57 11.52 -21.25 -9.80
N LYS F 58 11.56 -20.66 -8.62
CA LYS F 58 11.99 -21.42 -7.45
C LYS F 58 10.99 -22.53 -7.18
N GLY F 59 9.71 -22.24 -7.43
CA GLY F 59 8.67 -23.23 -7.30
C GLY F 59 8.87 -24.32 -8.33
N VAL F 60 9.23 -23.90 -9.54
CA VAL F 60 9.52 -24.87 -10.57
C VAL F 60 10.56 -25.82 -10.04
N LEU F 61 11.65 -25.25 -9.57
CA LEU F 61 12.79 -26.01 -9.12
C LEU F 61 12.43 -26.86 -7.95
N GLU F 62 11.90 -26.25 -6.92
CA GLU F 62 11.64 -26.96 -5.69
C GLU F 62 10.50 -27.97 -5.83
N GLU F 63 9.57 -27.71 -6.73
CA GLU F 63 8.45 -28.64 -6.88
C GLU F 63 8.88 -29.90 -7.59
N LEU F 64 9.69 -29.75 -8.62
CA LEU F 64 10.25 -30.88 -9.31
C LEU F 64 11.04 -31.76 -8.34
N LEU F 65 11.96 -31.16 -7.62
CA LEU F 65 12.72 -31.89 -6.61
C LEU F 65 11.80 -32.53 -5.59
N TRP F 66 10.65 -31.91 -5.40
CA TRP F 66 9.63 -32.46 -4.54
C TRP F 66 9.11 -33.75 -5.17
N PHE F 67 9.06 -33.80 -6.48
CA PHE F 67 8.58 -34.99 -7.14
C PHE F 67 9.59 -36.08 -7.01
N ILE F 68 10.79 -35.80 -7.49
CA ILE F 68 11.85 -36.79 -7.52
C ILE F 68 12.06 -37.42 -6.16
N LYS F 69 11.83 -36.66 -5.11
CA LYS F 69 11.91 -37.20 -3.76
C LYS F 69 10.80 -38.23 -3.57
N GLY F 70 9.73 -38.09 -4.34
CA GLY F 70 8.61 -39.01 -4.27
C GLY F 70 7.51 -38.52 -3.36
N SER F 71 7.49 -37.22 -3.11
CA SER F 71 6.65 -36.66 -2.08
C SER F 71 5.21 -36.43 -2.51
N THR F 72 4.29 -36.56 -1.56
CA THR F 72 2.91 -36.20 -1.79
C THR F 72 2.38 -35.30 -0.69
N ASN F 73 3.28 -34.58 -0.05
CA ASN F 73 2.92 -33.78 1.11
C ASN F 73 2.97 -32.30 0.81
N ALA F 74 1.81 -31.67 0.70
CA ALA F 74 1.75 -30.29 0.30
C ALA F 74 2.43 -29.41 1.32
N LYS F 75 2.28 -29.74 2.60
CA LYS F 75 2.87 -28.96 3.67
C LYS F 75 4.37 -28.95 3.54
N GLU F 76 4.91 -30.05 3.04
CA GLU F 76 6.35 -30.22 2.90
C GLU F 76 6.94 -29.29 1.85
N LEU F 77 6.18 -29.03 0.80
CA LEU F 77 6.62 -28.14 -0.26
C LEU F 77 6.57 -26.69 0.21
N SER F 78 5.40 -26.27 0.70
CA SER F 78 5.18 -24.92 1.21
C SER F 78 6.28 -24.48 2.14
N SER F 79 6.76 -25.43 2.93
CA SER F 79 7.85 -25.19 3.86
C SER F 79 9.07 -24.68 3.13
N LYS F 80 9.15 -24.88 1.82
CA LYS F 80 10.30 -24.41 1.09
C LYS F 80 9.99 -23.05 0.48
N GLY F 81 8.81 -22.53 0.77
CA GLY F 81 8.42 -21.20 0.32
C GLY F 81 7.53 -21.20 -0.91
N VAL F 82 7.04 -22.39 -1.27
CA VAL F 82 6.24 -22.57 -2.47
C VAL F 82 4.86 -23.13 -2.16
N LYS F 83 3.84 -22.27 -2.28
CA LYS F 83 2.52 -22.55 -1.72
C LYS F 83 1.54 -23.04 -2.79
N ILE F 84 2.06 -23.37 -3.95
CA ILE F 84 1.23 -23.69 -5.11
C ILE F 84 0.32 -24.91 -4.95
N TRP F 85 0.64 -25.80 -4.02
CA TRP F 85 -0.21 -26.97 -3.82
C TRP F 85 -0.95 -26.88 -2.51
N ASP F 86 -0.65 -25.83 -1.75
CA ASP F 86 -1.23 -25.65 -0.42
C ASP F 86 -2.74 -25.62 -0.44
N ALA F 87 -3.30 -25.13 -1.53
CA ALA F 87 -4.73 -24.97 -1.66
C ALA F 87 -5.47 -26.31 -1.71
N ASN F 88 -4.80 -27.34 -2.20
CA ASN F 88 -5.41 -28.65 -2.34
C ASN F 88 -5.01 -29.61 -1.24
N GLY F 89 -4.26 -29.13 -0.27
CA GLY F 89 -3.92 -29.96 0.87
C GLY F 89 -4.65 -29.39 2.06
N SER F 90 -5.64 -28.55 1.77
CA SER F 90 -6.38 -27.84 2.79
C SER F 90 -7.55 -28.66 3.24
N ARG F 91 -7.89 -28.56 4.52
CA ARG F 91 -9.06 -29.24 5.03
C ARG F 91 -10.28 -28.81 4.25
N ASP F 92 -10.34 -27.52 3.94
CA ASP F 92 -11.47 -26.96 3.21
C ASP F 92 -11.72 -27.66 1.89
N PHE F 93 -10.63 -28.10 1.26
CA PHE F 93 -10.70 -28.67 -0.07
C PHE F 93 -10.75 -30.18 0.00
N LEU F 94 -9.90 -30.76 0.85
CA LEU F 94 -9.89 -32.19 1.06
C LEU F 94 -11.24 -32.71 1.52
N ASP F 95 -11.79 -32.07 2.54
CA ASP F 95 -13.06 -32.50 3.10
C ASP F 95 -14.15 -32.57 2.04
N SER F 96 -14.05 -31.70 1.05
CA SER F 96 -15.06 -31.65 0.00
C SER F 96 -14.96 -32.81 -0.95
N LEU F 97 -14.27 -33.87 -0.55
CA LEU F 97 -14.12 -35.04 -1.40
C LEU F 97 -14.37 -36.31 -0.61
N GLY F 98 -14.88 -36.15 0.61
CA GLY F 98 -15.18 -37.27 1.48
C GLY F 98 -13.89 -37.80 2.06
N PHE F 99 -12.92 -36.90 2.16
CA PHE F 99 -11.57 -37.27 2.57
C PHE F 99 -11.30 -37.03 4.05
N SER F 100 -12.34 -37.04 4.86
CA SER F 100 -12.20 -36.61 6.25
C SER F 100 -11.22 -37.47 7.04
N THR F 101 -11.16 -38.74 6.71
CA THR F 101 -10.21 -39.65 7.34
C THR F 101 -8.78 -39.12 7.20
N ARG F 102 -8.59 -38.25 6.22
CA ARG F 102 -7.25 -37.79 5.82
C ARG F 102 -6.78 -36.61 6.65
N GLU F 103 -5.54 -36.18 6.41
CA GLU F 103 -4.90 -35.12 7.19
C GLU F 103 -4.31 -34.04 6.29
N GLU F 104 -4.32 -32.78 6.73
CA GLU F 104 -4.05 -31.63 5.86
C GLU F 104 -2.72 -31.68 5.11
N GLY F 105 -2.75 -31.38 3.82
CA GLY F 105 -1.56 -31.43 3.00
C GLY F 105 -1.36 -32.76 2.29
N ASP F 106 -2.18 -33.75 2.64
CA ASP F 106 -2.04 -35.10 2.10
C ASP F 106 -2.71 -35.24 0.77
N LEU F 107 -2.02 -34.76 -0.25
CA LEU F 107 -2.50 -34.79 -1.60
C LEU F 107 -2.99 -36.16 -2.09
N GLY F 108 -2.46 -37.23 -1.50
CA GLY F 108 -2.81 -38.55 -1.98
C GLY F 108 -1.80 -39.01 -3.00
N PRO F 109 -2.06 -40.15 -3.64
CA PRO F 109 -1.07 -40.77 -4.52
C PRO F 109 -0.88 -40.02 -5.81
N VAL F 110 -0.46 -38.78 -5.73
CA VAL F 110 -0.29 -37.99 -6.93
C VAL F 110 1.09 -38.24 -7.55
N TYR F 111 1.65 -37.24 -8.21
CA TYR F 111 2.82 -37.43 -9.05
C TYR F 111 3.95 -38.19 -8.40
N GLY F 112 4.53 -37.62 -7.35
CA GLY F 112 5.74 -38.18 -6.79
C GLY F 112 5.59 -39.65 -6.51
N PHE F 113 4.38 -40.05 -6.14
CA PHE F 113 4.10 -41.43 -5.80
C PHE F 113 4.09 -42.33 -7.01
N GLN F 114 3.49 -41.85 -8.08
CA GLN F 114 3.39 -42.63 -9.28
C GLN F 114 4.74 -42.79 -9.92
N TRP F 115 5.49 -41.71 -10.02
CA TRP F 115 6.80 -41.74 -10.65
C TRP F 115 7.69 -42.77 -10.05
N ARG F 116 7.58 -42.92 -8.75
CA ARG F 116 8.52 -43.75 -8.05
C ARG F 116 7.89 -44.99 -7.42
N HIS F 117 6.57 -45.01 -7.30
CA HIS F 117 5.94 -46.16 -6.68
C HIS F 117 4.64 -46.56 -7.37
N PHE F 118 4.65 -46.55 -8.69
CA PHE F 118 3.46 -46.87 -9.44
C PHE F 118 2.90 -48.22 -9.07
N GLY F 119 1.63 -48.23 -8.67
CA GLY F 119 0.92 -49.46 -8.47
C GLY F 119 1.12 -49.98 -7.09
N ALA F 120 1.76 -49.18 -6.25
CA ALA F 120 1.91 -49.56 -4.87
C ALA F 120 0.64 -49.18 -4.16
N GLU F 121 0.32 -49.86 -3.07
CA GLU F 121 -0.88 -49.54 -2.34
C GLU F 121 -0.62 -48.32 -1.48
N TYR F 122 -1.38 -47.25 -1.72
CA TYR F 122 -1.21 -45.99 -1.00
C TYR F 122 -1.90 -46.04 0.35
N ARG F 123 -1.19 -45.61 1.38
CA ARG F 123 -1.78 -45.50 2.72
C ARG F 123 -1.88 -44.02 3.07
N ASP F 124 -0.75 -43.35 3.27
CA ASP F 124 -0.75 -41.91 3.36
C ASP F 124 0.64 -41.34 3.14
N MET F 125 0.72 -40.02 3.10
CA MET F 125 1.96 -39.36 2.77
C MET F 125 3.08 -39.72 3.72
N GLU F 126 2.76 -39.84 5.00
CA GLU F 126 3.76 -40.12 6.01
C GLU F 126 4.30 -41.55 5.96
N SER F 127 3.64 -42.41 5.18
CA SER F 127 3.99 -43.82 5.14
C SER F 127 5.29 -44.11 4.42
N ASP F 128 5.72 -45.36 4.49
CA ASP F 128 6.95 -45.79 3.87
C ASP F 128 6.71 -46.79 2.77
N TYR F 129 7.35 -46.58 1.63
CA TYR F 129 7.08 -47.36 0.43
C TYR F 129 8.32 -47.96 -0.21
N SER F 130 9.36 -48.20 0.57
CA SER F 130 10.63 -48.66 0.02
C SER F 130 10.46 -49.97 -0.74
N GLY F 131 10.88 -49.96 -2.00
CA GLY F 131 10.84 -51.17 -2.81
C GLY F 131 9.46 -51.65 -3.21
N GLN F 132 8.44 -50.81 -2.99
CA GLN F 132 7.09 -51.15 -3.42
C GLN F 132 6.74 -50.44 -4.71
N GLY F 133 5.97 -51.10 -5.55
CA GLY F 133 5.54 -50.52 -6.81
C GLY F 133 6.65 -50.46 -7.84
N VAL F 134 6.42 -49.66 -8.88
CA VAL F 134 7.40 -49.55 -9.96
C VAL F 134 8.05 -48.18 -9.97
N ASP F 135 9.37 -48.15 -10.02
CA ASP F 135 10.10 -46.89 -10.08
C ASP F 135 10.24 -46.46 -11.52
N GLN F 136 9.35 -45.60 -11.98
CA GLN F 136 9.40 -45.20 -13.36
C GLN F 136 10.58 -44.31 -13.63
N LEU F 137 10.87 -43.44 -12.67
CA LEU F 137 11.95 -42.47 -12.82
C LEU F 137 13.30 -43.13 -12.96
N GLN F 138 13.61 -44.08 -12.09
CA GLN F 138 14.84 -44.82 -12.24
C GLN F 138 14.82 -45.63 -13.55
N ARG F 139 13.77 -46.40 -13.74
CA ARG F 139 13.68 -47.28 -14.89
C ARG F 139 13.81 -46.53 -16.22
N VAL F 140 13.53 -45.24 -16.20
CA VAL F 140 13.66 -44.44 -17.41
C VAL F 140 15.11 -44.17 -17.69
N ILE F 141 15.83 -43.77 -16.66
CA ILE F 141 17.22 -43.39 -16.77
C ILE F 141 18.06 -44.53 -17.24
N ASP F 142 17.82 -45.70 -16.68
CA ASP F 142 18.67 -46.83 -17.01
C ASP F 142 18.45 -47.25 -18.44
N THR F 143 17.21 -47.15 -18.90
CA THR F 143 16.90 -47.50 -20.27
C THR F 143 17.69 -46.63 -21.21
N ILE F 144 17.46 -45.33 -21.12
CA ILE F 144 18.24 -44.35 -21.86
C ILE F 144 19.71 -44.70 -21.87
N LYS F 145 20.22 -45.06 -20.70
CA LYS F 145 21.62 -45.39 -20.54
C LYS F 145 22.02 -46.64 -21.29
N THR F 146 21.25 -47.71 -21.16
CA THR F 146 21.64 -48.98 -21.79
C THR F 146 21.07 -49.18 -23.19
N ASN F 147 19.94 -48.55 -23.50
CA ASN F 147 19.37 -48.69 -24.83
C ASN F 147 18.57 -47.49 -25.24
N PRO F 148 19.24 -46.44 -25.69
CA PRO F 148 18.68 -45.15 -26.07
C PRO F 148 17.69 -45.17 -27.24
N ASP F 149 17.50 -46.33 -27.86
CA ASP F 149 16.71 -46.38 -29.08
C ASP F 149 15.32 -46.95 -28.84
N ASP F 150 14.91 -46.93 -27.59
CA ASP F 150 13.67 -47.51 -27.15
C ASP F 150 12.49 -46.56 -27.27
N ARG F 151 11.43 -47.01 -27.93
CA ARG F 151 10.24 -46.19 -28.06
C ARG F 151 9.26 -46.49 -26.95
N ARG F 152 9.77 -46.99 -25.83
CA ARG F 152 8.93 -47.25 -24.70
C ARG F 152 9.38 -46.46 -23.50
N ILE F 153 10.18 -45.43 -23.72
CA ILE F 153 10.67 -44.67 -22.59
C ILE F 153 9.61 -43.72 -22.07
N ILE F 154 8.78 -44.24 -21.19
CA ILE F 154 7.57 -43.56 -20.80
C ILE F 154 7.36 -43.53 -19.31
N MET F 155 7.19 -42.34 -18.79
CA MET F 155 6.75 -42.15 -17.43
C MET F 155 5.30 -41.74 -17.43
N CYS F 156 4.47 -42.53 -16.75
CA CYS F 156 3.03 -42.27 -16.72
C CYS F 156 2.54 -41.98 -15.31
N ALA F 157 1.81 -40.89 -15.16
CA ALA F 157 1.31 -40.50 -13.86
C ALA F 157 -0.18 -40.75 -13.74
N TRP F 158 -0.82 -41.03 -14.85
CA TRP F 158 -2.23 -41.28 -14.83
C TRP F 158 -2.50 -42.71 -14.40
N ASN F 159 -2.87 -42.91 -13.14
CA ASN F 159 -3.30 -44.21 -12.67
C ASN F 159 -4.77 -44.18 -12.34
N PRO F 160 -5.59 -44.76 -13.23
CA PRO F 160 -7.04 -44.89 -13.09
C PRO F 160 -7.48 -45.41 -11.73
N ARG F 161 -6.72 -46.37 -11.22
CA ARG F 161 -7.08 -47.05 -9.99
C ARG F 161 -6.84 -46.20 -8.75
N ASP F 162 -5.81 -45.38 -8.77
CA ASP F 162 -5.51 -44.56 -7.63
C ASP F 162 -6.16 -43.19 -7.82
N LEU F 163 -7.09 -43.10 -8.74
CA LEU F 163 -7.63 -41.80 -9.09
C LEU F 163 -8.62 -41.22 -8.10
N PRO F 164 -9.45 -42.07 -7.49
CA PRO F 164 -10.41 -41.59 -6.50
C PRO F 164 -9.75 -41.17 -5.19
N LEU F 165 -8.45 -41.46 -5.08
CA LEU F 165 -7.68 -41.18 -3.88
C LEU F 165 -6.93 -39.88 -4.00
N MET F 166 -6.72 -39.45 -5.23
CA MET F 166 -5.96 -38.24 -5.49
C MET F 166 -6.80 -37.02 -5.23
N ALA F 167 -6.22 -36.05 -4.55
CA ALA F 167 -6.88 -34.80 -4.27
C ALA F 167 -6.92 -33.94 -5.52
N LEU F 168 -6.30 -34.42 -6.58
CA LEU F 168 -6.31 -33.73 -7.85
C LEU F 168 -5.86 -34.68 -8.94
N PRO F 169 -6.67 -34.83 -9.98
CA PRO F 169 -6.25 -35.65 -11.11
C PRO F 169 -5.15 -34.96 -11.89
N PRO F 170 -4.04 -35.66 -12.10
CA PRO F 170 -2.82 -35.17 -12.72
C PRO F 170 -3.04 -34.57 -14.08
N CYS F 171 -2.38 -33.45 -14.35
CA CYS F 171 -2.42 -32.77 -15.62
C CYS F 171 -1.45 -33.34 -16.62
N HIS F 172 -0.33 -33.83 -16.12
CA HIS F 172 0.64 -34.45 -16.97
C HIS F 172 0.44 -35.94 -16.94
N ALA F 173 -0.39 -36.43 -17.85
CA ALA F 173 -0.74 -37.83 -17.85
C ALA F 173 0.50 -38.68 -18.00
N LEU F 174 1.32 -38.35 -18.99
CA LEU F 174 2.53 -39.10 -19.16
C LEU F 174 3.57 -38.25 -19.85
N CYS F 175 4.76 -38.79 -19.99
CA CYS F 175 5.75 -38.13 -20.81
C CYS F 175 6.68 -39.16 -21.39
N GLN F 176 7.08 -38.93 -22.62
CA GLN F 176 7.95 -39.88 -23.29
C GLN F 176 9.30 -39.25 -23.48
N PHE F 177 10.32 -40.07 -23.46
CA PHE F 177 11.66 -39.63 -23.72
C PHE F 177 12.19 -40.26 -24.99
N TYR F 178 13.21 -39.64 -25.56
CA TYR F 178 13.68 -40.04 -26.87
C TYR F 178 15.13 -39.65 -27.05
N VAL F 179 15.95 -40.58 -27.52
CA VAL F 179 17.36 -40.28 -27.73
C VAL F 179 17.74 -40.48 -29.17
N VAL F 180 18.60 -39.60 -29.67
CA VAL F 180 19.14 -39.72 -31.00
C VAL F 180 20.28 -38.74 -31.14
N ASN F 181 21.37 -39.17 -31.75
CA ASN F 181 22.56 -38.32 -31.88
C ASN F 181 23.03 -37.78 -30.56
N SER F 182 22.98 -38.61 -29.53
CA SER F 182 23.42 -38.23 -28.21
C SER F 182 22.71 -36.97 -27.70
N GLU F 183 21.50 -36.75 -28.20
CA GLU F 183 20.63 -35.65 -27.81
C GLU F 183 19.34 -36.14 -27.19
N LEU F 184 19.01 -35.64 -26.00
CA LEU F 184 17.79 -36.10 -25.31
C LEU F 184 16.60 -35.16 -25.40
N SER F 185 15.48 -35.64 -25.93
CA SER F 185 14.28 -34.82 -26.02
C SER F 185 13.14 -35.42 -25.22
N CYS F 186 12.18 -34.58 -24.88
CA CYS F 186 11.07 -35.01 -24.06
C CYS F 186 9.75 -34.57 -24.64
N GLN F 187 8.74 -35.40 -24.53
CA GLN F 187 7.40 -34.99 -24.91
C GLN F 187 6.46 -35.19 -23.74
N LEU F 188 5.81 -34.11 -23.33
CA LEU F 188 4.80 -34.18 -22.30
C LEU F 188 3.38 -34.14 -22.83
N TYR F 189 2.56 -35.07 -22.39
CA TYR F 189 1.15 -34.97 -22.66
C TYR F 189 0.41 -34.35 -21.50
N GLN F 190 0.04 -33.09 -21.67
CA GLN F 190 -0.76 -32.40 -20.70
C GLN F 190 -2.21 -32.48 -21.13
N ARG F 191 -3.09 -32.83 -20.21
CA ARG F 191 -4.47 -33.09 -20.56
C ARG F 191 -5.26 -31.81 -20.55
N SER F 192 -4.74 -30.84 -19.83
CA SER F 192 -5.44 -29.61 -19.57
C SER F 192 -4.46 -28.54 -19.12
N GLY F 193 -4.48 -27.39 -19.79
CA GLY F 193 -3.49 -26.37 -19.55
C GLY F 193 -4.01 -24.96 -19.49
N ASP F 194 -3.88 -24.35 -18.33
CA ASP F 194 -4.19 -22.95 -18.19
C ASP F 194 -3.06 -22.17 -18.81
N MET F 195 -3.27 -21.69 -20.02
CA MET F 195 -2.22 -21.01 -20.77
C MET F 195 -1.62 -19.81 -20.08
N GLY F 196 -2.37 -19.19 -19.19
CA GLY F 196 -1.96 -17.92 -18.62
C GLY F 196 -1.02 -18.04 -17.45
N LEU F 197 -1.15 -19.14 -16.72
CA LEU F 197 -0.38 -19.30 -15.51
C LEU F 197 0.19 -20.70 -15.36
N GLY F 198 -0.64 -21.70 -15.58
CA GLY F 198 -0.19 -23.07 -15.51
C GLY F 198 0.83 -23.50 -16.56
N VAL F 199 0.54 -23.25 -17.83
CA VAL F 199 1.33 -23.84 -18.89
C VAL F 199 2.80 -23.48 -18.91
N PRO F 200 3.12 -22.19 -18.78
CA PRO F 200 4.51 -21.74 -18.83
C PRO F 200 5.33 -22.35 -17.72
N PHE F 201 4.67 -22.57 -16.60
CA PHE F 201 5.29 -23.21 -15.46
C PHE F 201 5.56 -24.64 -15.85
N ASN F 202 4.57 -25.29 -16.43
CA ASN F 202 4.68 -26.70 -16.76
C ASN F 202 5.81 -26.99 -17.73
N ILE F 203 6.04 -26.06 -18.63
CA ILE F 203 7.12 -26.19 -19.59
C ILE F 203 8.49 -26.17 -18.95
N ALA F 204 8.68 -25.24 -18.03
CA ALA F 204 9.97 -25.12 -17.39
C ALA F 204 10.29 -26.35 -16.59
N SER F 205 9.27 -26.99 -16.05
CA SER F 205 9.50 -28.16 -15.23
C SER F 205 10.03 -29.31 -16.05
N TYR F 206 9.53 -29.47 -17.26
CA TYR F 206 9.92 -30.62 -18.03
C TYR F 206 11.18 -30.32 -18.77
N ALA F 207 11.36 -29.04 -19.11
CA ALA F 207 12.61 -28.62 -19.70
C ALA F 207 13.69 -28.88 -18.69
N LEU F 208 13.38 -28.62 -17.42
CA LEU F 208 14.32 -28.87 -16.33
C LEU F 208 14.61 -30.35 -16.16
N LEU F 209 13.57 -31.14 -15.98
CA LEU F 209 13.72 -32.57 -15.82
C LEU F 209 14.45 -33.19 -16.99
N THR F 210 14.48 -32.49 -18.11
CA THR F 210 15.22 -33.02 -19.22
C THR F 210 16.68 -32.73 -18.98
N TYR F 211 16.98 -31.47 -18.65
CA TYR F 211 18.35 -31.07 -18.34
C TYR F 211 18.97 -31.94 -17.26
N MET F 212 18.24 -32.23 -16.20
CA MET F 212 18.76 -33.11 -15.17
C MET F 212 19.17 -34.45 -15.74
N ILE F 213 18.23 -35.13 -16.38
CA ILE F 213 18.45 -36.47 -16.89
C ILE F 213 19.56 -36.51 -17.91
N ALA F 214 19.58 -35.55 -18.82
CA ALA F 214 20.63 -35.52 -19.80
C ALA F 214 21.95 -35.43 -19.09
N HIS F 215 21.95 -34.79 -17.92
CA HIS F 215 23.14 -34.66 -17.13
C HIS F 215 23.58 -36.03 -16.64
N ILE F 216 22.69 -36.69 -15.95
CA ILE F 216 22.95 -37.99 -15.40
C ILE F 216 23.39 -38.98 -16.46
N THR F 217 23.10 -38.68 -17.72
CA THR F 217 23.27 -39.67 -18.75
C THR F 217 24.43 -39.34 -19.67
N GLY F 218 24.78 -38.06 -19.72
CA GLY F 218 25.92 -37.65 -20.52
C GLY F 218 25.47 -37.22 -21.88
N LEU F 219 24.25 -36.70 -21.94
CA LEU F 219 23.62 -36.37 -23.21
C LEU F 219 23.38 -34.89 -23.35
N LYS F 220 23.38 -34.42 -24.59
CA LYS F 220 23.01 -33.05 -24.84
C LYS F 220 21.50 -33.01 -24.97
N PRO F 221 20.88 -32.05 -24.29
CA PRO F 221 19.44 -31.80 -24.41
C PRO F 221 19.01 -31.50 -25.84
N GLY F 222 17.85 -32.01 -26.25
CA GLY F 222 17.33 -31.78 -27.58
C GLY F 222 16.15 -30.84 -27.51
N ASP F 223 14.96 -31.34 -27.88
CA ASP F 223 13.74 -30.55 -27.80
C ASP F 223 12.88 -30.94 -26.62
N PHE F 224 12.04 -30.02 -26.20
CA PHE F 224 10.90 -30.33 -25.37
C PHE F 224 9.69 -30.20 -26.25
N ILE F 225 8.85 -31.22 -26.27
CA ILE F 225 7.61 -31.12 -27.01
C ILE F 225 6.46 -31.05 -26.02
N HIS F 226 5.59 -30.09 -26.24
CA HIS F 226 4.49 -29.86 -25.33
C HIS F 226 3.17 -30.08 -26.03
N THR F 227 2.46 -31.11 -25.64
CA THR F 227 1.17 -31.42 -26.23
C THR F 227 0.05 -31.20 -25.25
N LEU F 228 -0.99 -30.53 -25.71
CA LEU F 228 -2.10 -30.24 -24.84
C LEU F 228 -3.35 -30.91 -25.31
N GLY F 229 -4.10 -31.45 -24.36
CA GLY F 229 -5.47 -31.86 -24.61
C GLY F 229 -6.32 -30.62 -24.60
N ASP F 230 -6.88 -30.28 -23.44
CA ASP F 230 -7.76 -29.12 -23.33
C ASP F 230 -7.03 -27.84 -22.98
N ALA F 231 -6.52 -27.16 -24.00
CA ALA F 231 -5.86 -25.88 -23.80
C ALA F 231 -6.88 -24.76 -23.76
N HIS F 232 -6.95 -24.09 -22.61
CA HIS F 232 -7.95 -23.06 -22.39
C HIS F 232 -7.39 -21.76 -21.83
N ILE F 233 -8.23 -20.75 -21.83
CA ILE F 233 -7.86 -19.46 -21.31
C ILE F 233 -9.00 -18.93 -20.45
N TYR F 234 -8.69 -18.60 -19.20
CA TYR F 234 -9.72 -18.13 -18.32
C TYR F 234 -10.15 -16.73 -18.71
N LEU F 235 -11.42 -16.62 -19.09
CA LEU F 235 -12.01 -15.38 -19.57
C LEU F 235 -11.53 -14.18 -18.76
N ASN F 236 -11.52 -14.35 -17.45
CA ASN F 236 -11.01 -13.34 -16.52
C ASN F 236 -9.62 -12.89 -16.95
N HIS F 237 -8.88 -13.80 -17.58
CA HIS F 237 -7.48 -13.54 -17.91
C HIS F 237 -7.31 -13.02 -19.32
N ILE F 238 -8.39 -12.86 -20.06
CA ILE F 238 -8.25 -12.48 -21.45
C ILE F 238 -7.71 -11.06 -21.63
N GLU F 239 -8.25 -10.12 -20.86
CA GLU F 239 -7.80 -8.75 -20.92
C GLU F 239 -6.30 -8.67 -20.71
N PRO F 240 -5.83 -9.13 -19.55
CA PRO F 240 -4.42 -9.12 -19.19
C PRO F 240 -3.57 -9.78 -20.24
N LEU F 241 -4.02 -10.96 -20.65
CA LEU F 241 -3.27 -11.77 -21.58
C LEU F 241 -3.13 -11.04 -22.88
N LYS F 242 -4.20 -10.40 -23.31
CA LYS F 242 -4.16 -9.62 -24.52
C LYS F 242 -3.03 -8.60 -24.45
N ILE F 243 -2.71 -8.15 -23.24
CA ILE F 243 -1.60 -7.22 -23.04
C ILE F 243 -0.29 -7.91 -23.40
N GLN F 244 0.12 -8.81 -22.53
CA GLN F 244 1.35 -9.60 -22.69
C GLN F 244 1.68 -9.90 -24.14
N LEU F 245 0.66 -10.21 -24.93
CA LEU F 245 0.87 -10.68 -26.28
C LEU F 245 1.53 -9.66 -27.16
N GLN F 246 1.74 -8.47 -26.66
CA GLN F 246 2.39 -7.47 -27.49
C GLN F 246 3.83 -7.24 -27.08
N ARG F 247 4.21 -7.81 -25.94
CA ARG F 247 5.58 -7.68 -25.48
C ARG F 247 6.51 -8.39 -26.44
N GLU F 248 7.60 -7.73 -26.82
CA GLU F 248 8.64 -8.38 -27.59
C GLU F 248 9.41 -9.33 -26.69
N PRO F 249 9.34 -10.63 -26.97
CA PRO F 249 10.10 -11.63 -26.22
C PRO F 249 11.58 -11.37 -26.25
N ARG F 250 12.24 -11.50 -25.11
CA ARG F 250 13.68 -11.40 -25.06
C ARG F 250 14.27 -12.79 -25.02
N PRO F 251 15.52 -12.92 -25.43
CA PRO F 251 16.17 -14.22 -25.56
C PRO F 251 16.00 -15.08 -24.31
N PHE F 252 15.83 -16.39 -24.51
CA PHE F 252 15.75 -17.34 -23.42
C PHE F 252 17.03 -17.25 -22.60
N PRO F 253 16.96 -17.53 -21.31
CA PRO F 253 18.17 -17.61 -20.51
C PRO F 253 18.87 -18.92 -20.73
N LYS F 254 19.96 -19.16 -20.02
CA LYS F 254 20.60 -20.44 -20.04
C LYS F 254 20.49 -21.02 -18.64
N LEU F 255 20.52 -22.36 -18.53
CA LEU F 255 20.52 -23.02 -17.24
C LEU F 255 21.83 -23.75 -17.01
N ARG F 256 22.40 -23.60 -15.83
CA ARG F 256 23.70 -24.15 -15.54
C ARG F 256 23.67 -25.15 -14.40
N ILE F 257 24.44 -26.21 -14.51
CA ILE F 257 24.61 -27.16 -13.40
C ILE F 257 25.99 -26.99 -12.77
N LEU F 258 26.02 -26.71 -11.47
CA LEU F 258 27.24 -26.27 -10.80
C LEU F 258 28.15 -27.40 -10.32
N ARG F 259 27.69 -28.65 -10.42
CA ARG F 259 28.53 -29.79 -10.05
C ARG F 259 28.08 -31.05 -10.77
N LYS F 260 28.94 -32.05 -10.81
CA LYS F 260 28.59 -33.30 -11.49
C LYS F 260 27.85 -34.24 -10.56
N VAL F 261 26.54 -34.36 -10.73
CA VAL F 261 25.74 -35.30 -9.94
C VAL F 261 25.77 -36.68 -10.58
N GLU F 262 25.61 -37.71 -9.75
CA GLU F 262 25.74 -39.08 -10.22
C GLU F 262 24.39 -39.77 -10.32
N LYS F 263 23.65 -39.72 -9.22
CA LYS F 263 22.30 -40.23 -9.18
C LYS F 263 21.38 -39.04 -9.48
N ILE F 264 20.07 -39.21 -9.31
CA ILE F 264 19.13 -38.11 -9.57
C ILE F 264 18.51 -37.62 -8.26
N ASP F 265 18.53 -38.46 -7.25
CA ASP F 265 18.01 -38.08 -5.96
C ASP F 265 18.95 -37.12 -5.28
N ASP F 266 20.16 -37.01 -5.80
CA ASP F 266 21.17 -36.19 -5.17
C ASP F 266 21.22 -34.79 -5.73
N PHE F 267 20.38 -34.50 -6.69
CA PHE F 267 20.28 -33.13 -7.17
C PHE F 267 19.85 -32.28 -6.00
N LYS F 268 20.40 -31.07 -5.93
CA LYS F 268 20.21 -30.19 -4.79
C LYS F 268 19.16 -29.12 -5.02
N ALA F 269 19.60 -27.98 -5.55
CA ALA F 269 18.77 -26.82 -5.78
C ALA F 269 19.74 -25.68 -5.93
N GLU F 270 20.80 -25.77 -5.14
CA GLU F 270 21.90 -24.85 -5.23
C GLU F 270 22.69 -25.25 -6.42
N ASP F 271 22.54 -26.50 -6.80
CA ASP F 271 23.18 -27.03 -7.99
C ASP F 271 22.79 -26.31 -9.26
N PHE F 272 21.65 -25.64 -9.26
CA PHE F 272 21.15 -24.97 -10.44
C PHE F 272 21.35 -23.47 -10.41
N GLN F 273 22.02 -22.93 -11.41
CA GLN F 273 22.09 -21.49 -11.56
C GLN F 273 21.36 -21.05 -12.82
N ILE F 274 20.48 -20.07 -12.69
CA ILE F 274 19.87 -19.48 -13.87
C ILE F 274 20.69 -18.28 -14.35
N GLU F 275 20.84 -18.11 -15.66
CA GLU F 275 21.71 -17.07 -16.17
C GLU F 275 21.11 -16.24 -17.29
N GLY F 276 20.97 -14.93 -17.04
CA GLY F 276 20.57 -14.00 -18.08
C GLY F 276 19.08 -13.91 -18.36
N TYR F 277 18.28 -14.05 -17.31
CA TYR F 277 16.83 -14.10 -17.45
C TYR F 277 16.19 -12.78 -17.13
N ASN F 278 15.89 -11.98 -18.14
CA ASN F 278 15.23 -10.70 -17.92
C ASN F 278 13.84 -10.62 -18.54
N PRO F 279 12.83 -11.11 -17.80
CA PRO F 279 11.42 -11.05 -18.19
C PRO F 279 10.82 -9.65 -18.06
N HIS F 280 9.50 -9.53 -18.23
CA HIS F 280 8.83 -8.28 -17.95
C HIS F 280 8.14 -8.37 -16.62
N PRO F 281 7.37 -7.35 -16.26
CA PRO F 281 6.59 -7.39 -15.02
C PRO F 281 5.13 -7.78 -15.26
N1 UMP G . -10.37 2.62 20.55
C2 UMP G . -9.53 2.32 21.65
N3 UMP G . -8.24 2.93 21.71
C4 UMP G . -7.74 3.80 20.75
C5 UMP G . -8.58 4.12 19.65
C6 UMP G . -9.91 3.54 19.56
O2 UMP G . -9.90 1.58 22.46
O4 UMP G . -6.67 4.28 20.86
C1' UMP G . -11.70 2.09 20.41
C2' UMP G . -12.87 2.02 21.23
C3' UMP G . -13.99 1.85 20.42
C4' UMP G . -13.61 2.37 19.16
O3' UMP G . -14.21 0.52 20.22
O4' UMP G . -12.24 2.25 19.15
C5' UMP G . -13.99 3.76 18.98
O5' UMP G . -15.22 4.06 18.56
P UMP G . -15.90 5.32 19.00
OP1 UMP G . -15.44 5.85 20.27
OP2 UMP G . -15.83 6.40 18.04
OP3 UMP G . -17.27 4.88 19.12
HN3 UMP G . -7.71 2.71 22.40
H5 UMP G . -8.28 4.74 18.97
H6 UMP G . -10.47 3.76 18.81
H1' UMP G . -11.34 1.18 20.53
H2' UMP G . -12.96 2.85 21.73
H2'' UMP G . -12.78 1.26 21.85
H3' UMP G . -14.74 2.16 20.94
H4' UMP G . -13.76 1.85 18.35
HO3' UMP G . -14.79 0.23 20.84
H5' UMP G . -13.81 4.20 19.82
H5'' UMP G . -13.40 4.13 18.32
O01 KI3 H . -13.01 2.37 13.65
C02 KI3 H . -12.27 1.77 14.69
C03 KI3 H . -12.86 0.82 15.51
C04 KI3 H . -12.13 0.23 16.52
C05 KI3 H . -12.86 -0.79 17.37
C06 KI3 H . -10.77 0.61 16.69
C07 KI3 H . -10.24 1.56 15.85
N08 KI3 H . -10.99 2.12 14.86
S09 KI3 H . -8.60 1.80 16.32
C10 KI3 H . -8.58 0.67 17.62
C11 KI3 H . -9.84 0.14 17.67
N12 KI3 H . -10.13 -0.84 18.65
C13 KI3 H . -7.41 0.36 18.50
O14 KI3 H . -7.49 -0.52 19.33
C15 KI3 H . -6.12 1.13 18.38
C16 KI3 H . -5.63 1.52 17.14
C17 KI3 H . -4.46 2.24 17.06
C18 KI3 H . -3.77 2.54 18.21
C19 KI3 H . -4.26 2.15 19.45
C20 KI3 H . -5.44 1.44 19.52
H011 KI3 H . -13.87 2.36 13.87
H031 KI3 H . -13.79 0.57 15.38
H052 KI3 H . -12.24 -1.17 18.02
H053 KI3 H . -13.20 -1.51 16.79
H051 KI3 H . -13.60 -0.36 17.83
H122 KI3 H . -9.69 -1.64 18.64
H121 KI3 H . -10.77 -0.68 19.28
H161 KI3 H . -6.12 1.30 16.33
H171 KI3 H . -4.11 2.51 16.19
H181 KI3 H . -2.93 3.04 18.16
H191 KI3 H . -3.77 2.38 20.26
H201 KI3 H . -5.78 1.16 20.40
N1 UMP I . 14.47 -28.07 26.62
C2 UMP I . 14.94 -29.41 26.72
N3 UMP I . 15.45 -30.03 25.54
C4 UMP I . 15.53 -29.41 24.30
C5 UMP I . 15.08 -28.06 24.21
C6 UMP I . 14.56 -27.39 25.38
O2 UMP I . 14.87 -29.97 27.73
O4 UMP I . 15.98 -29.98 23.36
C1' UMP I . 13.96 -27.34 27.76
C2' UMP I . 14.43 -27.06 29.09
C3' UMP I . 13.78 -25.92 29.57
C4' UMP I . 13.39 -25.21 28.40
O3' UMP I . 12.61 -26.29 30.18
O4' UMP I . 13.29 -26.19 27.43
C5' UMP I . 14.36 -24.20 28.00
O5' UMP I . 14.31 -22.99 28.57
P UMP I . 15.56 -22.20 28.76
OP1 UMP I . 16.78 -22.99 28.87
OP2 UMP I . 15.80 -21.19 27.75
OP3 UMP I . 15.28 -21.55 30.03
HN3 UMP I . 15.73 -30.88 25.60
H5 UMP I . 15.13 -27.60 23.37
H6 UMP I . 14.26 -26.48 25.31
H1' UMP I . 13.34 -28.08 27.94
H2' UMP I . 15.38 -26.89 29.07
H2'' UMP I . 14.22 -27.83 29.67
H3' UMP I . 14.34 -25.57 30.27
H4' UMP I . 12.48 -24.90 28.31
HO3' UMP I . 12.77 -26.38 31.06
H5' UMP I . 15.23 -24.60 28.12
H5'' UMP I . 14.23 -24.06 27.06
O01 KI3 J . 9.98 -22.40 25.23
C02 KI3 J . 10.13 -23.78 25.42
C03 KI3 J . 9.84 -24.34 26.65
C04 KI3 J . 9.99 -25.70 26.85
C05 KI3 J . 9.63 -26.21 28.24
C06 KI3 J . 10.44 -26.52 25.76
C07 KI3 J . 10.71 -25.90 24.56
N08 KI3 J . 10.56 -24.56 24.41
S09 KI3 J . 11.24 -27.15 23.48
C10 KI3 J . 11.11 -28.47 24.58
C11 KI3 J . 10.67 -27.93 25.76
N12 KI3 J . 10.45 -28.79 26.87
C13 KI3 J . 11.42 -29.92 24.29
O14 KI3 J . 11.27 -30.75 25.15
C15 KI3 J . 11.95 -30.35 22.95
C16 KI3 J . 12.82 -31.40 22.90
C17 KI3 J . 13.34 -31.82 21.70
C18 KI3 J . 12.97 -31.16 20.54
C19 KI3 J . 12.09 -30.10 20.58
C20 KI3 J . 11.57 -29.70 21.78
H011 KI3 J . 10.04 -21.99 26.01
H031 KI3 J . 9.53 -23.77 27.37
H052 KI3 J . 8.70 -25.98 28.45
H053 KI3 J . 9.74 -27.18 28.26
H051 KI3 J . 10.24 -25.80 28.89
H122 KI3 J . 9.61 -28.90 27.22
H121 KI3 J . 11.16 -29.24 27.24
H161 KI3 J . 13.08 -31.85 23.74
H171 KI3 J . 13.97 -32.56 21.67
H181 KI3 J . 13.33 -31.46 19.69
H191 KI3 J . 11.83 -29.65 19.75
H201 KI3 J . 10.95 -28.94 21.82
N1 UMP K . -26.15 0.34 -16.27
C2 UMP K . -26.75 0.37 -14.99
N3 UMP K . -27.18 1.62 -14.47
C4 UMP K . -27.07 2.82 -15.14
C5 UMP K . -26.48 2.81 -16.44
C6 UMP K . -26.04 1.55 -17.00
O2 UMP K . -26.85 -0.62 -14.39
O4 UMP K . -27.46 3.83 -14.65
C1' UMP K . -25.70 -0.88 -16.91
C2' UMP K . -26.28 -2.16 -17.18
C3' UMP K . -25.59 -2.76 -18.23
C4' UMP K . -25.00 -1.68 -18.94
O3' UMP K . -24.53 -3.48 -17.73
O4' UMP K . -24.90 -0.68 -18.01
C5' UMP K . -25.83 -1.23 -20.06
O5' UMP K . -25.74 -1.86 -21.23
P UMP K . -26.91 -1.97 -22.15
OP1 UMP K . -28.21 -1.89 -21.47
OP2 UMP K . -26.93 -0.98 -23.20
OP3 UMP K . -26.72 -3.27 -22.70
HN3 UMP K . -27.55 1.63 -13.65
H5 UMP K . -26.40 3.62 -16.95
H6 UMP K . -25.64 1.54 -17.90
H1' UMP K . -25.18 -1.09 -16.10
H2' UMP K . -27.21 -2.05 -17.44
H2'' UMP K . -26.21 -2.72 -16.37
H3' UMP K . -26.19 -3.42 -18.61
H4' UMP K . -24.07 -1.70 -19.17
HO3' UMP K . -24.79 -4.33 -17.61
H5' UMP K . -26.74 -1.24 -19.74
H5'' UMP K . -25.58 -0.32 -20.22
N1 UMP L . 19.02 6.19 -12.74
C2 UMP L . 19.44 7.53 -12.62
N3 UMP L . 19.53 8.11 -11.32
C4 UMP L . 19.26 7.43 -10.15
C5 UMP L . 18.84 6.07 -10.26
C6 UMP L . 18.74 5.45 -11.57
O2 UMP L . 19.67 8.15 -13.58
O4 UMP L . 19.36 7.96 -9.09
C1' UMP L . 18.91 5.50 -14.00
C2' UMP L . 19.77 5.30 -15.13
C3' UMP L . 19.34 4.17 -15.84
C4' UMP L . 18.64 3.40 -14.88
O3' UMP L . 18.41 4.54 -16.76
O4' UMP L . 18.21 4.33 -13.94
C5' UMP L . 19.46 2.39 -14.24
O5' UMP L . 19.65 1.21 -14.84
P UMP L . 20.91 0.45 -14.67
OP1 UMP L . 20.86 -0.61 -13.68
OP2 UMP L . 22.08 1.26 -14.35
OP3 UMP L . 21.08 -0.14 -15.97
HN3 UMP L . 19.79 8.97 -11.26
H5 UMP L . 18.65 5.56 -9.46
H6 UMP L . 18.46 4.53 -11.63
H1' UMP L . 18.35 6.24 -14.34
H2' UMP L . 20.68 5.15 -14.82
H2'' UMP L . 19.73 6.08 -15.72
H3' UMP L . 20.11 3.87 -16.33
H4' UMP L . 17.75 3.06 -15.08
HO3' UMP L . 18.83 4.69 -17.55
H5' UMP L . 20.32 2.81 -14.07
H5'' UMP L . 19.06 2.19 -13.38
N1 UMP M . -4.00 39.08 -16.71
C2 UMP M . -4.99 40.00 -17.13
N3 UMP M . -6.34 39.79 -16.72
C4 UMP M . -6.75 38.76 -15.90
C5 UMP M . -5.76 37.83 -15.45
C6 UMP M . -4.38 38.01 -15.86
O2 UMP M . -4.70 40.88 -17.84
O4 UMP M . -7.88 38.64 -15.58
C1' UMP M . -2.60 39.20 -17.07
C2' UMP M . -1.62 40.25 -16.99
C3' UMP M . -0.35 39.68 -16.99
C4' UMP M . -0.54 38.36 -16.51
O3' UMP M . 0.07 39.54 -18.28
O4' UMP M . -1.86 38.08 -16.81
C5' UMP M . -0.33 38.24 -15.08
O5' UMP M . 0.92 38.07 -14.62
P UMP M . 1.32 38.62 -13.29
OP1 UMP M . 1.30 37.64 -12.22
OP2 UMP M . 0.55 39.76 -12.84
OP3 UMP M . 2.68 39.01 -13.55
HN3 UMP M . -6.95 40.37 -17.00
H5 UMP M . -6.00 37.09 -14.87
H6 UMP M . -3.70 37.38 -15.55
H1' UMP M . -2.87 39.28 -18.01
H2' UMP M . -1.75 40.75 -16.16
H2'' UMP M . -1.72 40.84 -17.76
H3' UMP M . 0.24 40.34 -16.60
H4' UMP M . -0.18 37.60 -17.00
HO3' UMP M . 0.56 40.26 -18.52
H5' UMP M . -0.72 39.02 -14.68
H5'' UMP M . -0.83 37.48 -14.79
O01 KI3 N . -0.26 33.00 -16.63
C02 KI3 N . -1.16 33.81 -17.35
C03 KI3 N . -0.65 34.72 -18.28
C04 KI3 N . -1.52 35.51 -19.00
C05 KI3 N . -0.89 36.46 -19.98
C06 KI3 N . -2.93 35.38 -18.76
C07 KI3 N . -3.38 34.47 -17.82
N08 KI3 N . -2.49 33.70 -17.14
S09 KI3 N . -5.12 34.58 -17.80
C10 KI3 N . -5.25 35.81 -19.01
C11 KI3 N . -3.97 36.11 -19.40
N12 KI3 N . -3.78 37.11 -20.40
C13 KI3 N . -6.49 36.47 -19.55
O14 KI3 N . -6.47 37.17 -20.53
C15 KI3 N . -7.79 36.24 -18.83
C16 KI3 N . -8.21 34.95 -18.56
C17 KI3 N . -9.41 34.76 -17.89
C18 KI3 N . -10.16 35.85 -17.50
C19 KI3 N . -9.73 37.14 -17.78
C20 KI3 N . -8.53 37.33 -18.45
H011 KI3 N . 0.51 33.43 -16.52
H031 KI3 N . 0.31 34.78 -18.43
H052 KI3 N . -0.34 35.96 -20.62
H053 KI3 N . -1.58 36.96 -20.46
H051 KI3 N . -0.31 37.10 -19.50
H122 KI3 N . -3.46 36.88 -21.23
H121 KI3 N . -3.99 37.98 -20.22
H161 KI3 N . -7.68 34.18 -18.83
H171 KI3 N . -9.72 33.85 -17.69
H181 KI3 N . -11.01 35.72 -17.03
H191 KI3 N . -10.26 37.91 -17.50
H201 KI3 N . -8.21 38.23 -18.64
N1 UMP O . -3.48 -27.29 -14.21
C2 UMP O . -2.35 -27.01 -15.02
N3 UMP O . -1.09 -27.54 -14.62
C4 UMP O . -0.89 -28.34 -13.52
C5 UMP O . -2.02 -28.64 -12.70
C6 UMP O . -3.32 -28.12 -13.07
O2 UMP O . -2.47 -26.34 -15.95
O4 UMP O . 0.18 -28.76 -13.25
C1' UMP O . -4.81 -26.81 -14.52
C2' UMP O . -5.65 -26.85 -15.69
C3' UMP O . -6.98 -26.70 -15.28
C4' UMP O . -7.01 -27.12 -13.92
O3' UMP O . -7.30 -25.37 -15.24
O4' UMP O . -5.71 -26.93 -13.50
C5' UMP O . -7.38 -28.53 -13.77
O5' UMP O . -8.67 -28.85 -13.74
P UMP O . -9.14 -30.18 -14.27
OP1 UMP O . -9.34 -31.19 -13.26
OP2 UMP O . -8.28 -30.76 -15.29
OP3 UMP O . -10.41 -29.81 -14.84
HN3 UMP O . -0.37 -27.35 -15.14
H5 UMP O . -1.93 -29.20 -11.92
H6 UMP O . -4.09 -28.32 -12.51
H1' UMP O . -4.45 -25.91 -14.61
H2' UMP O . -5.57 -27.72 -16.12
H2'' UMP O . -5.41 -26.13 -16.29
H3' UMP O . -7.53 -27.08 -15.98
H4' UMP O . -7.41 -26.57 -13.24
HO3' UMP O . -7.66 -25.14 -16.03
H5' UMP O . -6.93 -29.00 -14.48
H5'' UMP O . -7.01 -28.82 -12.93
#